data_3KG5
# 
_entry.id   3KG5 
# 
_audit_conform.dict_name       mmcif_pdbx.dic 
_audit_conform.dict_version    5.397 
_audit_conform.dict_location   http://mmcif.pdb.org/dictionaries/ascii/mmcif_pdbx.dic 
# 
loop_
_database_2.database_id 
_database_2.database_code 
_database_2.pdbx_database_accession 
_database_2.pdbx_DOI 
PDB   3KG5         pdb_00003kg5 10.2210/pdb3kg5/pdb 
RCSB  RCSB055950   ?            ?                   
WWPDB D_1000055950 ?            ?                   
# 
loop_
_pdbx_audit_revision_history.ordinal 
_pdbx_audit_revision_history.data_content_type 
_pdbx_audit_revision_history.major_revision 
_pdbx_audit_revision_history.minor_revision 
_pdbx_audit_revision_history.revision_date 
1 'Structure model' 1 0 2010-08-25 
2 'Structure model' 1 1 2011-07-13 
3 'Structure model' 1 2 2024-10-16 
# 
_pdbx_audit_revision_details.ordinal             1 
_pdbx_audit_revision_details.revision_ordinal    1 
_pdbx_audit_revision_details.data_content_type   'Structure model' 
_pdbx_audit_revision_details.provider            repository 
_pdbx_audit_revision_details.type                'Initial release' 
_pdbx_audit_revision_details.description         ? 
_pdbx_audit_revision_details.details             ? 
# 
loop_
_pdbx_audit_revision_group.ordinal 
_pdbx_audit_revision_group.revision_ordinal 
_pdbx_audit_revision_group.data_content_type 
_pdbx_audit_revision_group.group 
1 2 'Structure model' 'Version format compliance' 
2 3 'Structure model' 'Data collection'           
3 3 'Structure model' 'Database references'       
4 3 'Structure model' 'Structure summary'         
# 
loop_
_pdbx_audit_revision_category.ordinal 
_pdbx_audit_revision_category.revision_ordinal 
_pdbx_audit_revision_category.data_content_type 
_pdbx_audit_revision_category.category 
1 3 'Structure model' chem_comp_atom            
2 3 'Structure model' chem_comp_bond            
3 3 'Structure model' database_2                
4 3 'Structure model' pdbx_entry_details        
5 3 'Structure model' pdbx_modification_feature 
# 
loop_
_pdbx_audit_revision_item.ordinal 
_pdbx_audit_revision_item.revision_ordinal 
_pdbx_audit_revision_item.data_content_type 
_pdbx_audit_revision_item.item 
1 3 'Structure model' '_database_2.pdbx_DOI'                
2 3 'Structure model' '_database_2.pdbx_database_accession' 
# 
_pdbx_database_status.status_code                     REL 
_pdbx_database_status.entry_id                        3KG5 
_pdbx_database_status.recvd_initial_deposition_date   2009-10-28 
_pdbx_database_status.deposit_site                    RCSB 
_pdbx_database_status.process_site                    RCSB 
_pdbx_database_status.status_code_sf                  REL 
_pdbx_database_status.status_code_mr                  ? 
_pdbx_database_status.SG_entry                        ? 
_pdbx_database_status.pdb_format_compatible           Y 
_pdbx_database_status.status_code_cs                  ? 
_pdbx_database_status.status_code_nmr_data            ? 
_pdbx_database_status.methods_development_category    ? 
# 
loop_
_audit_author.name 
_audit_author.pdbx_ordinal 
'Radaev, S.' 1 
'Sun, P.D.'  2 
# 
_citation.id                        primary 
_citation.title                     
'Structural and Functional Studies of Igalphabeta and Its Assembly with the B Cell Antigen Receptor.' 
_citation.journal_abbrev            Structure 
_citation.journal_volume            18 
_citation.page_first                934 
_citation.page_last                 943 
_citation.year                      2010 
_citation.journal_id_ASTM           STRUE6 
_citation.country                   UK 
_citation.journal_id_ISSN           0969-2126 
_citation.journal_id_CSD            2005 
_citation.book_publisher            ? 
_citation.pdbx_database_id_PubMed   20696394 
_citation.pdbx_database_id_DOI      10.1016/j.str.2010.04.019 
# 
loop_
_citation_author.citation_id 
_citation_author.name 
_citation_author.ordinal 
_citation_author.identifier_ORCID 
primary 'Radaev, S.'    1 ? 
primary 'Zou, Z.'       2 ? 
primary 'Tolar, P.'     3 ? 
primary 'Nguyen, K.'    4 ? 
primary 'Nguyen, A.'    5 ? 
primary 'Krueger, P.D.' 6 ? 
primary 'Stutzman, N.'  7 ? 
primary 'Pierce, S.'    8 ? 
primary 'Sun, P.D.'     9 ? 
# 
loop_
_entity.id 
_entity.type 
_entity.src_method 
_entity.pdbx_description 
_entity.formula_weight 
_entity.pdbx_number_of_molecules 
_entity.pdbx_ec 
_entity.pdbx_mutation 
_entity.pdbx_fragment 
_entity.details 
1 polymer man 'B-cell antigen receptor complex-associated protein beta chain' 15499.551 2 ? ? 'extracellular domain' ? 
2 water   nat water                                                           18.015    2 ? ? ?                      ? 
# 
_entity_name_com.entity_id   1 
_entity_name_com.name        'Ig-beta, B-cell-specific glycoprotein B29, Immunoglobulin-associated B29 protein' 
# 
_entity_poly.entity_id                      1 
_entity_poly.type                           'polypeptide(L)' 
_entity_poly.nstd_linkage                   no 
_entity_poly.nstd_monomer                   no 
_entity_poly.pdbx_seq_one_letter_code       
;VPAARSEDRYRNPKGSACSRIWQSPRFIARKRGFTVKMHCYMNSASGNVSWLWKQEMDENPQQLKLEKGRMEESQNESLA
TLTIQGIRFEDNGIYFCQQKCNNTSEVYQGCGTELRVMGFSTLAQLKQRNTLKD
;
_entity_poly.pdbx_seq_one_letter_code_can   
;VPAARSEDRYRNPKGSACSRIWQSPRFIARKRGFTVKMHCYMNSASGNVSWLWKQEMDENPQQLKLEKGRMEESQNESLA
TLTIQGIRFEDNGIYFCQQKCNNTSEVYQGCGTELRVMGFSTLAQLKQRNTLKD
;
_entity_poly.pdbx_strand_id                 A,B 
_entity_poly.pdbx_target_identifier         ? 
# 
_pdbx_entity_nonpoly.entity_id   2 
_pdbx_entity_nonpoly.name        water 
_pdbx_entity_nonpoly.comp_id     HOH 
# 
loop_
_entity_poly_seq.entity_id 
_entity_poly_seq.num 
_entity_poly_seq.mon_id 
_entity_poly_seq.hetero 
1 1   VAL n 
1 2   PRO n 
1 3   ALA n 
1 4   ALA n 
1 5   ARG n 
1 6   SER n 
1 7   GLU n 
1 8   ASP n 
1 9   ARG n 
1 10  TYR n 
1 11  ARG n 
1 12  ASN n 
1 13  PRO n 
1 14  LYS n 
1 15  GLY n 
1 16  SER n 
1 17  ALA n 
1 18  CYS n 
1 19  SER n 
1 20  ARG n 
1 21  ILE n 
1 22  TRP n 
1 23  GLN n 
1 24  SER n 
1 25  PRO n 
1 26  ARG n 
1 27  PHE n 
1 28  ILE n 
1 29  ALA n 
1 30  ARG n 
1 31  LYS n 
1 32  ARG n 
1 33  GLY n 
1 34  PHE n 
1 35  THR n 
1 36  VAL n 
1 37  LYS n 
1 38  MET n 
1 39  HIS n 
1 40  CYS n 
1 41  TYR n 
1 42  MET n 
1 43  ASN n 
1 44  SER n 
1 45  ALA n 
1 46  SER n 
1 47  GLY n 
1 48  ASN n 
1 49  VAL n 
1 50  SER n 
1 51  TRP n 
1 52  LEU n 
1 53  TRP n 
1 54  LYS n 
1 55  GLN n 
1 56  GLU n 
1 57  MET n 
1 58  ASP n 
1 59  GLU n 
1 60  ASN n 
1 61  PRO n 
1 62  GLN n 
1 63  GLN n 
1 64  LEU n 
1 65  LYS n 
1 66  LEU n 
1 67  GLU n 
1 68  LYS n 
1 69  GLY n 
1 70  ARG n 
1 71  MET n 
1 72  GLU n 
1 73  GLU n 
1 74  SER n 
1 75  GLN n 
1 76  ASN n 
1 77  GLU n 
1 78  SER n 
1 79  LEU n 
1 80  ALA n 
1 81  THR n 
1 82  LEU n 
1 83  THR n 
1 84  ILE n 
1 85  GLN n 
1 86  GLY n 
1 87  ILE n 
1 88  ARG n 
1 89  PHE n 
1 90  GLU n 
1 91  ASP n 
1 92  ASN n 
1 93  GLY n 
1 94  ILE n 
1 95  TYR n 
1 96  PHE n 
1 97  CYS n 
1 98  GLN n 
1 99  GLN n 
1 100 LYS n 
1 101 CYS n 
1 102 ASN n 
1 103 ASN n 
1 104 THR n 
1 105 SER n 
1 106 GLU n 
1 107 VAL n 
1 108 TYR n 
1 109 GLN n 
1 110 GLY n 
1 111 CYS n 
1 112 GLY n 
1 113 THR n 
1 114 GLU n 
1 115 LEU n 
1 116 ARG n 
1 117 VAL n 
1 118 MET n 
1 119 GLY n 
1 120 PHE n 
1 121 SER n 
1 122 THR n 
1 123 LEU n 
1 124 ALA n 
1 125 GLN n 
1 126 LEU n 
1 127 LYS n 
1 128 GLN n 
1 129 ARG n 
1 130 ASN n 
1 131 THR n 
1 132 LEU n 
1 133 LYS n 
1 134 ASP n 
# 
_entity_src_gen.entity_id                          1 
_entity_src_gen.pdbx_src_id                        1 
_entity_src_gen.pdbx_alt_source_flag               sample 
_entity_src_gen.pdbx_seq_type                      ? 
_entity_src_gen.pdbx_beg_seq_num                   ? 
_entity_src_gen.pdbx_end_seq_num                   ? 
_entity_src_gen.gene_src_common_name               human 
_entity_src_gen.gene_src_genus                     ? 
_entity_src_gen.pdbx_gene_src_gene                 'B29, CD79B, IGB' 
_entity_src_gen.gene_src_species                   ? 
_entity_src_gen.gene_src_strain                    ? 
_entity_src_gen.gene_src_tissue                    ? 
_entity_src_gen.gene_src_tissue_fraction           ? 
_entity_src_gen.gene_src_details                   ? 
_entity_src_gen.pdbx_gene_src_fragment             ? 
_entity_src_gen.pdbx_gene_src_scientific_name      'Homo sapiens' 
_entity_src_gen.pdbx_gene_src_ncbi_taxonomy_id     9606 
_entity_src_gen.pdbx_gene_src_variant              ? 
_entity_src_gen.pdbx_gene_src_cell_line            ? 
_entity_src_gen.pdbx_gene_src_atcc                 ? 
_entity_src_gen.pdbx_gene_src_organ                ? 
_entity_src_gen.pdbx_gene_src_organelle            ? 
_entity_src_gen.pdbx_gene_src_cell                 ? 
_entity_src_gen.pdbx_gene_src_cellular_location    ? 
_entity_src_gen.host_org_common_name               ? 
_entity_src_gen.pdbx_host_org_scientific_name      'Escherichia coli' 
_entity_src_gen.pdbx_host_org_ncbi_taxonomy_id     562 
_entity_src_gen.host_org_genus                     ? 
_entity_src_gen.pdbx_host_org_gene                 ? 
_entity_src_gen.pdbx_host_org_organ                ? 
_entity_src_gen.host_org_species                   ? 
_entity_src_gen.pdbx_host_org_tissue               ? 
_entity_src_gen.pdbx_host_org_tissue_fraction      ? 
_entity_src_gen.pdbx_host_org_strain               ? 
_entity_src_gen.pdbx_host_org_variant              ? 
_entity_src_gen.pdbx_host_org_cell_line            ? 
_entity_src_gen.pdbx_host_org_atcc                 ? 
_entity_src_gen.pdbx_host_org_culture_collection   ? 
_entity_src_gen.pdbx_host_org_cell                 ? 
_entity_src_gen.pdbx_host_org_organelle            ? 
_entity_src_gen.pdbx_host_org_cellular_location    ? 
_entity_src_gen.pdbx_host_org_vector_type          ? 
_entity_src_gen.pdbx_host_org_vector               ? 
_entity_src_gen.host_org_details                   ? 
_entity_src_gen.expression_system_id               ? 
_entity_src_gen.plasmid_name                       ? 
_entity_src_gen.plasmid_details                    ? 
_entity_src_gen.pdbx_description                   ? 
# 
loop_
_chem_comp.id 
_chem_comp.type 
_chem_comp.mon_nstd_flag 
_chem_comp.name 
_chem_comp.pdbx_synonyms 
_chem_comp.formula 
_chem_comp.formula_weight 
ALA 'L-peptide linking' y ALANINE         ? 'C3 H7 N O2'     89.093  
ARG 'L-peptide linking' y ARGININE        ? 'C6 H15 N4 O2 1' 175.209 
ASN 'L-peptide linking' y ASPARAGINE      ? 'C4 H8 N2 O3'    132.118 
ASP 'L-peptide linking' y 'ASPARTIC ACID' ? 'C4 H7 N O4'     133.103 
CYS 'L-peptide linking' y CYSTEINE        ? 'C3 H7 N O2 S'   121.158 
GLN 'L-peptide linking' y GLUTAMINE       ? 'C5 H10 N2 O3'   146.144 
GLU 'L-peptide linking' y 'GLUTAMIC ACID' ? 'C5 H9 N O4'     147.129 
GLY 'peptide linking'   y GLYCINE         ? 'C2 H5 N O2'     75.067  
HIS 'L-peptide linking' y HISTIDINE       ? 'C6 H10 N3 O2 1' 156.162 
HOH non-polymer         . WATER           ? 'H2 O'           18.015  
ILE 'L-peptide linking' y ISOLEUCINE      ? 'C6 H13 N O2'    131.173 
LEU 'L-peptide linking' y LEUCINE         ? 'C6 H13 N O2'    131.173 
LYS 'L-peptide linking' y LYSINE          ? 'C6 H15 N2 O2 1' 147.195 
MET 'L-peptide linking' y METHIONINE      ? 'C5 H11 N O2 S'  149.211 
PHE 'L-peptide linking' y PHENYLALANINE   ? 'C9 H11 N O2'    165.189 
PRO 'L-peptide linking' y PROLINE         ? 'C5 H9 N O2'     115.130 
SER 'L-peptide linking' y SERINE          ? 'C3 H7 N O3'     105.093 
THR 'L-peptide linking' y THREONINE       ? 'C4 H9 N O3'     119.119 
TRP 'L-peptide linking' y TRYPTOPHAN      ? 'C11 H12 N2 O2'  204.225 
TYR 'L-peptide linking' y TYROSINE        ? 'C9 H11 N O3'    181.189 
VAL 'L-peptide linking' y VALINE          ? 'C5 H11 N O2'    117.146 
# 
loop_
_pdbx_poly_seq_scheme.asym_id 
_pdbx_poly_seq_scheme.entity_id 
_pdbx_poly_seq_scheme.seq_id 
_pdbx_poly_seq_scheme.mon_id 
_pdbx_poly_seq_scheme.ndb_seq_num 
_pdbx_poly_seq_scheme.pdb_seq_num 
_pdbx_poly_seq_scheme.auth_seq_num 
_pdbx_poly_seq_scheme.pdb_mon_id 
_pdbx_poly_seq_scheme.auth_mon_id 
_pdbx_poly_seq_scheme.pdb_strand_id 
_pdbx_poly_seq_scheme.pdb_ins_code 
_pdbx_poly_seq_scheme.hetero 
A 1 1   VAL 1   26  ?   ?   ?   A . n 
A 1 2   PRO 2   27  ?   ?   ?   A . n 
A 1 3   ALA 3   28  ?   ?   ?   A . n 
A 1 4   ALA 4   29  ?   ?   ?   A . n 
A 1 5   ARG 5   30  ?   ?   ?   A . n 
A 1 6   SER 6   31  ?   ?   ?   A . n 
A 1 7   GLU 7   32  ?   ?   ?   A . n 
A 1 8   ASP 8   33  ?   ?   ?   A . n 
A 1 9   ARG 9   34  ?   ?   ?   A . n 
A 1 10  TYR 10  35  ?   ?   ?   A . n 
A 1 11  ARG 11  36  ?   ?   ?   A . n 
A 1 12  ASN 12  37  ?   ?   ?   A . n 
A 1 13  PRO 13  38  ?   ?   ?   A . n 
A 1 14  LYS 14  39  ?   ?   ?   A . n 
A 1 15  GLY 15  40  ?   ?   ?   A . n 
A 1 16  SER 16  41  ?   ?   ?   A . n 
A 1 17  ALA 17  42  ?   ?   ?   A . n 
A 1 18  CYS 18  43  43  CYS CYS A . n 
A 1 19  SER 19  44  44  SER SER A . n 
A 1 20  ARG 20  45  45  ARG ARG A . n 
A 1 21  ILE 21  46  46  ILE ILE A . n 
A 1 22  TRP 22  47  47  TRP TRP A . n 
A 1 23  GLN 23  48  48  GLN GLN A . n 
A 1 24  SER 24  49  49  SER SER A . n 
A 1 25  PRO 25  50  50  PRO PRO A . n 
A 1 26  ARG 26  51  51  ARG ARG A . n 
A 1 27  PHE 27  52  52  PHE PHE A . n 
A 1 28  ILE 28  53  53  ILE ILE A . n 
A 1 29  ALA 29  54  54  ALA ALA A . n 
A 1 30  ARG 30  55  55  ARG ARG A . n 
A 1 31  LYS 31  56  56  LYS LYS A . n 
A 1 32  ARG 32  57  57  ARG ARG A . n 
A 1 33  GLY 33  58  58  GLY GLY A . n 
A 1 34  PHE 34  59  59  PHE PHE A . n 
A 1 35  THR 35  60  60  THR THR A . n 
A 1 36  VAL 36  61  61  VAL VAL A . n 
A 1 37  LYS 37  62  62  LYS LYS A . n 
A 1 38  MET 38  63  63  MET MET A . n 
A 1 39  HIS 39  64  64  HIS HIS A . n 
A 1 40  CYS 40  65  65  CYS CYS A . n 
A 1 41  TYR 41  66  66  TYR TYR A . n 
A 1 42  MET 42  67  67  MET MET A . n 
A 1 43  ASN 43  68  68  ASN ASN A . n 
A 1 44  SER 44  69  69  SER SER A . n 
A 1 45  ALA 45  70  70  ALA ALA A . n 
A 1 46  SER 46  71  71  SER SER A . n 
A 1 47  GLY 47  72  72  GLY GLY A . n 
A 1 48  ASN 48  73  73  ASN ASN A . n 
A 1 49  VAL 49  74  74  VAL VAL A . n 
A 1 50  SER 50  75  75  SER SER A . n 
A 1 51  TRP 51  76  76  TRP TRP A . n 
A 1 52  LEU 52  77  77  LEU LEU A . n 
A 1 53  TRP 53  78  78  TRP TRP A . n 
A 1 54  LYS 54  79  79  LYS LYS A . n 
A 1 55  GLN 55  80  80  GLN GLN A . n 
A 1 56  GLU 56  81  81  GLU GLU A . n 
A 1 57  MET 57  82  82  MET MET A . n 
A 1 58  ASP 58  83  83  ASP ASP A . n 
A 1 59  GLU 59  84  84  GLU GLU A . n 
A 1 60  ASN 60  85  85  ASN ASN A . n 
A 1 61  PRO 61  86  86  PRO PRO A . n 
A 1 62  GLN 62  87  87  GLN GLN A . n 
A 1 63  GLN 63  88  88  GLN GLN A . n 
A 1 64  LEU 64  89  89  LEU LEU A . n 
A 1 65  LYS 65  90  90  LYS LYS A . n 
A 1 66  LEU 66  91  91  LEU LEU A . n 
A 1 67  GLU 67  92  92  GLU GLU A . n 
A 1 68  LYS 68  93  93  LYS LYS A . n 
A 1 69  GLY 69  94  94  GLY GLY A . n 
A 1 70  ARG 70  95  95  ARG ARG A . n 
A 1 71  MET 71  96  96  MET MET A . n 
A 1 72  GLU 72  97  97  GLU GLU A . n 
A 1 73  GLU 73  98  98  GLU GLU A . n 
A 1 74  SER 74  99  99  SER SER A . n 
A 1 75  GLN 75  100 100 GLN GLN A . n 
A 1 76  ASN 76  101 101 ASN ASN A . n 
A 1 77  GLU 77  102 102 GLU GLU A . n 
A 1 78  SER 78  103 103 SER SER A . n 
A 1 79  LEU 79  104 104 LEU LEU A . n 
A 1 80  ALA 80  105 105 ALA ALA A . n 
A 1 81  THR 81  106 106 THR THR A . n 
A 1 82  LEU 82  107 107 LEU LEU A . n 
A 1 83  THR 83  108 108 THR THR A . n 
A 1 84  ILE 84  109 109 ILE ILE A . n 
A 1 85  GLN 85  110 110 GLN GLN A . n 
A 1 86  GLY 86  111 111 GLY GLY A . n 
A 1 87  ILE 87  112 112 ILE ILE A . n 
A 1 88  ARG 88  113 113 ARG ARG A . n 
A 1 89  PHE 89  114 114 PHE PHE A . n 
A 1 90  GLU 90  115 115 GLU GLU A . n 
A 1 91  ASP 91  116 116 ASP ASP A . n 
A 1 92  ASN 92  117 117 ASN ASN A . n 
A 1 93  GLY 93  118 118 GLY GLY A . n 
A 1 94  ILE 94  119 119 ILE ILE A . n 
A 1 95  TYR 95  120 120 TYR TYR A . n 
A 1 96  PHE 96  121 121 PHE PHE A . n 
A 1 97  CYS 97  122 122 CYS CYS A . n 
A 1 98  GLN 98  123 123 GLN GLN A . n 
A 1 99  GLN 99  124 124 GLN GLN A . n 
A 1 100 LYS 100 125 125 LYS LYS A . n 
A 1 101 CYS 101 126 126 CYS CYS A . n 
A 1 102 ASN 102 127 127 ASN ASN A . n 
A 1 103 ASN 103 128 128 ASN ASN A . n 
A 1 104 THR 104 129 129 THR THR A . n 
A 1 105 SER 105 130 130 SER SER A . n 
A 1 106 GLU 106 131 131 GLU GLU A . n 
A 1 107 VAL 107 132 132 VAL VAL A . n 
A 1 108 TYR 108 133 133 TYR TYR A . n 
A 1 109 GLN 109 134 134 GLN GLN A . n 
A 1 110 GLY 110 135 135 GLY GLY A . n 
A 1 111 CYS 111 136 136 CYS CYS A . n 
A 1 112 GLY 112 137 137 GLY GLY A . n 
A 1 113 THR 113 138 138 THR THR A . n 
A 1 114 GLU 114 139 139 GLU GLU A . n 
A 1 115 LEU 115 140 140 LEU LEU A . n 
A 1 116 ARG 116 141 141 ARG ARG A . n 
A 1 117 VAL 117 142 142 VAL VAL A . n 
A 1 118 MET 118 143 143 MET MET A . n 
A 1 119 GLY 119 144 144 GLY GLY A . n 
A 1 120 PHE 120 145 145 PHE PHE A . n 
A 1 121 SER 121 146 ?   ?   ?   A . n 
A 1 122 THR 122 147 ?   ?   ?   A . n 
A 1 123 LEU 123 148 ?   ?   ?   A . n 
A 1 124 ALA 124 149 ?   ?   ?   A . n 
A 1 125 GLN 125 150 ?   ?   ?   A . n 
A 1 126 LEU 126 151 ?   ?   ?   A . n 
A 1 127 LYS 127 152 ?   ?   ?   A . n 
A 1 128 GLN 128 153 ?   ?   ?   A . n 
A 1 129 ARG 129 154 ?   ?   ?   A . n 
A 1 130 ASN 130 155 ?   ?   ?   A . n 
A 1 131 THR 131 156 ?   ?   ?   A . n 
A 1 132 LEU 132 157 ?   ?   ?   A . n 
A 1 133 LYS 133 158 ?   ?   ?   A . n 
A 1 134 ASP 134 159 ?   ?   ?   A . n 
B 1 1   VAL 1   26  ?   ?   ?   B . n 
B 1 2   PRO 2   27  ?   ?   ?   B . n 
B 1 3   ALA 3   28  ?   ?   ?   B . n 
B 1 4   ALA 4   29  ?   ?   ?   B . n 
B 1 5   ARG 5   30  ?   ?   ?   B . n 
B 1 6   SER 6   31  ?   ?   ?   B . n 
B 1 7   GLU 7   32  ?   ?   ?   B . n 
B 1 8   ASP 8   33  ?   ?   ?   B . n 
B 1 9   ARG 9   34  ?   ?   ?   B . n 
B 1 10  TYR 10  35  ?   ?   ?   B . n 
B 1 11  ARG 11  36  ?   ?   ?   B . n 
B 1 12  ASN 12  37  ?   ?   ?   B . n 
B 1 13  PRO 13  38  ?   ?   ?   B . n 
B 1 14  LYS 14  39  ?   ?   ?   B . n 
B 1 15  GLY 15  40  ?   ?   ?   B . n 
B 1 16  SER 16  41  ?   ?   ?   B . n 
B 1 17  ALA 17  42  ?   ?   ?   B . n 
B 1 18  CYS 18  43  43  CYS CYS B . n 
B 1 19  SER 19  44  44  SER SER B . n 
B 1 20  ARG 20  45  45  ARG ARG B . n 
B 1 21  ILE 21  46  46  ILE ILE B . n 
B 1 22  TRP 22  47  47  TRP TRP B . n 
B 1 23  GLN 23  48  48  GLN GLN B . n 
B 1 24  SER 24  49  49  SER SER B . n 
B 1 25  PRO 25  50  50  PRO PRO B . n 
B 1 26  ARG 26  51  51  ARG ARG B . n 
B 1 27  PHE 27  52  52  PHE PHE B . n 
B 1 28  ILE 28  53  53  ILE ILE B . n 
B 1 29  ALA 29  54  54  ALA ALA B . n 
B 1 30  ARG 30  55  55  ARG ARG B . n 
B 1 31  LYS 31  56  56  LYS LYS B . n 
B 1 32  ARG 32  57  57  ARG ARG B . n 
B 1 33  GLY 33  58  58  GLY GLY B . n 
B 1 34  PHE 34  59  59  PHE PHE B . n 
B 1 35  THR 35  60  60  THR THR B . n 
B 1 36  VAL 36  61  61  VAL VAL B . n 
B 1 37  LYS 37  62  62  LYS LYS B . n 
B 1 38  MET 38  63  63  MET MET B . n 
B 1 39  HIS 39  64  64  HIS HIS B . n 
B 1 40  CYS 40  65  65  CYS CYS B . n 
B 1 41  TYR 41  66  66  TYR TYR B . n 
B 1 42  MET 42  67  67  MET MET B . n 
B 1 43  ASN 43  68  68  ASN ASN B . n 
B 1 44  SER 44  69  69  SER SER B . n 
B 1 45  ALA 45  70  70  ALA ALA B . n 
B 1 46  SER 46  71  71  SER SER B . n 
B 1 47  GLY 47  72  72  GLY GLY B . n 
B 1 48  ASN 48  73  73  ASN ASN B . n 
B 1 49  VAL 49  74  74  VAL VAL B . n 
B 1 50  SER 50  75  75  SER SER B . n 
B 1 51  TRP 51  76  76  TRP TRP B . n 
B 1 52  LEU 52  77  77  LEU LEU B . n 
B 1 53  TRP 53  78  78  TRP TRP B . n 
B 1 54  LYS 54  79  79  LYS LYS B . n 
B 1 55  GLN 55  80  80  GLN GLN B . n 
B 1 56  GLU 56  81  81  GLU GLU B . n 
B 1 57  MET 57  82  82  MET MET B . n 
B 1 58  ASP 58  83  83  ASP ASP B . n 
B 1 59  GLU 59  84  84  GLU GLU B . n 
B 1 60  ASN 60  85  85  ASN ASN B . n 
B 1 61  PRO 61  86  86  PRO PRO B . n 
B 1 62  GLN 62  87  87  GLN GLN B . n 
B 1 63  GLN 63  88  88  GLN GLN B . n 
B 1 64  LEU 64  89  89  LEU LEU B . n 
B 1 65  LYS 65  90  90  LYS LYS B . n 
B 1 66  LEU 66  91  91  LEU LEU B . n 
B 1 67  GLU 67  92  92  GLU GLU B . n 
B 1 68  LYS 68  93  93  LYS LYS B . n 
B 1 69  GLY 69  94  94  GLY GLY B . n 
B 1 70  ARG 70  95  95  ARG ARG B . n 
B 1 71  MET 71  96  96  MET MET B . n 
B 1 72  GLU 72  97  97  GLU GLU B . n 
B 1 73  GLU 73  98  98  GLU GLU B . n 
B 1 74  SER 74  99  99  SER SER B . n 
B 1 75  GLN 75  100 100 GLN GLN B . n 
B 1 76  ASN 76  101 101 ASN ASN B . n 
B 1 77  GLU 77  102 102 GLU GLU B . n 
B 1 78  SER 78  103 103 SER SER B . n 
B 1 79  LEU 79  104 104 LEU LEU B . n 
B 1 80  ALA 80  105 105 ALA ALA B . n 
B 1 81  THR 81  106 106 THR THR B . n 
B 1 82  LEU 82  107 107 LEU LEU B . n 
B 1 83  THR 83  108 108 THR THR B . n 
B 1 84  ILE 84  109 109 ILE ILE B . n 
B 1 85  GLN 85  110 110 GLN GLN B . n 
B 1 86  GLY 86  111 111 GLY GLY B . n 
B 1 87  ILE 87  112 112 ILE ILE B . n 
B 1 88  ARG 88  113 113 ARG ARG B . n 
B 1 89  PHE 89  114 114 PHE PHE B . n 
B 1 90  GLU 90  115 115 GLU GLU B . n 
B 1 91  ASP 91  116 116 ASP ASP B . n 
B 1 92  ASN 92  117 117 ASN ASN B . n 
B 1 93  GLY 93  118 118 GLY GLY B . n 
B 1 94  ILE 94  119 119 ILE ILE B . n 
B 1 95  TYR 95  120 120 TYR TYR B . n 
B 1 96  PHE 96  121 121 PHE PHE B . n 
B 1 97  CYS 97  122 122 CYS CYS B . n 
B 1 98  GLN 98  123 123 GLN GLN B . n 
B 1 99  GLN 99  124 124 GLN GLN B . n 
B 1 100 LYS 100 125 125 LYS LYS B . n 
B 1 101 CYS 101 126 126 CYS CYS B . n 
B 1 102 ASN 102 127 127 ASN ASN B . n 
B 1 103 ASN 103 128 128 ASN ASN B . n 
B 1 104 THR 104 129 129 THR THR B . n 
B 1 105 SER 105 130 130 SER SER B . n 
B 1 106 GLU 106 131 131 GLU GLU B . n 
B 1 107 VAL 107 132 132 VAL VAL B . n 
B 1 108 TYR 108 133 133 TYR TYR B . n 
B 1 109 GLN 109 134 134 GLN GLN B . n 
B 1 110 GLY 110 135 135 GLY GLY B . n 
B 1 111 CYS 111 136 136 CYS CYS B . n 
B 1 112 GLY 112 137 137 GLY GLY B . n 
B 1 113 THR 113 138 138 THR THR B . n 
B 1 114 GLU 114 139 139 GLU GLU B . n 
B 1 115 LEU 115 140 140 LEU LEU B . n 
B 1 116 ARG 116 141 141 ARG ARG B . n 
B 1 117 VAL 117 142 142 VAL VAL B . n 
B 1 118 MET 118 143 143 MET MET B . n 
B 1 119 GLY 119 144 144 GLY GLY B . n 
B 1 120 PHE 120 145 145 PHE PHE B . n 
B 1 121 SER 121 146 ?   ?   ?   B . n 
B 1 122 THR 122 147 ?   ?   ?   B . n 
B 1 123 LEU 123 148 ?   ?   ?   B . n 
B 1 124 ALA 124 149 ?   ?   ?   B . n 
B 1 125 GLN 125 150 ?   ?   ?   B . n 
B 1 126 LEU 126 151 ?   ?   ?   B . n 
B 1 127 LYS 127 152 ?   ?   ?   B . n 
B 1 128 GLN 128 153 ?   ?   ?   B . n 
B 1 129 ARG 129 154 ?   ?   ?   B . n 
B 1 130 ASN 130 155 ?   ?   ?   B . n 
B 1 131 THR 131 156 ?   ?   ?   B . n 
B 1 132 LEU 132 157 ?   ?   ?   B . n 
B 1 133 LYS 133 158 ?   ?   ?   B . n 
B 1 134 ASP 134 159 ?   ?   ?   B . n 
# 
loop_
_pdbx_nonpoly_scheme.asym_id 
_pdbx_nonpoly_scheme.entity_id 
_pdbx_nonpoly_scheme.mon_id 
_pdbx_nonpoly_scheme.ndb_seq_num 
_pdbx_nonpoly_scheme.pdb_seq_num 
_pdbx_nonpoly_scheme.auth_seq_num 
_pdbx_nonpoly_scheme.pdb_mon_id 
_pdbx_nonpoly_scheme.auth_mon_id 
_pdbx_nonpoly_scheme.pdb_strand_id 
_pdbx_nonpoly_scheme.pdb_ins_code 
C 2 HOH 1 1 1 HOH HOH A . 
C 2 HOH 2 3 3 HOH HOH A . 
# 
loop_
_software.name 
_software.classification 
_software.version 
_software.citation_id 
_software.pdbx_ordinal 
CNS      refinement       . ? 1 
HKL-2000 'data reduction' . ? 2 
HKL-2000 'data scaling'   . ? 3 
CNS      phasing          . ? 4 
# 
_cell.entry_id           3KG5 
_cell.length_a           129.8 
_cell.length_b           129.8 
_cell.length_c           129.8 
_cell.angle_alpha        90.00 
_cell.angle_beta         90.00 
_cell.angle_gamma        90.00 
_cell.Z_PDB              48 
_cell.pdbx_unique_axis   ? 
_cell.length_a_esd       ? 
_cell.length_b_esd       ? 
_cell.length_c_esd       ? 
_cell.angle_alpha_esd    ? 
_cell.angle_beta_esd     ? 
_cell.angle_gamma_esd    ? 
# 
_symmetry.entry_id                         3KG5 
_symmetry.space_group_name_H-M             'P 41 3 2' 
_symmetry.pdbx_full_space_group_name_H-M   ? 
_symmetry.cell_setting                     ? 
_symmetry.Int_Tables_number                213 
_symmetry.space_group_name_Hall            ? 
# 
_exptl.entry_id          3KG5 
_exptl.method            'X-RAY DIFFRACTION' 
_exptl.crystals_number   1 
# 
_exptl_crystal.id                    1 
_exptl_crystal.density_meas          ? 
_exptl_crystal.density_Matthews      2.94 
_exptl_crystal.density_percent_sol   58.15 
_exptl_crystal.description           ? 
_exptl_crystal.F_000                 ? 
_exptl_crystal.preparation           ? 
# 
_exptl_crystal_grow.crystal_id      1 
_exptl_crystal_grow.method          'VAPOR DIFFUSION' 
_exptl_crystal_grow.temp            298 
_exptl_crystal_grow.temp_details    ? 
_exptl_crystal_grow.pH              4.0 
_exptl_crystal_grow.pdbx_details    '0.6M Na formate, 100mM Na Acetate, pH 4.0, VAPOR DIFFUSION, temperature 298K' 
_exptl_crystal_grow.pdbx_pH_range   ? 
# 
_diffrn.id                     1 
_diffrn.ambient_temp           100 
_diffrn.ambient_temp_details   ? 
_diffrn.crystal_id             1 
# 
_diffrn_detector.diffrn_id              1 
_diffrn_detector.detector               CCD 
_diffrn_detector.type                   'MARMOSAIC 300 mm CCD' 
_diffrn_detector.pdbx_collection_date   ? 
_diffrn_detector.details                mirrors 
# 
_diffrn_radiation.diffrn_id                        1 
_diffrn_radiation.wavelength_id                    1 
_diffrn_radiation.pdbx_monochromatic_or_laue_m_l   M 
_diffrn_radiation.monochromator                    'SI(111)' 
_diffrn_radiation.pdbx_diffrn_protocol             'SINGLE WAVELENGTH' 
_diffrn_radiation.pdbx_scattering_type             x-ray 
# 
_diffrn_radiation_wavelength.id           1 
_diffrn_radiation_wavelength.wavelength   1.000 
_diffrn_radiation_wavelength.wt           1.0 
# 
_diffrn_source.diffrn_id                   1 
_diffrn_source.source                      SYNCHROTRON 
_diffrn_source.type                        'APS BEAMLINE 22-ID' 
_diffrn_source.pdbx_synchrotron_site       APS 
_diffrn_source.pdbx_synchrotron_beamline   22-ID 
_diffrn_source.pdbx_wavelength             ? 
_diffrn_source.pdbx_wavelength_list        1.000 
# 
_reflns.entry_id                     3KG5 
_reflns.observed_criterion_sigma_I   -3.0 
_reflns.observed_criterion_sigma_F   ? 
_reflns.d_resolution_low             50.0 
_reflns.d_resolution_high            3.2 
_reflns.number_obs                   6616 
_reflns.number_all                   ? 
_reflns.percent_possible_obs         ? 
_reflns.pdbx_Rmerge_I_obs            ? 
_reflns.pdbx_Rsym_value              0.07 
_reflns.pdbx_netI_over_sigmaI        55.6 
_reflns.B_iso_Wilson_estimate        75.8 
_reflns.pdbx_redundancy              27.6 
_reflns.R_free_details               ? 
_reflns.limit_h_max                  ? 
_reflns.limit_h_min                  ? 
_reflns.limit_k_max                  ? 
_reflns.limit_k_min                  ? 
_reflns.limit_l_max                  ? 
_reflns.limit_l_min                  ? 
_reflns.observed_criterion_F_max     ? 
_reflns.observed_criterion_F_min     ? 
_reflns.pdbx_chi_squared             ? 
_reflns.pdbx_scaling_rejects         ? 
_reflns.pdbx_diffrn_id               1 
_reflns.pdbx_ordinal                 1 
# 
_reflns_shell.d_res_high             3.2 
_reflns_shell.d_res_low              3.31 
_reflns_shell.percent_possible_all   ? 
_reflns_shell.Rmerge_I_obs           ? 
_reflns_shell.pdbx_Rsym_value        0.339 
_reflns_shell.meanI_over_sigI_obs    ? 
_reflns_shell.pdbx_redundancy        28.7 
_reflns_shell.percent_possible_obs   ? 
_reflns_shell.number_unique_all      ? 
_reflns_shell.number_measured_all    ? 
_reflns_shell.number_measured_obs    ? 
_reflns_shell.number_unique_obs      ? 
_reflns_shell.pdbx_chi_squared       ? 
_reflns_shell.pdbx_diffrn_id         ? 
_reflns_shell.pdbx_ordinal           1 
# 
_refine.entry_id                                 3KG5 
_refine.ls_number_reflns_obs                     6407 
_refine.ls_number_reflns_all                     ? 
_refine.pdbx_ls_sigma_I                          ? 
_refine.pdbx_ls_sigma_F                          0.0 
_refine.pdbx_data_cutoff_high_absF               ? 
_refine.pdbx_data_cutoff_low_absF                ? 
_refine.pdbx_data_cutoff_high_rms_absF           ? 
_refine.ls_d_res_low                             46. 
_refine.ls_d_res_high                            3.2 
_refine.ls_percent_reflns_obs                    ? 
_refine.ls_R_factor_obs                          ? 
_refine.ls_R_factor_all                          ? 
_refine.ls_R_factor_R_work                       0.181 
_refine.ls_R_factor_R_free                       0.263 
_refine.ls_R_factor_R_free_error                 ? 
_refine.ls_R_factor_R_free_error_details         ? 
_refine.ls_percent_reflns_R_free                 ? 
_refine.ls_number_reflns_R_free                  358 
_refine.ls_number_parameters                     ? 
_refine.ls_number_restraints                     ? 
_refine.occupancy_min                            ? 
_refine.occupancy_max                            ? 
_refine.correlation_coeff_Fo_to_Fc               ? 
_refine.correlation_coeff_Fo_to_Fc_free          ? 
_refine.B_iso_mean                               ? 
_refine.aniso_B[1][1]                            ? 
_refine.aniso_B[2][2]                            ? 
_refine.aniso_B[3][3]                            ? 
_refine.aniso_B[1][2]                            ? 
_refine.aniso_B[1][3]                            ? 
_refine.aniso_B[2][3]                            ? 
_refine.solvent_model_details                    ? 
_refine.solvent_model_param_ksol                 ? 
_refine.solvent_model_param_bsol                 ? 
_refine.pdbx_solvent_vdw_probe_radii             ? 
_refine.pdbx_solvent_ion_probe_radii             ? 
_refine.pdbx_solvent_shrinkage_radii             ? 
_refine.pdbx_ls_cross_valid_method               ? 
_refine.details                                  ? 
_refine.pdbx_starting_model                      ? 
_refine.pdbx_method_to_determine_struct          'MOLECULAR REPLACEMENT' 
_refine.pdbx_isotropic_thermal_model             ? 
_refine.pdbx_stereochemistry_target_values       'Engh & Huber' 
_refine.pdbx_stereochem_target_val_spec_case     ? 
_refine.pdbx_R_Free_selection_details            random 
_refine.pdbx_overall_ESU_R                       ? 
_refine.pdbx_overall_ESU_R_Free                  ? 
_refine.overall_SU_ML                            ? 
_refine.overall_SU_B                             ? 
_refine.ls_redundancy_reflns_obs                 ? 
_refine.B_iso_min                                ? 
_refine.B_iso_max                                ? 
_refine.overall_SU_R_Cruickshank_DPI             ? 
_refine.overall_SU_R_free                        ? 
_refine.ls_wR_factor_R_free                      ? 
_refine.ls_wR_factor_R_work                      ? 
_refine.overall_FOM_free_R_set                   ? 
_refine.overall_FOM_work_R_set                   ? 
_refine.pdbx_overall_phase_error                 ? 
_refine.pdbx_refine_id                           'X-RAY DIFFRACTION' 
_refine.pdbx_diffrn_id                           1 
_refine.pdbx_TLS_residual_ADP_flag               ? 
_refine.pdbx_overall_SU_R_free_Cruickshank_DPI   ? 
_refine.pdbx_overall_SU_R_Blow_DPI               ? 
_refine.pdbx_overall_SU_R_free_Blow_DPI          ? 
# 
_refine_hist.pdbx_refine_id                   'X-RAY DIFFRACTION' 
_refine_hist.cycle_id                         LAST 
_refine_hist.pdbx_number_atoms_protein        1676 
_refine_hist.pdbx_number_atoms_nucleic_acid   0 
_refine_hist.pdbx_number_atoms_ligand         0 
_refine_hist.number_atoms_solvent             2 
_refine_hist.number_atoms_total               1678 
_refine_hist.d_res_high                       3.2 
_refine_hist.d_res_low                        46. 
# 
loop_
_refine_ls_restr.type 
_refine_ls_restr.dev_ideal 
_refine_ls_restr.dev_ideal_target 
_refine_ls_restr.weight 
_refine_ls_restr.number 
_refine_ls_restr.pdbx_refine_id 
_refine_ls_restr.pdbx_restraint_function 
c_bond_d  0.010 ? ? ? 'X-RAY DIFFRACTION' ? 
c_angle_d 1.39  ? ? ? 'X-RAY DIFFRACTION' ? 
# 
_refine_ls_shell.pdbx_total_number_of_bins_used   ? 
_refine_ls_shell.d_res_high                       3.2 
_refine_ls_shell.d_res_low                        3.31 
_refine_ls_shell.number_reflns_R_work             ? 
_refine_ls_shell.R_factor_R_work                  0.207 
_refine_ls_shell.percent_reflns_obs               ? 
_refine_ls_shell.R_factor_R_free                  0.362 
_refine_ls_shell.R_factor_R_free_error            ? 
_refine_ls_shell.percent_reflns_R_free            ? 
_refine_ls_shell.number_reflns_R_free             ? 
_refine_ls_shell.number_reflns_all                ? 
_refine_ls_shell.R_factor_all                     ? 
_refine_ls_shell.number_reflns_obs                ? 
_refine_ls_shell.redundancy_reflns_obs            ? 
_refine_ls_shell.pdbx_refine_id                   'X-RAY DIFFRACTION' 
# 
_struct.entry_id                  3KG5 
_struct.title                     'Crystal structure of human Ig-beta homodimer' 
_struct.pdbx_model_details        ? 
_struct.pdbx_CASP_flag            ? 
_struct.pdbx_model_type_details   ? 
# 
_struct_keywords.entry_id        3KG5 
_struct_keywords.pdbx_keywords   'PROTEIN BINDING' 
_struct_keywords.text            'CD79b, Ig-beta, BCR, Immunoglobulin domain, PROTEIN BINDING' 
# 
loop_
_struct_asym.id 
_struct_asym.pdbx_blank_PDB_chainid_flag 
_struct_asym.pdbx_modified 
_struct_asym.entity_id 
_struct_asym.details 
A N N 1 ? 
B N N 1 ? 
C N N 2 ? 
# 
_struct_ref.id                         1 
_struct_ref.db_name                    UNP 
_struct_ref.db_code                    CD79B_HUMAN 
_struct_ref.pdbx_db_accession          P40259 
_struct_ref.entity_id                  1 
_struct_ref.pdbx_seq_one_letter_code   
;VPAARSEDRYRNPKGSACSRIWQSPRFIARKRGFTVKMHCYMNSASGNVSWLWKQEMDENPQQLKLEKGRMEESQNESLA
TLTIQGIRFEDNGIYFCQQKCNNTSEVYQGCGTELRVMGFSTLAQLKQRNTLKD
;
_struct_ref.pdbx_align_begin           26 
_struct_ref.pdbx_db_isoform            ? 
# 
loop_
_struct_ref_seq.align_id 
_struct_ref_seq.ref_id 
_struct_ref_seq.pdbx_PDB_id_code 
_struct_ref_seq.pdbx_strand_id 
_struct_ref_seq.seq_align_beg 
_struct_ref_seq.pdbx_seq_align_beg_ins_code 
_struct_ref_seq.seq_align_end 
_struct_ref_seq.pdbx_seq_align_end_ins_code 
_struct_ref_seq.pdbx_db_accession 
_struct_ref_seq.db_align_beg 
_struct_ref_seq.pdbx_db_align_beg_ins_code 
_struct_ref_seq.db_align_end 
_struct_ref_seq.pdbx_db_align_end_ins_code 
_struct_ref_seq.pdbx_auth_seq_align_beg 
_struct_ref_seq.pdbx_auth_seq_align_end 
1 1 3KG5 A 1 ? 134 ? P40259 26 ? 159 ? 26 159 
2 1 3KG5 B 1 ? 134 ? P40259 26 ? 159 ? 26 159 
# 
loop_
_pdbx_struct_assembly.id 
_pdbx_struct_assembly.details 
_pdbx_struct_assembly.method_details 
_pdbx_struct_assembly.oligomeric_details 
_pdbx_struct_assembly.oligomeric_count 
1 author_defined_assembly   ?    dimeric   2 
2 software_defined_assembly PISA monomeric 1 
3 software_defined_assembly PISA monomeric 1 
# 
loop_
_pdbx_struct_assembly_gen.assembly_id 
_pdbx_struct_assembly_gen.oper_expression 
_pdbx_struct_assembly_gen.asym_id_list 
1 1 A,B,C 
2 1 A,C   
3 1 B     
# 
_pdbx_struct_oper_list.id                   1 
_pdbx_struct_oper_list.type                 'identity operation' 
_pdbx_struct_oper_list.name                 1_555 
_pdbx_struct_oper_list.symmetry_operation   x,y,z 
_pdbx_struct_oper_list.matrix[1][1]         1.0000000000 
_pdbx_struct_oper_list.matrix[1][2]         0.0000000000 
_pdbx_struct_oper_list.matrix[1][3]         0.0000000000 
_pdbx_struct_oper_list.vector[1]            0.0000000000 
_pdbx_struct_oper_list.matrix[2][1]         0.0000000000 
_pdbx_struct_oper_list.matrix[2][2]         1.0000000000 
_pdbx_struct_oper_list.matrix[2][3]         0.0000000000 
_pdbx_struct_oper_list.vector[2]            0.0000000000 
_pdbx_struct_oper_list.matrix[3][1]         0.0000000000 
_pdbx_struct_oper_list.matrix[3][2]         0.0000000000 
_pdbx_struct_oper_list.matrix[3][3]         1.0000000000 
_pdbx_struct_oper_list.vector[3]            0.0000000000 
# 
_struct_biol.id        1 
_struct_biol.details   ? 
# 
_struct_conf.conf_type_id            HELX_P 
_struct_conf.id                      HELX_P1 
_struct_conf.pdbx_PDB_helix_id       1 
_struct_conf.beg_label_comp_id       ARG 
_struct_conf.beg_label_asym_id       B 
_struct_conf.beg_label_seq_id        88 
_struct_conf.pdbx_beg_PDB_ins_code   ? 
_struct_conf.end_label_comp_id       ASN 
_struct_conf.end_label_asym_id       B 
_struct_conf.end_label_seq_id        92 
_struct_conf.pdbx_end_PDB_ins_code   ? 
_struct_conf.beg_auth_comp_id        ARG 
_struct_conf.beg_auth_asym_id        B 
_struct_conf.beg_auth_seq_id         113 
_struct_conf.end_auth_comp_id        ASN 
_struct_conf.end_auth_asym_id        B 
_struct_conf.end_auth_seq_id         117 
_struct_conf.pdbx_PDB_helix_class    5 
_struct_conf.details                 ? 
_struct_conf.pdbx_PDB_helix_length   5 
# 
_struct_conf_type.id          HELX_P 
_struct_conf_type.criteria    ? 
_struct_conf_type.reference   ? 
# 
loop_
_struct_conn.id 
_struct_conn.conn_type_id 
_struct_conn.pdbx_leaving_atom_flag 
_struct_conn.pdbx_PDB_id 
_struct_conn.ptnr1_label_asym_id 
_struct_conn.ptnr1_label_comp_id 
_struct_conn.ptnr1_label_seq_id 
_struct_conn.ptnr1_label_atom_id 
_struct_conn.pdbx_ptnr1_label_alt_id 
_struct_conn.pdbx_ptnr1_PDB_ins_code 
_struct_conn.pdbx_ptnr1_standard_comp_id 
_struct_conn.ptnr1_symmetry 
_struct_conn.ptnr2_label_asym_id 
_struct_conn.ptnr2_label_comp_id 
_struct_conn.ptnr2_label_seq_id 
_struct_conn.ptnr2_label_atom_id 
_struct_conn.pdbx_ptnr2_label_alt_id 
_struct_conn.pdbx_ptnr2_PDB_ins_code 
_struct_conn.ptnr1_auth_asym_id 
_struct_conn.ptnr1_auth_comp_id 
_struct_conn.ptnr1_auth_seq_id 
_struct_conn.ptnr2_auth_asym_id 
_struct_conn.ptnr2_auth_comp_id 
_struct_conn.ptnr2_auth_seq_id 
_struct_conn.ptnr2_symmetry 
_struct_conn.pdbx_ptnr3_label_atom_id 
_struct_conn.pdbx_ptnr3_label_seq_id 
_struct_conn.pdbx_ptnr3_label_comp_id 
_struct_conn.pdbx_ptnr3_label_asym_id 
_struct_conn.pdbx_ptnr3_label_alt_id 
_struct_conn.pdbx_ptnr3_PDB_ins_code 
_struct_conn.details 
_struct_conn.pdbx_dist_value 
_struct_conn.pdbx_value_order 
_struct_conn.pdbx_role 
disulf1 disulf ? ? A CYS 18  SG ? ? ? 1_555 A CYS 101 SG ? ? A CYS 43  A CYS 126 1_555 ? ? ? ? ? ? ? 2.036 ? ? 
disulf2 disulf ? ? A CYS 40  SG ? ? ? 1_555 A CYS 97  SG ? ? A CYS 65  A CYS 122 1_555 ? ? ? ? ? ? ? 2.039 ? ? 
disulf3 disulf ? ? A CYS 111 SG ? ? ? 1_555 B CYS 111 SG ? ? A CYS 136 B CYS 136 1_555 ? ? ? ? ? ? ? 2.037 ? ? 
disulf4 disulf ? ? B CYS 18  SG ? ? ? 1_555 B CYS 101 SG ? ? B CYS 43  B CYS 126 1_555 ? ? ? ? ? ? ? 2.030 ? ? 
disulf5 disulf ? ? B CYS 40  SG ? ? ? 1_555 B CYS 97  SG ? ? B CYS 65  B CYS 122 1_555 ? ? ? ? ? ? ? 2.039 ? ? 
# 
_struct_conn_type.id          disulf 
_struct_conn_type.criteria    ? 
_struct_conn_type.reference   ? 
# 
loop_
_pdbx_modification_feature.ordinal 
_pdbx_modification_feature.label_comp_id 
_pdbx_modification_feature.label_asym_id 
_pdbx_modification_feature.label_seq_id 
_pdbx_modification_feature.label_alt_id 
_pdbx_modification_feature.modified_residue_label_comp_id 
_pdbx_modification_feature.modified_residue_label_asym_id 
_pdbx_modification_feature.modified_residue_label_seq_id 
_pdbx_modification_feature.modified_residue_label_alt_id 
_pdbx_modification_feature.auth_comp_id 
_pdbx_modification_feature.auth_asym_id 
_pdbx_modification_feature.auth_seq_id 
_pdbx_modification_feature.PDB_ins_code 
_pdbx_modification_feature.symmetry 
_pdbx_modification_feature.modified_residue_auth_comp_id 
_pdbx_modification_feature.modified_residue_auth_asym_id 
_pdbx_modification_feature.modified_residue_auth_seq_id 
_pdbx_modification_feature.modified_residue_PDB_ins_code 
_pdbx_modification_feature.modified_residue_symmetry 
_pdbx_modification_feature.comp_id_linking_atom 
_pdbx_modification_feature.modified_residue_id_linking_atom 
_pdbx_modification_feature.modified_residue_id 
_pdbx_modification_feature.ref_pcm_id 
_pdbx_modification_feature.ref_comp_id 
_pdbx_modification_feature.type 
_pdbx_modification_feature.category 
1 CYS A 18  ? CYS A 101 ? CYS A 43  ? 1_555 CYS A 126 ? 1_555 SG SG . . . None 'Disulfide bridge' 
2 CYS A 40  ? CYS A 97  ? CYS A 65  ? 1_555 CYS A 122 ? 1_555 SG SG . . . None 'Disulfide bridge' 
3 CYS A 111 ? CYS B 111 ? CYS A 136 ? 1_555 CYS B 136 ? 1_555 SG SG . . . None 'Disulfide bridge' 
4 CYS B 18  ? CYS B 101 ? CYS B 43  ? 1_555 CYS B 126 ? 1_555 SG SG . . . None 'Disulfide bridge' 
5 CYS B 40  ? CYS B 97  ? CYS B 65  ? 1_555 CYS B 122 ? 1_555 SG SG . . . None 'Disulfide bridge' 
# 
loop_
_struct_mon_prot_cis.pdbx_id 
_struct_mon_prot_cis.label_comp_id 
_struct_mon_prot_cis.label_seq_id 
_struct_mon_prot_cis.label_asym_id 
_struct_mon_prot_cis.label_alt_id 
_struct_mon_prot_cis.pdbx_PDB_ins_code 
_struct_mon_prot_cis.auth_comp_id 
_struct_mon_prot_cis.auth_seq_id 
_struct_mon_prot_cis.auth_asym_id 
_struct_mon_prot_cis.pdbx_label_comp_id_2 
_struct_mon_prot_cis.pdbx_label_seq_id_2 
_struct_mon_prot_cis.pdbx_label_asym_id_2 
_struct_mon_prot_cis.pdbx_PDB_ins_code_2 
_struct_mon_prot_cis.pdbx_auth_comp_id_2 
_struct_mon_prot_cis.pdbx_auth_seq_id_2 
_struct_mon_prot_cis.pdbx_auth_asym_id_2 
_struct_mon_prot_cis.pdbx_PDB_model_num 
_struct_mon_prot_cis.pdbx_omega_angle 
1 SER 24 A . ? SER 49 A PRO 25 A ? PRO 50 A 1 -0.36 
2 SER 24 B . ? SER 49 B PRO 25 B ? PRO 50 B 1 -1.70 
# 
loop_
_struct_sheet.id 
_struct_sheet.type 
_struct_sheet.number_strands 
_struct_sheet.details 
A ? 4 ? 
B ? 5 ? 
C ? 4 ? 
D ? 4 ? 
E ? 5 ? 
F ? 4 ? 
# 
loop_
_struct_sheet_order.sheet_id 
_struct_sheet_order.range_id_1 
_struct_sheet_order.range_id_2 
_struct_sheet_order.offset 
_struct_sheet_order.sense 
A 1 2 ? anti-parallel 
A 2 3 ? anti-parallel 
A 3 4 ? anti-parallel 
B 1 2 ? parallel      
B 2 3 ? anti-parallel 
B 3 4 ? anti-parallel 
B 4 5 ? anti-parallel 
C 1 2 ? parallel      
C 2 3 ? anti-parallel 
C 3 4 ? anti-parallel 
D 1 2 ? anti-parallel 
D 2 3 ? anti-parallel 
D 3 4 ? anti-parallel 
E 1 2 ? parallel      
E 2 3 ? anti-parallel 
E 3 4 ? anti-parallel 
E 4 5 ? anti-parallel 
F 1 2 ? parallel      
F 2 3 ? anti-parallel 
F 3 4 ? anti-parallel 
# 
loop_
_struct_sheet_range.sheet_id 
_struct_sheet_range.id 
_struct_sheet_range.beg_label_comp_id 
_struct_sheet_range.beg_label_asym_id 
_struct_sheet_range.beg_label_seq_id 
_struct_sheet_range.pdbx_beg_PDB_ins_code 
_struct_sheet_range.end_label_comp_id 
_struct_sheet_range.end_label_asym_id 
_struct_sheet_range.end_label_seq_id 
_struct_sheet_range.pdbx_end_PDB_ins_code 
_struct_sheet_range.beg_auth_comp_id 
_struct_sheet_range.beg_auth_asym_id 
_struct_sheet_range.beg_auth_seq_id 
_struct_sheet_range.end_auth_comp_id 
_struct_sheet_range.end_auth_asym_id 
_struct_sheet_range.end_auth_seq_id 
A 1 TRP A 22  ? SER A 24  ? TRP A 47  SER A 49  
A 2 VAL A 36  ? TYR A 41  ? VAL A 61  TYR A 66  
A 3 LEU A 79  ? ILE A 84  ? LEU A 104 ILE A 109 
A 4 MET A 71  ? GLN A 75  ? MET A 96  GLN A 100 
B 1 PHE A 27  ? LYS A 31  ? PHE A 52  LYS A 56  
B 2 THR A 113 ? MET A 118 ? THR A 138 MET A 143 
B 3 GLY A 93  ? LYS A 100 ? GLY A 118 LYS A 125 
B 4 SER A 50  ? LYS A 54  ? SER A 75  LYS A 79  
B 5 GLN A 62  ? GLN A 63  ? GLN A 87  GLN A 88  
C 1 PHE A 27  ? LYS A 31  ? PHE A 52  LYS A 56  
C 2 THR A 113 ? MET A 118 ? THR A 138 MET A 143 
C 3 GLY A 93  ? LYS A 100 ? GLY A 118 LYS A 125 
C 4 VAL A 107 ? GLN A 109 ? VAL A 132 GLN A 134 
D 1 TRP B 22  ? SER B 24  ? TRP B 47  SER B 49  
D 2 THR B 35  ? TYR B 41  ? THR B 60  TYR B 66  
D 3 LEU B 82  ? GLN B 85  ? LEU B 107 GLN B 110 
D 4 MET B 71  ? GLU B 73  ? MET B 96  GLU B 98  
E 1 PHE B 27  ? LYS B 31  ? PHE B 52  LYS B 56  
E 2 THR B 113 ? MET B 118 ? THR B 138 MET B 143 
E 3 GLY B 93  ? LYS B 100 ? GLY B 118 LYS B 125 
E 4 VAL B 49  ? LYS B 54  ? VAL B 74  LYS B 79  
E 5 GLN B 62  ? GLN B 63  ? GLN B 87  GLN B 88  
F 1 PHE B 27  ? LYS B 31  ? PHE B 52  LYS B 56  
F 2 THR B 113 ? MET B 118 ? THR B 138 MET B 143 
F 3 GLY B 93  ? LYS B 100 ? GLY B 118 LYS B 125 
F 4 VAL B 107 ? GLN B 109 ? VAL B 132 GLN B 134 
# 
loop_
_pdbx_struct_sheet_hbond.sheet_id 
_pdbx_struct_sheet_hbond.range_id_1 
_pdbx_struct_sheet_hbond.range_id_2 
_pdbx_struct_sheet_hbond.range_1_label_atom_id 
_pdbx_struct_sheet_hbond.range_1_label_comp_id 
_pdbx_struct_sheet_hbond.range_1_label_asym_id 
_pdbx_struct_sheet_hbond.range_1_label_seq_id 
_pdbx_struct_sheet_hbond.range_1_PDB_ins_code 
_pdbx_struct_sheet_hbond.range_1_auth_atom_id 
_pdbx_struct_sheet_hbond.range_1_auth_comp_id 
_pdbx_struct_sheet_hbond.range_1_auth_asym_id 
_pdbx_struct_sheet_hbond.range_1_auth_seq_id 
_pdbx_struct_sheet_hbond.range_2_label_atom_id 
_pdbx_struct_sheet_hbond.range_2_label_comp_id 
_pdbx_struct_sheet_hbond.range_2_label_asym_id 
_pdbx_struct_sheet_hbond.range_2_label_seq_id 
_pdbx_struct_sheet_hbond.range_2_PDB_ins_code 
_pdbx_struct_sheet_hbond.range_2_auth_atom_id 
_pdbx_struct_sheet_hbond.range_2_auth_comp_id 
_pdbx_struct_sheet_hbond.range_2_auth_asym_id 
_pdbx_struct_sheet_hbond.range_2_auth_seq_id 
A 1 2 N TRP A 22  ? N TRP A 47  O TYR A 41  ? O TYR A 66  
A 2 3 N VAL A 36  ? N VAL A 61  O ILE A 84  ? O ILE A 109 
A 3 4 O THR A 83  ? O THR A 108 N GLU A 72  ? N GLU A 97  
B 1 2 N ILE A 28  ? N ILE A 53  O GLU A 114 ? O GLU A 139 
B 2 3 O LEU A 115 ? O LEU A 140 N GLY A 93  ? N GLY A 118 
B 3 4 O GLN A 98  ? O GLN A 123 N SER A 50  ? N SER A 75  
B 4 5 N TRP A 53  ? N TRP A 78  O GLN A 62  ? O GLN A 87  
C 1 2 N ILE A 28  ? N ILE A 53  O GLU A 114 ? O GLU A 139 
C 2 3 O LEU A 115 ? O LEU A 140 N GLY A 93  ? N GLY A 118 
C 3 4 N GLN A 99  ? N GLN A 124 O TYR A 108 ? O TYR A 133 
D 1 2 N SER B 24  ? N SER B 49  O HIS B 39  ? O HIS B 64  
D 2 3 N VAL B 36  ? N VAL B 61  O ILE B 84  ? O ILE B 109 
D 3 4 O THR B 83  ? O THR B 108 N GLU B 72  ? N GLU B 97  
E 1 2 N ARG B 30  ? N ARG B 55  O ARG B 116 ? O ARG B 141 
E 2 3 O LEU B 115 ? O LEU B 140 N GLY B 93  ? N GLY B 118 
E 3 4 O PHE B 96  ? O PHE B 121 N LEU B 52  ? N LEU B 77  
E 4 5 N TRP B 53  ? N TRP B 78  O GLN B 62  ? O GLN B 87  
F 1 2 N ARG B 30  ? N ARG B 55  O ARG B 116 ? O ARG B 141 
F 2 3 O LEU B 115 ? O LEU B 140 N GLY B 93  ? N GLY B 118 
F 3 4 N GLN B 99  ? N GLN B 124 O TYR B 108 ? O TYR B 133 
# 
_pdbx_entry_details.entry_id                   3KG5 
_pdbx_entry_details.compound_details           ? 
_pdbx_entry_details.source_details             ? 
_pdbx_entry_details.nonpolymer_details         ? 
_pdbx_entry_details.sequence_details           ? 
_pdbx_entry_details.has_ligand_of_interest     ? 
_pdbx_entry_details.has_protein_modification   Y 
# 
loop_
_pdbx_validate_rmsd_angle.id 
_pdbx_validate_rmsd_angle.PDB_model_num 
_pdbx_validate_rmsd_angle.auth_atom_id_1 
_pdbx_validate_rmsd_angle.auth_asym_id_1 
_pdbx_validate_rmsd_angle.auth_comp_id_1 
_pdbx_validate_rmsd_angle.auth_seq_id_1 
_pdbx_validate_rmsd_angle.PDB_ins_code_1 
_pdbx_validate_rmsd_angle.label_alt_id_1 
_pdbx_validate_rmsd_angle.auth_atom_id_2 
_pdbx_validate_rmsd_angle.auth_asym_id_2 
_pdbx_validate_rmsd_angle.auth_comp_id_2 
_pdbx_validate_rmsd_angle.auth_seq_id_2 
_pdbx_validate_rmsd_angle.PDB_ins_code_2 
_pdbx_validate_rmsd_angle.label_alt_id_2 
_pdbx_validate_rmsd_angle.auth_atom_id_3 
_pdbx_validate_rmsd_angle.auth_asym_id_3 
_pdbx_validate_rmsd_angle.auth_comp_id_3 
_pdbx_validate_rmsd_angle.auth_seq_id_3 
_pdbx_validate_rmsd_angle.PDB_ins_code_3 
_pdbx_validate_rmsd_angle.label_alt_id_3 
_pdbx_validate_rmsd_angle.angle_value 
_pdbx_validate_rmsd_angle.angle_target_value 
_pdbx_validate_rmsd_angle.angle_deviation 
_pdbx_validate_rmsd_angle.angle_standard_deviation 
_pdbx_validate_rmsd_angle.linker_flag 
1 1 CA B CYS 43  ? ? CB B CYS 43  ? ? SG B CYS 43  ? ? 121.43 114.20 7.23  1.10 N 
2 1 CA B CYS 65  ? ? CB B CYS 65  ? ? SG B CYS 65  ? ? 121.85 114.20 7.65  1.10 N 
3 1 CA B CYS 126 ? ? CB B CYS 126 ? ? SG B CYS 126 ? ? 123.56 114.20 9.36  1.10 N 
4 1 N  B GLY 144 ? ? CA B GLY 144 ? ? C  B GLY 144 ? ? 132.79 113.10 19.69 2.50 N 
# 
loop_
_pdbx_validate_torsion.id 
_pdbx_validate_torsion.PDB_model_num 
_pdbx_validate_torsion.auth_comp_id 
_pdbx_validate_torsion.auth_asym_id 
_pdbx_validate_torsion.auth_seq_id 
_pdbx_validate_torsion.PDB_ins_code 
_pdbx_validate_torsion.label_alt_id 
_pdbx_validate_torsion.phi 
_pdbx_validate_torsion.psi 
1  1 MET A 67  ? ? -139.62 -146.46 
2  1 SER A 71  ? ? 53.96   19.13   
3  1 ASN A 73  ? ? 37.14   93.53   
4  1 GLU A 84  ? ? -53.75  179.54  
5  1 PRO A 86  ? ? -48.28  87.75   
6  1 LYS A 93  ? ? -27.23  138.98  
7  1 ARG A 95  ? ? -173.60 -0.26   
8  1 GLN A 100 ? ? 176.40  167.50  
9  1 ASN A 101 ? ? -153.55 -157.21 
10 1 ASN A 117 ? ? -35.98  135.07  
11 1 ASN A 127 ? ? -52.37  -90.49  
12 1 ASN A 128 ? ? -44.38  -77.45  
13 1 ARG B 57  ? ? -28.37  124.35  
14 1 PHE B 59  ? ? -87.28  -142.21 
15 1 MET B 67  ? ? -167.62 -154.90 
16 1 ASN B 73  ? ? 55.01   99.52   
17 1 GLU B 84  ? ? -45.10  152.64  
18 1 PRO B 86  ? ? -36.03  144.07  
19 1 GLN B 88  ? ? -39.12  128.29  
20 1 GLU B 92  ? ? -38.12  122.47  
21 1 ARG B 95  ? ? -148.45 -29.12  
22 1 GLN B 100 ? ? 179.52  126.17  
23 1 ASN B 101 ? ? -108.80 -152.62 
24 1 ILE B 112 ? ? -23.69  119.60  
25 1 GLU B 115 ? ? -59.11  -2.03   
26 1 ASN B 127 ? ? -67.70  -70.90  
27 1 ASN B 128 ? ? -60.97  -82.08  
28 1 THR B 129 ? ? -49.10  -16.26  
29 1 MET B 143 ? ? -174.96 -179.53 
# 
loop_
_pdbx_unobs_or_zero_occ_residues.id 
_pdbx_unobs_or_zero_occ_residues.PDB_model_num 
_pdbx_unobs_or_zero_occ_residues.polymer_flag 
_pdbx_unobs_or_zero_occ_residues.occupancy_flag 
_pdbx_unobs_or_zero_occ_residues.auth_asym_id 
_pdbx_unobs_or_zero_occ_residues.auth_comp_id 
_pdbx_unobs_or_zero_occ_residues.auth_seq_id 
_pdbx_unobs_or_zero_occ_residues.PDB_ins_code 
_pdbx_unobs_or_zero_occ_residues.label_asym_id 
_pdbx_unobs_or_zero_occ_residues.label_comp_id 
_pdbx_unobs_or_zero_occ_residues.label_seq_id 
1  1 Y 1 A VAL 26  ? A VAL 1   
2  1 Y 1 A PRO 27  ? A PRO 2   
3  1 Y 1 A ALA 28  ? A ALA 3   
4  1 Y 1 A ALA 29  ? A ALA 4   
5  1 Y 1 A ARG 30  ? A ARG 5   
6  1 Y 1 A SER 31  ? A SER 6   
7  1 Y 1 A GLU 32  ? A GLU 7   
8  1 Y 1 A ASP 33  ? A ASP 8   
9  1 Y 1 A ARG 34  ? A ARG 9   
10 1 Y 1 A TYR 35  ? A TYR 10  
11 1 Y 1 A ARG 36  ? A ARG 11  
12 1 Y 1 A ASN 37  ? A ASN 12  
13 1 Y 1 A PRO 38  ? A PRO 13  
14 1 Y 1 A LYS 39  ? A LYS 14  
15 1 Y 1 A GLY 40  ? A GLY 15  
16 1 Y 1 A SER 41  ? A SER 16  
17 1 Y 1 A ALA 42  ? A ALA 17  
18 1 Y 1 A SER 146 ? A SER 121 
19 1 Y 1 A THR 147 ? A THR 122 
20 1 Y 1 A LEU 148 ? A LEU 123 
21 1 Y 1 A ALA 149 ? A ALA 124 
22 1 Y 1 A GLN 150 ? A GLN 125 
23 1 Y 1 A LEU 151 ? A LEU 126 
24 1 Y 1 A LYS 152 ? A LYS 127 
25 1 Y 1 A GLN 153 ? A GLN 128 
26 1 Y 1 A ARG 154 ? A ARG 129 
27 1 Y 1 A ASN 155 ? A ASN 130 
28 1 Y 1 A THR 156 ? A THR 131 
29 1 Y 1 A LEU 157 ? A LEU 132 
30 1 Y 1 A LYS 158 ? A LYS 133 
31 1 Y 1 A ASP 159 ? A ASP 134 
32 1 Y 1 B VAL 26  ? B VAL 1   
33 1 Y 1 B PRO 27  ? B PRO 2   
34 1 Y 1 B ALA 28  ? B ALA 3   
35 1 Y 1 B ALA 29  ? B ALA 4   
36 1 Y 1 B ARG 30  ? B ARG 5   
37 1 Y 1 B SER 31  ? B SER 6   
38 1 Y 1 B GLU 32  ? B GLU 7   
39 1 Y 1 B ASP 33  ? B ASP 8   
40 1 Y 1 B ARG 34  ? B ARG 9   
41 1 Y 1 B TYR 35  ? B TYR 10  
42 1 Y 1 B ARG 36  ? B ARG 11  
43 1 Y 1 B ASN 37  ? B ASN 12  
44 1 Y 1 B PRO 38  ? B PRO 13  
45 1 Y 1 B LYS 39  ? B LYS 14  
46 1 Y 1 B GLY 40  ? B GLY 15  
47 1 Y 1 B SER 41  ? B SER 16  
48 1 Y 1 B ALA 42  ? B ALA 17  
49 1 Y 1 B SER 146 ? B SER 121 
50 1 Y 1 B THR 147 ? B THR 122 
51 1 Y 1 B LEU 148 ? B LEU 123 
52 1 Y 1 B ALA 149 ? B ALA 124 
53 1 Y 1 B GLN 150 ? B GLN 125 
54 1 Y 1 B LEU 151 ? B LEU 126 
55 1 Y 1 B LYS 152 ? B LYS 127 
56 1 Y 1 B GLN 153 ? B GLN 128 
57 1 Y 1 B ARG 154 ? B ARG 129 
58 1 Y 1 B ASN 155 ? B ASN 130 
59 1 Y 1 B THR 156 ? B THR 131 
60 1 Y 1 B LEU 157 ? B LEU 132 
61 1 Y 1 B LYS 158 ? B LYS 133 
62 1 Y 1 B ASP 159 ? B ASP 134 
# 
loop_
_chem_comp_atom.comp_id 
_chem_comp_atom.atom_id 
_chem_comp_atom.type_symbol 
_chem_comp_atom.pdbx_aromatic_flag 
_chem_comp_atom.pdbx_stereo_config 
_chem_comp_atom.pdbx_ordinal 
ALA N    N N N 1   
ALA CA   C N S 2   
ALA C    C N N 3   
ALA O    O N N 4   
ALA CB   C N N 5   
ALA OXT  O N N 6   
ALA H    H N N 7   
ALA H2   H N N 8   
ALA HA   H N N 9   
ALA HB1  H N N 10  
ALA HB2  H N N 11  
ALA HB3  H N N 12  
ALA HXT  H N N 13  
ARG N    N N N 14  
ARG CA   C N S 15  
ARG C    C N N 16  
ARG O    O N N 17  
ARG CB   C N N 18  
ARG CG   C N N 19  
ARG CD   C N N 20  
ARG NE   N N N 21  
ARG CZ   C N N 22  
ARG NH1  N N N 23  
ARG NH2  N N N 24  
ARG OXT  O N N 25  
ARG H    H N N 26  
ARG H2   H N N 27  
ARG HA   H N N 28  
ARG HB2  H N N 29  
ARG HB3  H N N 30  
ARG HG2  H N N 31  
ARG HG3  H N N 32  
ARG HD2  H N N 33  
ARG HD3  H N N 34  
ARG HE   H N N 35  
ARG HH11 H N N 36  
ARG HH12 H N N 37  
ARG HH21 H N N 38  
ARG HH22 H N N 39  
ARG HXT  H N N 40  
ASN N    N N N 41  
ASN CA   C N S 42  
ASN C    C N N 43  
ASN O    O N N 44  
ASN CB   C N N 45  
ASN CG   C N N 46  
ASN OD1  O N N 47  
ASN ND2  N N N 48  
ASN OXT  O N N 49  
ASN H    H N N 50  
ASN H2   H N N 51  
ASN HA   H N N 52  
ASN HB2  H N N 53  
ASN HB3  H N N 54  
ASN HD21 H N N 55  
ASN HD22 H N N 56  
ASN HXT  H N N 57  
ASP N    N N N 58  
ASP CA   C N S 59  
ASP C    C N N 60  
ASP O    O N N 61  
ASP CB   C N N 62  
ASP CG   C N N 63  
ASP OD1  O N N 64  
ASP OD2  O N N 65  
ASP OXT  O N N 66  
ASP H    H N N 67  
ASP H2   H N N 68  
ASP HA   H N N 69  
ASP HB2  H N N 70  
ASP HB3  H N N 71  
ASP HD2  H N N 72  
ASP HXT  H N N 73  
CYS N    N N N 74  
CYS CA   C N R 75  
CYS C    C N N 76  
CYS O    O N N 77  
CYS CB   C N N 78  
CYS SG   S N N 79  
CYS OXT  O N N 80  
CYS H    H N N 81  
CYS H2   H N N 82  
CYS HA   H N N 83  
CYS HB2  H N N 84  
CYS HB3  H N N 85  
CYS HG   H N N 86  
CYS HXT  H N N 87  
GLN N    N N N 88  
GLN CA   C N S 89  
GLN C    C N N 90  
GLN O    O N N 91  
GLN CB   C N N 92  
GLN CG   C N N 93  
GLN CD   C N N 94  
GLN OE1  O N N 95  
GLN NE2  N N N 96  
GLN OXT  O N N 97  
GLN H    H N N 98  
GLN H2   H N N 99  
GLN HA   H N N 100 
GLN HB2  H N N 101 
GLN HB3  H N N 102 
GLN HG2  H N N 103 
GLN HG3  H N N 104 
GLN HE21 H N N 105 
GLN HE22 H N N 106 
GLN HXT  H N N 107 
GLU N    N N N 108 
GLU CA   C N S 109 
GLU C    C N N 110 
GLU O    O N N 111 
GLU CB   C N N 112 
GLU CG   C N N 113 
GLU CD   C N N 114 
GLU OE1  O N N 115 
GLU OE2  O N N 116 
GLU OXT  O N N 117 
GLU H    H N N 118 
GLU H2   H N N 119 
GLU HA   H N N 120 
GLU HB2  H N N 121 
GLU HB3  H N N 122 
GLU HG2  H N N 123 
GLU HG3  H N N 124 
GLU HE2  H N N 125 
GLU HXT  H N N 126 
GLY N    N N N 127 
GLY CA   C N N 128 
GLY C    C N N 129 
GLY O    O N N 130 
GLY OXT  O N N 131 
GLY H    H N N 132 
GLY H2   H N N 133 
GLY HA2  H N N 134 
GLY HA3  H N N 135 
GLY HXT  H N N 136 
HIS N    N N N 137 
HIS CA   C N S 138 
HIS C    C N N 139 
HIS O    O N N 140 
HIS CB   C N N 141 
HIS CG   C Y N 142 
HIS ND1  N Y N 143 
HIS CD2  C Y N 144 
HIS CE1  C Y N 145 
HIS NE2  N Y N 146 
HIS OXT  O N N 147 
HIS H    H N N 148 
HIS H2   H N N 149 
HIS HA   H N N 150 
HIS HB2  H N N 151 
HIS HB3  H N N 152 
HIS HD1  H N N 153 
HIS HD2  H N N 154 
HIS HE1  H N N 155 
HIS HE2  H N N 156 
HIS HXT  H N N 157 
HOH O    O N N 158 
HOH H1   H N N 159 
HOH H2   H N N 160 
ILE N    N N N 161 
ILE CA   C N S 162 
ILE C    C N N 163 
ILE O    O N N 164 
ILE CB   C N S 165 
ILE CG1  C N N 166 
ILE CG2  C N N 167 
ILE CD1  C N N 168 
ILE OXT  O N N 169 
ILE H    H N N 170 
ILE H2   H N N 171 
ILE HA   H N N 172 
ILE HB   H N N 173 
ILE HG12 H N N 174 
ILE HG13 H N N 175 
ILE HG21 H N N 176 
ILE HG22 H N N 177 
ILE HG23 H N N 178 
ILE HD11 H N N 179 
ILE HD12 H N N 180 
ILE HD13 H N N 181 
ILE HXT  H N N 182 
LEU N    N N N 183 
LEU CA   C N S 184 
LEU C    C N N 185 
LEU O    O N N 186 
LEU CB   C N N 187 
LEU CG   C N N 188 
LEU CD1  C N N 189 
LEU CD2  C N N 190 
LEU OXT  O N N 191 
LEU H    H N N 192 
LEU H2   H N N 193 
LEU HA   H N N 194 
LEU HB2  H N N 195 
LEU HB3  H N N 196 
LEU HG   H N N 197 
LEU HD11 H N N 198 
LEU HD12 H N N 199 
LEU HD13 H N N 200 
LEU HD21 H N N 201 
LEU HD22 H N N 202 
LEU HD23 H N N 203 
LEU HXT  H N N 204 
LYS N    N N N 205 
LYS CA   C N S 206 
LYS C    C N N 207 
LYS O    O N N 208 
LYS CB   C N N 209 
LYS CG   C N N 210 
LYS CD   C N N 211 
LYS CE   C N N 212 
LYS NZ   N N N 213 
LYS OXT  O N N 214 
LYS H    H N N 215 
LYS H2   H N N 216 
LYS HA   H N N 217 
LYS HB2  H N N 218 
LYS HB3  H N N 219 
LYS HG2  H N N 220 
LYS HG3  H N N 221 
LYS HD2  H N N 222 
LYS HD3  H N N 223 
LYS HE2  H N N 224 
LYS HE3  H N N 225 
LYS HZ1  H N N 226 
LYS HZ2  H N N 227 
LYS HZ3  H N N 228 
LYS HXT  H N N 229 
MET N    N N N 230 
MET CA   C N S 231 
MET C    C N N 232 
MET O    O N N 233 
MET CB   C N N 234 
MET CG   C N N 235 
MET SD   S N N 236 
MET CE   C N N 237 
MET OXT  O N N 238 
MET H    H N N 239 
MET H2   H N N 240 
MET HA   H N N 241 
MET HB2  H N N 242 
MET HB3  H N N 243 
MET HG2  H N N 244 
MET HG3  H N N 245 
MET HE1  H N N 246 
MET HE2  H N N 247 
MET HE3  H N N 248 
MET HXT  H N N 249 
PHE N    N N N 250 
PHE CA   C N S 251 
PHE C    C N N 252 
PHE O    O N N 253 
PHE CB   C N N 254 
PHE CG   C Y N 255 
PHE CD1  C Y N 256 
PHE CD2  C Y N 257 
PHE CE1  C Y N 258 
PHE CE2  C Y N 259 
PHE CZ   C Y N 260 
PHE OXT  O N N 261 
PHE H    H N N 262 
PHE H2   H N N 263 
PHE HA   H N N 264 
PHE HB2  H N N 265 
PHE HB3  H N N 266 
PHE HD1  H N N 267 
PHE HD2  H N N 268 
PHE HE1  H N N 269 
PHE HE2  H N N 270 
PHE HZ   H N N 271 
PHE HXT  H N N 272 
PRO N    N N N 273 
PRO CA   C N S 274 
PRO C    C N N 275 
PRO O    O N N 276 
PRO CB   C N N 277 
PRO CG   C N N 278 
PRO CD   C N N 279 
PRO OXT  O N N 280 
PRO H    H N N 281 
PRO HA   H N N 282 
PRO HB2  H N N 283 
PRO HB3  H N N 284 
PRO HG2  H N N 285 
PRO HG3  H N N 286 
PRO HD2  H N N 287 
PRO HD3  H N N 288 
PRO HXT  H N N 289 
SER N    N N N 290 
SER CA   C N S 291 
SER C    C N N 292 
SER O    O N N 293 
SER CB   C N N 294 
SER OG   O N N 295 
SER OXT  O N N 296 
SER H    H N N 297 
SER H2   H N N 298 
SER HA   H N N 299 
SER HB2  H N N 300 
SER HB3  H N N 301 
SER HG   H N N 302 
SER HXT  H N N 303 
THR N    N N N 304 
THR CA   C N S 305 
THR C    C N N 306 
THR O    O N N 307 
THR CB   C N R 308 
THR OG1  O N N 309 
THR CG2  C N N 310 
THR OXT  O N N 311 
THR H    H N N 312 
THR H2   H N N 313 
THR HA   H N N 314 
THR HB   H N N 315 
THR HG1  H N N 316 
THR HG21 H N N 317 
THR HG22 H N N 318 
THR HG23 H N N 319 
THR HXT  H N N 320 
TRP N    N N N 321 
TRP CA   C N S 322 
TRP C    C N N 323 
TRP O    O N N 324 
TRP CB   C N N 325 
TRP CG   C Y N 326 
TRP CD1  C Y N 327 
TRP CD2  C Y N 328 
TRP NE1  N Y N 329 
TRP CE2  C Y N 330 
TRP CE3  C Y N 331 
TRP CZ2  C Y N 332 
TRP CZ3  C Y N 333 
TRP CH2  C Y N 334 
TRP OXT  O N N 335 
TRP H    H N N 336 
TRP H2   H N N 337 
TRP HA   H N N 338 
TRP HB2  H N N 339 
TRP HB3  H N N 340 
TRP HD1  H N N 341 
TRP HE1  H N N 342 
TRP HE3  H N N 343 
TRP HZ2  H N N 344 
TRP HZ3  H N N 345 
TRP HH2  H N N 346 
TRP HXT  H N N 347 
TYR N    N N N 348 
TYR CA   C N S 349 
TYR C    C N N 350 
TYR O    O N N 351 
TYR CB   C N N 352 
TYR CG   C Y N 353 
TYR CD1  C Y N 354 
TYR CD2  C Y N 355 
TYR CE1  C Y N 356 
TYR CE2  C Y N 357 
TYR CZ   C Y N 358 
TYR OH   O N N 359 
TYR OXT  O N N 360 
TYR H    H N N 361 
TYR H2   H N N 362 
TYR HA   H N N 363 
TYR HB2  H N N 364 
TYR HB3  H N N 365 
TYR HD1  H N N 366 
TYR HD2  H N N 367 
TYR HE1  H N N 368 
TYR HE2  H N N 369 
TYR HH   H N N 370 
TYR HXT  H N N 371 
VAL N    N N N 372 
VAL CA   C N S 373 
VAL C    C N N 374 
VAL O    O N N 375 
VAL CB   C N N 376 
VAL CG1  C N N 377 
VAL CG2  C N N 378 
VAL OXT  O N N 379 
VAL H    H N N 380 
VAL H2   H N N 381 
VAL HA   H N N 382 
VAL HB   H N N 383 
VAL HG11 H N N 384 
VAL HG12 H N N 385 
VAL HG13 H N N 386 
VAL HG21 H N N 387 
VAL HG22 H N N 388 
VAL HG23 H N N 389 
VAL HXT  H N N 390 
# 
loop_
_chem_comp_bond.comp_id 
_chem_comp_bond.atom_id_1 
_chem_comp_bond.atom_id_2 
_chem_comp_bond.value_order 
_chem_comp_bond.pdbx_aromatic_flag 
_chem_comp_bond.pdbx_stereo_config 
_chem_comp_bond.pdbx_ordinal 
ALA N   CA   sing N N 1   
ALA N   H    sing N N 2   
ALA N   H2   sing N N 3   
ALA CA  C    sing N N 4   
ALA CA  CB   sing N N 5   
ALA CA  HA   sing N N 6   
ALA C   O    doub N N 7   
ALA C   OXT  sing N N 8   
ALA CB  HB1  sing N N 9   
ALA CB  HB2  sing N N 10  
ALA CB  HB3  sing N N 11  
ALA OXT HXT  sing N N 12  
ARG N   CA   sing N N 13  
ARG N   H    sing N N 14  
ARG N   H2   sing N N 15  
ARG CA  C    sing N N 16  
ARG CA  CB   sing N N 17  
ARG CA  HA   sing N N 18  
ARG C   O    doub N N 19  
ARG C   OXT  sing N N 20  
ARG CB  CG   sing N N 21  
ARG CB  HB2  sing N N 22  
ARG CB  HB3  sing N N 23  
ARG CG  CD   sing N N 24  
ARG CG  HG2  sing N N 25  
ARG CG  HG3  sing N N 26  
ARG CD  NE   sing N N 27  
ARG CD  HD2  sing N N 28  
ARG CD  HD3  sing N N 29  
ARG NE  CZ   sing N N 30  
ARG NE  HE   sing N N 31  
ARG CZ  NH1  sing N N 32  
ARG CZ  NH2  doub N N 33  
ARG NH1 HH11 sing N N 34  
ARG NH1 HH12 sing N N 35  
ARG NH2 HH21 sing N N 36  
ARG NH2 HH22 sing N N 37  
ARG OXT HXT  sing N N 38  
ASN N   CA   sing N N 39  
ASN N   H    sing N N 40  
ASN N   H2   sing N N 41  
ASN CA  C    sing N N 42  
ASN CA  CB   sing N N 43  
ASN CA  HA   sing N N 44  
ASN C   O    doub N N 45  
ASN C   OXT  sing N N 46  
ASN CB  CG   sing N N 47  
ASN CB  HB2  sing N N 48  
ASN CB  HB3  sing N N 49  
ASN CG  OD1  doub N N 50  
ASN CG  ND2  sing N N 51  
ASN ND2 HD21 sing N N 52  
ASN ND2 HD22 sing N N 53  
ASN OXT HXT  sing N N 54  
ASP N   CA   sing N N 55  
ASP N   H    sing N N 56  
ASP N   H2   sing N N 57  
ASP CA  C    sing N N 58  
ASP CA  CB   sing N N 59  
ASP CA  HA   sing N N 60  
ASP C   O    doub N N 61  
ASP C   OXT  sing N N 62  
ASP CB  CG   sing N N 63  
ASP CB  HB2  sing N N 64  
ASP CB  HB3  sing N N 65  
ASP CG  OD1  doub N N 66  
ASP CG  OD2  sing N N 67  
ASP OD2 HD2  sing N N 68  
ASP OXT HXT  sing N N 69  
CYS N   CA   sing N N 70  
CYS N   H    sing N N 71  
CYS N   H2   sing N N 72  
CYS CA  C    sing N N 73  
CYS CA  CB   sing N N 74  
CYS CA  HA   sing N N 75  
CYS C   O    doub N N 76  
CYS C   OXT  sing N N 77  
CYS CB  SG   sing N N 78  
CYS CB  HB2  sing N N 79  
CYS CB  HB3  sing N N 80  
CYS SG  HG   sing N N 81  
CYS OXT HXT  sing N N 82  
GLN N   CA   sing N N 83  
GLN N   H    sing N N 84  
GLN N   H2   sing N N 85  
GLN CA  C    sing N N 86  
GLN CA  CB   sing N N 87  
GLN CA  HA   sing N N 88  
GLN C   O    doub N N 89  
GLN C   OXT  sing N N 90  
GLN CB  CG   sing N N 91  
GLN CB  HB2  sing N N 92  
GLN CB  HB3  sing N N 93  
GLN CG  CD   sing N N 94  
GLN CG  HG2  sing N N 95  
GLN CG  HG3  sing N N 96  
GLN CD  OE1  doub N N 97  
GLN CD  NE2  sing N N 98  
GLN NE2 HE21 sing N N 99  
GLN NE2 HE22 sing N N 100 
GLN OXT HXT  sing N N 101 
GLU N   CA   sing N N 102 
GLU N   H    sing N N 103 
GLU N   H2   sing N N 104 
GLU CA  C    sing N N 105 
GLU CA  CB   sing N N 106 
GLU CA  HA   sing N N 107 
GLU C   O    doub N N 108 
GLU C   OXT  sing N N 109 
GLU CB  CG   sing N N 110 
GLU CB  HB2  sing N N 111 
GLU CB  HB3  sing N N 112 
GLU CG  CD   sing N N 113 
GLU CG  HG2  sing N N 114 
GLU CG  HG3  sing N N 115 
GLU CD  OE1  doub N N 116 
GLU CD  OE2  sing N N 117 
GLU OE2 HE2  sing N N 118 
GLU OXT HXT  sing N N 119 
GLY N   CA   sing N N 120 
GLY N   H    sing N N 121 
GLY N   H2   sing N N 122 
GLY CA  C    sing N N 123 
GLY CA  HA2  sing N N 124 
GLY CA  HA3  sing N N 125 
GLY C   O    doub N N 126 
GLY C   OXT  sing N N 127 
GLY OXT HXT  sing N N 128 
HIS N   CA   sing N N 129 
HIS N   H    sing N N 130 
HIS N   H2   sing N N 131 
HIS CA  C    sing N N 132 
HIS CA  CB   sing N N 133 
HIS CA  HA   sing N N 134 
HIS C   O    doub N N 135 
HIS C   OXT  sing N N 136 
HIS CB  CG   sing N N 137 
HIS CB  HB2  sing N N 138 
HIS CB  HB3  sing N N 139 
HIS CG  ND1  sing Y N 140 
HIS CG  CD2  doub Y N 141 
HIS ND1 CE1  doub Y N 142 
HIS ND1 HD1  sing N N 143 
HIS CD2 NE2  sing Y N 144 
HIS CD2 HD2  sing N N 145 
HIS CE1 NE2  sing Y N 146 
HIS CE1 HE1  sing N N 147 
HIS NE2 HE2  sing N N 148 
HIS OXT HXT  sing N N 149 
HOH O   H1   sing N N 150 
HOH O   H2   sing N N 151 
ILE N   CA   sing N N 152 
ILE N   H    sing N N 153 
ILE N   H2   sing N N 154 
ILE CA  C    sing N N 155 
ILE CA  CB   sing N N 156 
ILE CA  HA   sing N N 157 
ILE C   O    doub N N 158 
ILE C   OXT  sing N N 159 
ILE CB  CG1  sing N N 160 
ILE CB  CG2  sing N N 161 
ILE CB  HB   sing N N 162 
ILE CG1 CD1  sing N N 163 
ILE CG1 HG12 sing N N 164 
ILE CG1 HG13 sing N N 165 
ILE CG2 HG21 sing N N 166 
ILE CG2 HG22 sing N N 167 
ILE CG2 HG23 sing N N 168 
ILE CD1 HD11 sing N N 169 
ILE CD1 HD12 sing N N 170 
ILE CD1 HD13 sing N N 171 
ILE OXT HXT  sing N N 172 
LEU N   CA   sing N N 173 
LEU N   H    sing N N 174 
LEU N   H2   sing N N 175 
LEU CA  C    sing N N 176 
LEU CA  CB   sing N N 177 
LEU CA  HA   sing N N 178 
LEU C   O    doub N N 179 
LEU C   OXT  sing N N 180 
LEU CB  CG   sing N N 181 
LEU CB  HB2  sing N N 182 
LEU CB  HB3  sing N N 183 
LEU CG  CD1  sing N N 184 
LEU CG  CD2  sing N N 185 
LEU CG  HG   sing N N 186 
LEU CD1 HD11 sing N N 187 
LEU CD1 HD12 sing N N 188 
LEU CD1 HD13 sing N N 189 
LEU CD2 HD21 sing N N 190 
LEU CD2 HD22 sing N N 191 
LEU CD2 HD23 sing N N 192 
LEU OXT HXT  sing N N 193 
LYS N   CA   sing N N 194 
LYS N   H    sing N N 195 
LYS N   H2   sing N N 196 
LYS CA  C    sing N N 197 
LYS CA  CB   sing N N 198 
LYS CA  HA   sing N N 199 
LYS C   O    doub N N 200 
LYS C   OXT  sing N N 201 
LYS CB  CG   sing N N 202 
LYS CB  HB2  sing N N 203 
LYS CB  HB3  sing N N 204 
LYS CG  CD   sing N N 205 
LYS CG  HG2  sing N N 206 
LYS CG  HG3  sing N N 207 
LYS CD  CE   sing N N 208 
LYS CD  HD2  sing N N 209 
LYS CD  HD3  sing N N 210 
LYS CE  NZ   sing N N 211 
LYS CE  HE2  sing N N 212 
LYS CE  HE3  sing N N 213 
LYS NZ  HZ1  sing N N 214 
LYS NZ  HZ2  sing N N 215 
LYS NZ  HZ3  sing N N 216 
LYS OXT HXT  sing N N 217 
MET N   CA   sing N N 218 
MET N   H    sing N N 219 
MET N   H2   sing N N 220 
MET CA  C    sing N N 221 
MET CA  CB   sing N N 222 
MET CA  HA   sing N N 223 
MET C   O    doub N N 224 
MET C   OXT  sing N N 225 
MET CB  CG   sing N N 226 
MET CB  HB2  sing N N 227 
MET CB  HB3  sing N N 228 
MET CG  SD   sing N N 229 
MET CG  HG2  sing N N 230 
MET CG  HG3  sing N N 231 
MET SD  CE   sing N N 232 
MET CE  HE1  sing N N 233 
MET CE  HE2  sing N N 234 
MET CE  HE3  sing N N 235 
MET OXT HXT  sing N N 236 
PHE N   CA   sing N N 237 
PHE N   H    sing N N 238 
PHE N   H2   sing N N 239 
PHE CA  C    sing N N 240 
PHE CA  CB   sing N N 241 
PHE CA  HA   sing N N 242 
PHE C   O    doub N N 243 
PHE C   OXT  sing N N 244 
PHE CB  CG   sing N N 245 
PHE CB  HB2  sing N N 246 
PHE CB  HB3  sing N N 247 
PHE CG  CD1  doub Y N 248 
PHE CG  CD2  sing Y N 249 
PHE CD1 CE1  sing Y N 250 
PHE CD1 HD1  sing N N 251 
PHE CD2 CE2  doub Y N 252 
PHE CD2 HD2  sing N N 253 
PHE CE1 CZ   doub Y N 254 
PHE CE1 HE1  sing N N 255 
PHE CE2 CZ   sing Y N 256 
PHE CE2 HE2  sing N N 257 
PHE CZ  HZ   sing N N 258 
PHE OXT HXT  sing N N 259 
PRO N   CA   sing N N 260 
PRO N   CD   sing N N 261 
PRO N   H    sing N N 262 
PRO CA  C    sing N N 263 
PRO CA  CB   sing N N 264 
PRO CA  HA   sing N N 265 
PRO C   O    doub N N 266 
PRO C   OXT  sing N N 267 
PRO CB  CG   sing N N 268 
PRO CB  HB2  sing N N 269 
PRO CB  HB3  sing N N 270 
PRO CG  CD   sing N N 271 
PRO CG  HG2  sing N N 272 
PRO CG  HG3  sing N N 273 
PRO CD  HD2  sing N N 274 
PRO CD  HD3  sing N N 275 
PRO OXT HXT  sing N N 276 
SER N   CA   sing N N 277 
SER N   H    sing N N 278 
SER N   H2   sing N N 279 
SER CA  C    sing N N 280 
SER CA  CB   sing N N 281 
SER CA  HA   sing N N 282 
SER C   O    doub N N 283 
SER C   OXT  sing N N 284 
SER CB  OG   sing N N 285 
SER CB  HB2  sing N N 286 
SER CB  HB3  sing N N 287 
SER OG  HG   sing N N 288 
SER OXT HXT  sing N N 289 
THR N   CA   sing N N 290 
THR N   H    sing N N 291 
THR N   H2   sing N N 292 
THR CA  C    sing N N 293 
THR CA  CB   sing N N 294 
THR CA  HA   sing N N 295 
THR C   O    doub N N 296 
THR C   OXT  sing N N 297 
THR CB  OG1  sing N N 298 
THR CB  CG2  sing N N 299 
THR CB  HB   sing N N 300 
THR OG1 HG1  sing N N 301 
THR CG2 HG21 sing N N 302 
THR CG2 HG22 sing N N 303 
THR CG2 HG23 sing N N 304 
THR OXT HXT  sing N N 305 
TRP N   CA   sing N N 306 
TRP N   H    sing N N 307 
TRP N   H2   sing N N 308 
TRP CA  C    sing N N 309 
TRP CA  CB   sing N N 310 
TRP CA  HA   sing N N 311 
TRP C   O    doub N N 312 
TRP C   OXT  sing N N 313 
TRP CB  CG   sing N N 314 
TRP CB  HB2  sing N N 315 
TRP CB  HB3  sing N N 316 
TRP CG  CD1  doub Y N 317 
TRP CG  CD2  sing Y N 318 
TRP CD1 NE1  sing Y N 319 
TRP CD1 HD1  sing N N 320 
TRP CD2 CE2  doub Y N 321 
TRP CD2 CE3  sing Y N 322 
TRP NE1 CE2  sing Y N 323 
TRP NE1 HE1  sing N N 324 
TRP CE2 CZ2  sing Y N 325 
TRP CE3 CZ3  doub Y N 326 
TRP CE3 HE3  sing N N 327 
TRP CZ2 CH2  doub Y N 328 
TRP CZ2 HZ2  sing N N 329 
TRP CZ3 CH2  sing Y N 330 
TRP CZ3 HZ3  sing N N 331 
TRP CH2 HH2  sing N N 332 
TRP OXT HXT  sing N N 333 
TYR N   CA   sing N N 334 
TYR N   H    sing N N 335 
TYR N   H2   sing N N 336 
TYR CA  C    sing N N 337 
TYR CA  CB   sing N N 338 
TYR CA  HA   sing N N 339 
TYR C   O    doub N N 340 
TYR C   OXT  sing N N 341 
TYR CB  CG   sing N N 342 
TYR CB  HB2  sing N N 343 
TYR CB  HB3  sing N N 344 
TYR CG  CD1  doub Y N 345 
TYR CG  CD2  sing Y N 346 
TYR CD1 CE1  sing Y N 347 
TYR CD1 HD1  sing N N 348 
TYR CD2 CE2  doub Y N 349 
TYR CD2 HD2  sing N N 350 
TYR CE1 CZ   doub Y N 351 
TYR CE1 HE1  sing N N 352 
TYR CE2 CZ   sing Y N 353 
TYR CE2 HE2  sing N N 354 
TYR CZ  OH   sing N N 355 
TYR OH  HH   sing N N 356 
TYR OXT HXT  sing N N 357 
VAL N   CA   sing N N 358 
VAL N   H    sing N N 359 
VAL N   H2   sing N N 360 
VAL CA  C    sing N N 361 
VAL CA  CB   sing N N 362 
VAL CA  HA   sing N N 363 
VAL C   O    doub N N 364 
VAL C   OXT  sing N N 365 
VAL CB  CG1  sing N N 366 
VAL CB  CG2  sing N N 367 
VAL CB  HB   sing N N 368 
VAL CG1 HG11 sing N N 369 
VAL CG1 HG12 sing N N 370 
VAL CG1 HG13 sing N N 371 
VAL CG2 HG21 sing N N 372 
VAL CG2 HG22 sing N N 373 
VAL CG2 HG23 sing N N 374 
VAL OXT HXT  sing N N 375 
# 
_atom_sites.entry_id                    3KG5 
_atom_sites.fract_transf_matrix[1][1]   -0.00296015 
_atom_sites.fract_transf_matrix[1][2]   0.00689990 
_atom_sites.fract_transf_matrix[1][3]   -0.00172641 
_atom_sites.fract_transf_matrix[2][1]   -0.00356931 
_atom_sites.fract_transf_matrix[2][2]   -0.00305851 
_atom_sites.fract_transf_matrix[2][3]   -0.00610386 
_atom_sites.fract_transf_matrix[3][1]   -0.00615217 
_atom_sites.fract_transf_matrix[3][2]   -0.00154546 
_atom_sites.fract_transf_matrix[3][3]   0.00437196 
_atom_sites.fract_transf_vector[1]      0.216487 
_atom_sites.fract_transf_vector[2]      -0.151877 
_atom_sites.fract_transf_vector[3]      -0.115400 
# 
loop_
_atom_type.symbol 
C 
N 
O 
S 
# 
loop_
_atom_site.group_PDB 
_atom_site.id 
_atom_site.type_symbol 
_atom_site.label_atom_id 
_atom_site.label_alt_id 
_atom_site.label_comp_id 
_atom_site.label_asym_id 
_atom_site.label_entity_id 
_atom_site.label_seq_id 
_atom_site.pdbx_PDB_ins_code 
_atom_site.Cartn_x 
_atom_site.Cartn_y 
_atom_site.Cartn_z 
_atom_site.occupancy 
_atom_site.B_iso_or_equiv 
_atom_site.pdbx_formal_charge 
_atom_site.auth_seq_id 
_atom_site.auth_comp_id 
_atom_site.auth_asym_id 
_atom_site.auth_atom_id 
_atom_site.pdbx_PDB_model_num 
ATOM   1    N N   . CYS A 1 18  ? -11.165 3.731   -14.219 1.00 138.26 ? 43  CYS A N   1 
ATOM   2    C CA  . CYS A 1 18  ? -11.634 5.123   -13.827 1.00 112.95 ? 43  CYS A CA  1 
ATOM   3    C C   . CYS A 1 18  ? -10.475 5.947   -13.342 1.00 107.73 ? 43  CYS A C   1 
ATOM   4    O O   . CYS A 1 18  ? -9.542  6.244   -14.083 1.00 91.02  ? 43  CYS A O   1 
ATOM   5    C CB  . CYS A 1 18  ? -12.696 5.113   -12.697 1.00 112.84 ? 43  CYS A CB  1 
ATOM   6    S SG  . CYS A 1 18  ? -14.255 4.442   -13.326 1.00 148.71 ? 43  CYS A SG  1 
ATOM   7    N N   . SER A 1 19  ? -10.549 6.321   -12.075 1.00 112.65 ? 44  SER A N   1 
ATOM   8    C CA  . SER A 1 19  ? -9.509  7.131   -11.470 1.00 131.45 ? 44  SER A CA  1 
ATOM   9    C C   . SER A 1 19  ? -8.713  6.348   -10.446 1.00 135.39 ? 44  SER A C   1 
ATOM   10   O O   . SER A 1 19  ? -9.274  5.582   -9.664  1.00 127.58 ? 44  SER A O   1 
ATOM   11   C CB  . SER A 1 19  ? -10.116 8.359   -10.795 1.00 104.94 ? 44  SER A CB  1 
ATOM   12   O OG  . SER A 1 19  ? -10.508 9.342   -11.735 1.00 97.80  ? 44  SER A OG  1 
ATOM   13   N N   . ARG A 1 20  ? -7.397  6.535   -10.467 1.00 105.62 ? 45  ARG A N   1 
ATOM   14   C CA  . ARG A 1 20  ? -6.525  5.852   -9.522  1.00 101.68 ? 45  ARG A CA  1 
ATOM   15   C C   . ARG A 1 20  ? -6.861  6.436   -8.147  1.00 108.55 ? 45  ARG A C   1 
ATOM   16   O O   . ARG A 1 20  ? -6.882  7.660   -7.974  1.00 88.00  ? 45  ARG A O   1 
ATOM   17   C CB  . ARG A 1 20  ? -5.064  6.150   -9.840  1.00 128.71 ? 45  ARG A CB  1 
ATOM   18   C CG  . ARG A 1 20  ? -4.127  5.962   -8.649  1.00 131.54 ? 45  ARG A CG  1 
ATOM   19   C CD  . ARG A 1 20  ? -2.964  6.937   -8.734  1.00 151.36 ? 45  ARG A CD  1 
ATOM   20   N NE  . ARG A 1 20  ? -2.104  6.890   -7.557  1.00 131.52 ? 45  ARG A NE  1 
ATOM   21   C CZ  . ARG A 1 20  ? -1.195  7.814   -7.266  1.00 129.68 ? 45  ARG A CZ  1 
ATOM   22   N NH1 . ARG A 1 20  ? -1.034  8.862   -8.064  1.00 122.53 ? 45  ARG A NH1 1 
ATOM   23   N NH2 . ARG A 1 20  ? -0.448  7.693   -6.177  1.00 95.50  ? 45  ARG A NH2 1 
ATOM   24   N N   . ILE A 1 21  ? -7.109  5.569   -7.172  1.00 103.41 ? 46  ILE A N   1 
ATOM   25   C CA  . ILE A 1 21  ? -7.442  6.000   -5.821  1.00 72.12  ? 46  ILE A CA  1 
ATOM   26   C C   . ILE A 1 21  ? -6.175  6.306   -5.031  1.00 61.90  ? 46  ILE A C   1 
ATOM   27   O O   . ILE A 1 21  ? -5.190  5.569   -5.089  1.00 80.18  ? 46  ILE A O   1 
ATOM   28   C CB  . ILE A 1 21  ? -8.231  4.913   -5.081  1.00 71.05  ? 46  ILE A CB  1 
ATOM   29   C CG1 . ILE A 1 21  ? -9.547  4.653   -5.804  1.00 80.92  ? 46  ILE A CG1 1 
ATOM   30   C CG2 . ILE A 1 21  ? -8.516  5.353   -3.665  1.00 69.43  ? 46  ILE A CG2 1 
ATOM   31   C CD1 . ILE A 1 21  ? -10.306 3.467   -5.246  1.00 86.84  ? 46  ILE A CD1 1 
ATOM   32   N N   . TRP A 1 22  ? -6.207  7.399   -4.284  1.00 45.78  ? 47  TRP A N   1 
ATOM   33   C CA  . TRP A 1 22  ? -5.061  7.790   -3.489  1.00 66.68  ? 47  TRP A CA  1 
ATOM   34   C C   . TRP A 1 22  ? -5.432  7.974   -2.019  1.00 67.54  ? 47  TRP A C   1 
ATOM   35   O O   . TRP A 1 22  ? -6.105  8.934   -1.646  1.00 66.98  ? 47  TRP A O   1 
ATOM   36   C CB  . TRP A 1 22  ? -4.465  9.084   -4.050  1.00 60.47  ? 47  TRP A CB  1 
ATOM   37   C CG  . TRP A 1 22  ? -3.340  9.662   -3.221  1.00 68.02  ? 47  TRP A CG  1 
ATOM   38   C CD1 . TRP A 1 22  ? -3.370  10.812  -2.481  1.00 54.23  ? 47  TRP A CD1 1 
ATOM   39   C CD2 . TRP A 1 22  ? -2.032  9.094   -3.019  1.00 105.24 ? 47  TRP A CD2 1 
ATOM   40   N NE1 . TRP A 1 22  ? -2.166  10.998  -1.833  1.00 51.25  ? 47  TRP A NE1 1 
ATOM   41   C CE2 . TRP A 1 22  ? -1.330  9.963   -2.151  1.00 98.75  ? 47  TRP A CE2 1 
ATOM   42   C CE3 . TRP A 1 22  ? -1.393  7.943   -3.501  1.00 96.83  ? 47  TRP A CE3 1 
ATOM   43   C CZ2 . TRP A 1 22  ? -0.014  9.706   -1.741  1.00 80.37  ? 47  TRP A CZ2 1 
ATOM   44   C CZ3 . TRP A 1 22  ? -0.082  7.691   -3.093  1.00 82.37  ? 47  TRP A CZ3 1 
ATOM   45   C CH2 . TRP A 1 22  ? 0.591   8.572   -2.223  1.00 75.91  ? 47  TRP A CH2 1 
ATOM   46   N N   . GLN A 1 23  ? -4.997  7.037   -1.185  1.00 61.28  ? 48  GLN A N   1 
ATOM   47   C CA  . GLN A 1 23  ? -5.279  7.109   0.239   1.00 52.82  ? 48  GLN A CA  1 
ATOM   48   C C   . GLN A 1 23  ? -4.133  7.795   0.940   1.00 43.70  ? 48  GLN A C   1 
ATOM   49   O O   . GLN A 1 23  ? -2.978  7.642   0.566   1.00 54.63  ? 48  GLN A O   1 
ATOM   50   C CB  . GLN A 1 23  ? -5.460  5.715   0.843   1.00 74.80  ? 48  GLN A CB  1 
ATOM   51   C CG  . GLN A 1 23  ? -6.841  5.133   0.656   1.00 61.40  ? 48  GLN A CG  1 
ATOM   52   C CD  . GLN A 1 23  ? -7.094  3.981   1.600   1.00 62.19  ? 48  GLN A CD  1 
ATOM   53   O OE1 . GLN A 1 23  ? -6.915  4.113   2.808   1.00 72.90  ? 48  GLN A OE1 1 
ATOM   54   N NE2 . GLN A 1 23  ? -7.518  2.847   1.059   1.00 52.74  ? 48  GLN A NE2 1 
ATOM   55   N N   . SER A 1 24  ? -4.460  8.545   1.978   1.00 58.24  ? 49  SER A N   1 
ATOM   56   C CA  . SER A 1 24  ? -3.461  9.270   2.745   1.00 38.16  ? 49  SER A CA  1 
ATOM   57   C C   . SER A 1 24  ? -3.990  9.501   4.156   1.00 51.31  ? 49  SER A C   1 
ATOM   58   O O   . SER A 1 24  ? -5.200  9.643   4.337   1.00 70.76  ? 49  SER A O   1 
ATOM   59   C CB  . SER A 1 24  ? -3.181  10.608  2.089   1.00 51.94  ? 49  SER A CB  1 
ATOM   60   O OG  . SER A 1 24  ? -2.925  11.583  3.078   1.00 85.12  ? 49  SER A OG  1 
ATOM   61   N N   . PRO A 1 25  ? -3.103  9.485   5.153   1.00 45.86  ? 50  PRO A N   1 
ATOM   62   C CA  . PRO A 1 25  ? -1.658  9.259   5.036   1.00 51.46  ? 50  PRO A CA  1 
ATOM   63   C C   . PRO A 1 25  ? -1.407  7.770   5.018   1.00 50.55  ? 50  PRO A C   1 
ATOM   64   O O   . PRO A 1 25  ? -2.321  6.998   5.235   1.00 46.18  ? 50  PRO A O   1 
ATOM   65   C CB  . PRO A 1 25  ? -1.073  9.953   6.274   1.00 43.99  ? 50  PRO A CB  1 
ATOM   66   C CG  . PRO A 1 25  ? -2.202  9.890   7.240   1.00 35.50  ? 50  PRO A CG  1 
ATOM   67   C CD  . PRO A 1 25  ? -3.379  10.253  6.388   1.00 44.25  ? 50  PRO A CD  1 
ATOM   68   N N   . ARG A 1 26  ? -0.161  7.380   4.810   1.00 60.32  ? 51  ARG A N   1 
ATOM   69   C CA  . ARG A 1 26  ? 0.191   5.964   4.772   1.00 46.33  ? 51  ARG A CA  1 
ATOM   70   C C   . ARG A 1 26  ? 0.200   5.215   6.096   1.00 44.30  ? 51  ARG A C   1 
ATOM   71   O O   . ARG A 1 26  ? -0.187  4.049   6.150   1.00 54.54  ? 51  ARG A O   1 
ATOM   72   C CB  . ARG A 1 26  ? 1.550   5.796   4.096   1.00 60.85  ? 51  ARG A CB  1 
ATOM   73   C CG  . ARG A 1 26  ? 2.019   4.347   3.923   1.00 32.53  ? 51  ARG A CG  1 
ATOM   74   C CD  . ARG A 1 26  ? 3.412   4.283   3.331   1.00 54.02  ? 51  ARG A CD  1 
ATOM   75   N NE  . ARG A 1 26  ? 3.974   2.933   3.357   1.00 84.50  ? 51  ARG A NE  1 
ATOM   76   C CZ  . ARG A 1 26  ? 3.663   1.971   2.496   1.00 65.93  ? 51  ARG A CZ  1 
ATOM   77   N NH1 . ARG A 1 26  ? 2.785   2.208   1.536   1.00 40.20  ? 51  ARG A NH1 1 
ATOM   78   N NH2 . ARG A 1 26  ? 4.229   0.773   2.600   1.00 53.25  ? 51  ARG A NH2 1 
ATOM   79   N N   . PHE A 1 27  ? 0.625   5.875   7.161   1.00 50.24  ? 52  PHE A N   1 
ATOM   80   C CA  . PHE A 1 27  ? 0.689   5.223   8.453   1.00 36.04  ? 52  PHE A CA  1 
ATOM   81   C C   . PHE A 1 27  ? 0.682   6.264   9.580   1.00 45.25  ? 52  PHE A C   1 
ATOM   82   O O   . PHE A 1 27  ? 1.364   7.284   9.519   1.00 47.37  ? 52  PHE A O   1 
ATOM   83   C CB  . PHE A 1 27  ? 1.945   4.365   8.449   1.00 40.13  ? 52  PHE A CB  1 
ATOM   84   C CG  . PHE A 1 27  ? 2.531   4.153   9.795   1.00 78.30  ? 52  PHE A CG  1 
ATOM   85   C CD1 . PHE A 1 27  ? 2.209   3.032   10.546  1.00 74.75  ? 52  PHE A CD1 1 
ATOM   86   C CD2 . PHE A 1 27  ? 3.467   5.051   10.292  1.00 82.61  ? 52  PHE A CD2 1 
ATOM   87   C CE1 . PHE A 1 27  ? 2.768   2.846   11.806  1.00 53.66  ? 52  PHE A CE1 1 
ATOM   88   C CE2 . PHE A 1 27  ? 4.025   4.870   11.547  1.00 54.36  ? 52  PHE A CE2 1 
ATOM   89   C CZ  . PHE A 1 27  ? 3.697   3.750   12.290  1.00 48.91  ? 52  PHE A CZ  1 
ATOM   90   N N   . ILE A 1 28  ? -0.062  5.962   10.634  1.00 59.73  ? 53  ILE A N   1 
ATOM   91   C CA  . ILE A 1 28  ? -0.216  6.873   11.750  1.00 47.37  ? 53  ILE A CA  1 
ATOM   92   C C   . ILE A 1 28  ? -0.048  6.281   13.132  1.00 63.15  ? 53  ILE A C   1 
ATOM   93   O O   . ILE A 1 28  ? -0.467  5.156   13.391  1.00 59.97  ? 53  ILE A O   1 
ATOM   94   C CB  . ILE A 1 28  ? -1.625  7.481   11.692  1.00 38.13  ? 53  ILE A CB  1 
ATOM   95   C CG1 . ILE A 1 28  ? -1.864  8.124   10.331  1.00 46.83  ? 53  ILE A CG1 1 
ATOM   96   C CG2 . ILE A 1 28  ? -1.840  8.482   12.799  1.00 59.59  ? 53  ILE A CG2 1 
ATOM   97   C CD1 . ILE A 1 28  ? -3.216  8.790   10.223  1.00 49.04  ? 53  ILE A CD1 1 
ATOM   98   N N   . ALA A 1 29  ? 0.517   7.083   14.030  1.00 65.16  ? 54  ALA A N   1 
ATOM   99   C CA  . ALA A 1 29  ? 0.715   6.676   15.411  1.00 61.65  ? 54  ALA A CA  1 
ATOM   100  C C   . ALA A 1 29  ? 0.076   7.725   16.299  1.00 72.39  ? 54  ALA A C   1 
ATOM   101  O O   . ALA A 1 29  ? 0.362   8.916   16.156  1.00 72.03  ? 54  ALA A O   1 
ATOM   102  C CB  . ALA A 1 29  ? 2.200   6.574   15.740  1.00 43.42  ? 54  ALA A CB  1 
ATOM   103  N N   . ARG A 1 30  ? -0.813  7.291   17.189  1.00 52.80  ? 55  ARG A N   1 
ATOM   104  C CA  . ARG A 1 30  ? -1.462  8.208   18.130  1.00 65.78  ? 55  ARG A CA  1 
ATOM   105  C C   . ARG A 1 30  ? -1.864  7.525   19.432  1.00 80.58  ? 55  ARG A C   1 
ATOM   106  O O   . ARG A 1 30  ? -2.246  6.344   19.449  1.00 74.65  ? 55  ARG A O   1 
ATOM   107  C CB  . ARG A 1 30  ? -2.684  8.899   17.510  1.00 75.45  ? 55  ARG A CB  1 
ATOM   108  C CG  . ARG A 1 30  ? -2.317  10.115  16.681  1.00 76.43  ? 55  ARG A CG  1 
ATOM   109  C CD  . ARG A 1 30  ? -3.496  10.702  15.946  1.00 44.80  ? 55  ARG A CD  1 
ATOM   110  N NE  . ARG A 1 30  ? -3.045  11.471  14.789  1.00 55.62  ? 55  ARG A NE  1 
ATOM   111  C CZ  . ARG A 1 30  ? -3.853  12.040  13.901  1.00 72.89  ? 55  ARG A CZ  1 
ATOM   112  N NH1 . ARG A 1 30  ? -5.168  11.930  14.033  1.00 76.71  ? 55  ARG A NH1 1 
ATOM   113  N NH2 . ARG A 1 30  ? -3.345  12.716  12.878  1.00 68.48  ? 55  ARG A NH2 1 
ATOM   114  N N   . LYS A 1 31  ? -1.733  8.268   20.531  1.00 72.50  ? 56  LYS A N   1 
ATOM   115  C CA  . LYS A 1 31  ? -2.074  7.744   21.849  1.00 83.08  ? 56  LYS A CA  1 
ATOM   116  C C   . LYS A 1 31  ? -3.571  7.458   21.827  1.00 85.24  ? 56  LYS A C   1 
ATOM   117  O O   . LYS A 1 31  ? -4.337  8.142   21.139  1.00 95.01  ? 56  LYS A O   1 
ATOM   118  C CB  . LYS A 1 31  ? -1.773  8.777   22.940  1.00 102.31 ? 56  LYS A CB  1 
ATOM   119  C CG  . LYS A 1 31  ? -0.300  8.945   23.285  1.00 119.57 ? 56  LYS A CG  1 
ATOM   120  C CD  . LYS A 1 31  ? -0.086  10.062  24.309  1.00 138.89 ? 56  LYS A CD  1 
ATOM   121  C CE  . LYS A 1 31  ? 1.395   10.279  24.621  1.00 158.10 ? 56  LYS A CE  1 
ATOM   122  N NZ  . LYS A 1 31  ? 1.631   11.441  25.533  1.00 102.80 ? 56  LYS A NZ  1 
ATOM   123  N N   . ARG A 1 32  ? -3.988  6.445   22.576  1.00 69.75  ? 57  ARG A N   1 
ATOM   124  C CA  . ARG A 1 32  ? -5.398  6.072   22.647  1.00 71.01  ? 57  ARG A CA  1 
ATOM   125  C C   . ARG A 1 32  ? -6.286  7.259   23.011  1.00 89.50  ? 57  ARG A C   1 
ATOM   126  O O   . ARG A 1 32  ? -5.819  8.239   23.608  1.00 73.78  ? 57  ARG A O   1 
ATOM   127  C CB  . ARG A 1 32  ? -5.577  4.982   23.692  1.00 90.02  ? 57  ARG A CB  1 
ATOM   128  C CG  . ARG A 1 32  ? -4.817  5.251   24.993  1.00 92.22  ? 57  ARG A CG  1 
ATOM   129  C CD  . ARG A 1 32  ? -5.202  4.270   26.092  1.00 124.28 ? 57  ARG A CD  1 
ATOM   130  N NE  . ARG A 1 32  ? -4.299  4.347   27.237  1.00 136.90 ? 57  ARG A NE  1 
ATOM   131  C CZ  . ARG A 1 32  ? -3.287  3.511   27.449  1.00 141.40 ? 57  ARG A CZ  1 
ATOM   132  N NH1 . ARG A 1 32  ? -3.043  2.523   26.599  1.00 122.82 ? 57  ARG A NH1 1 
ATOM   133  N NH2 . ARG A 1 32  ? -2.508  3.671   28.509  1.00 126.86 ? 57  ARG A NH2 1 
ATOM   134  N N   . GLY A 1 33  ? -7.564  7.181   22.644  1.00 61.60  ? 58  GLY A N   1 
ATOM   135  C CA  . GLY A 1 33  ? -8.468  8.264   22.978  1.00 86.88  ? 58  GLY A CA  1 
ATOM   136  C C   . GLY A 1 33  ? -8.593  9.418   22.016  1.00 71.83  ? 58  GLY A C   1 
ATOM   137  O O   . GLY A 1 33  ? -9.637  10.060  21.926  1.00 78.55  ? 58  GLY A O   1 
ATOM   138  N N   . PHE A 1 34  ? -7.504  9.727   21.335  1.00 76.24  ? 59  PHE A N   1 
ATOM   139  C CA  . PHE A 1 34  ? -7.515  10.830  20.391  1.00 76.93  ? 59  PHE A CA  1 
ATOM   140  C C   . PHE A 1 34  ? -8.399  10.396  19.220  1.00 87.79  ? 59  PHE A C   1 
ATOM   141  O O   . PHE A 1 34  ? -8.639  9.190   19.032  1.00 69.53  ? 59  PHE A O   1 
ATOM   142  C CB  . PHE A 1 34  ? -6.117  11.058  19.855  1.00 69.51  ? 59  PHE A CB  1 
ATOM   143  C CG  . PHE A 1 34  ? -5.219  11.761  20.804  1.00 69.04  ? 59  PHE A CG  1 
ATOM   144  C CD1 . PHE A 1 34  ? -5.213  13.151  20.865  1.00 95.65  ? 59  PHE A CD1 1 
ATOM   145  C CD2 . PHE A 1 34  ? -4.327  11.044  21.596  1.00 83.05  ? 59  PHE A CD2 1 
ATOM   146  C CE1 . PHE A 1 34  ? -4.379  13.820  21.757  1.00 74.25  ? 59  PHE A CE1 1 
ATOM   147  C CE2 . PHE A 1 34  ? -3.491  11.703  22.491  1.00 109.10 ? 59  PHE A CE2 1 
ATOM   148  C CZ  . PHE A 1 34  ? -3.497  13.096  22.548  1.00 85.10  ? 59  PHE A CZ  1 
ATOM   149  N N   . THR A 1 35  ? -8.887  11.355  18.430  1.00 71.84  ? 60  THR A N   1 
ATOM   150  C CA  . THR A 1 35  ? -9.712  10.989  17.279  1.00 88.63  ? 60  THR A CA  1 
ATOM   151  C C   . THR A 1 35  ? -8.770  11.029  16.071  1.00 77.39  ? 60  THR A C   1 
ATOM   152  O O   . THR A 1 35  ? -7.741  11.716  16.083  1.00 56.14  ? 60  THR A O   1 
ATOM   153  C CB  . THR A 1 35  ? -10.910 11.944  17.068  1.00 77.38  ? 60  THR A CB  1 
ATOM   154  O OG1 . THR A 1 35  ? -10.452 13.177  16.506  1.00 74.81  ? 60  THR A OG1 1 
ATOM   155  C CG2 . THR A 1 35  ? -11.610 12.198  18.393  1.00 98.68  ? 60  THR A CG2 1 
ATOM   156  N N   . VAL A 1 36  ? -9.128  10.296  15.026  1.00 71.22  ? 61  VAL A N   1 
ATOM   157  C CA  . VAL A 1 36  ? -8.292  10.192  13.838  1.00 49.89  ? 61  VAL A CA  1 
ATOM   158  C C   . VAL A 1 36  ? -9.051  10.197  12.513  1.00 52.08  ? 61  VAL A C   1 
ATOM   159  O O   . VAL A 1 36  ? -10.051 9.503   12.370  1.00 63.39  ? 61  VAL A O   1 
ATOM   160  C CB  . VAL A 1 36  ? -7.485  8.888   13.945  1.00 43.89  ? 61  VAL A CB  1 
ATOM   161  C CG1 . VAL A 1 36  ? -7.125  8.353   12.585  1.00 38.78  ? 61  VAL A CG1 1 
ATOM   162  C CG2 . VAL A 1 36  ? -6.243  9.120   14.777  1.00 72.20  ? 61  VAL A CG2 1 
ATOM   163  N N   . LYS A 1 37  ? -8.545  10.938  11.534  1.00 47.27  ? 62  LYS A N   1 
ATOM   164  C CA  . LYS A 1 37  ? -9.192  10.986  10.234  1.00 60.91  ? 62  LYS A CA  1 
ATOM   165  C C   . LYS A 1 37  ? -8.321  10.336  9.155   1.00 63.17  ? 62  LYS A C   1 
ATOM   166  O O   . LYS A 1 37  ? -7.102  10.480  9.164   1.00 51.57  ? 62  LYS A O   1 
ATOM   167  C CB  . LYS A 1 37  ? -9.504  12.441  9.861   1.00 49.65  ? 62  LYS A CB  1 
ATOM   168  C CG  . LYS A 1 37  ? -10.534 13.105  10.773  1.00 52.39  ? 62  LYS A CG  1 
ATOM   169  C CD  . LYS A 1 37  ? -10.959 14.474  10.259  1.00 79.16  ? 62  LYS A CD  1 
ATOM   170  C CE  . LYS A 1 37  ? -12.030 15.086  11.150  1.00 95.90  ? 62  LYS A CE  1 
ATOM   171  N NZ  . LYS A 1 37  ? -12.716 16.240  10.507  1.00 111.03 ? 62  LYS A NZ  1 
ATOM   172  N N   . MET A 1 38  ? -8.952  9.612   8.239   1.00 43.74  ? 63  MET A N   1 
ATOM   173  C CA  . MET A 1 38  ? -8.240  8.960   7.158   1.00 36.64  ? 63  MET A CA  1 
ATOM   174  C C   . MET A 1 38  ? -8.800  9.437   5.832   1.00 51.13  ? 63  MET A C   1 
ATOM   175  O O   . MET A 1 38  ? -10.007 9.585   5.673   1.00 58.77  ? 63  MET A O   1 
ATOM   176  C CB  . MET A 1 38  ? -8.353  7.445   7.319   1.00 53.14  ? 63  MET A CB  1 
ATOM   177  C CG  . MET A 1 38  ? -7.502  6.960   8.482   1.00 35.64  ? 63  MET A CG  1 
ATOM   178  S SD  . MET A 1 38  ? -7.853  5.251   8.848   1.00 57.39  ? 63  MET A SD  1 
ATOM   179  C CE  . MET A 1 38  ? -9.171  5.456   10.051  1.00 95.93  ? 63  MET A CE  1 
ATOM   180  N N   . HIS A 1 39  ? -7.911  9.653   4.874   1.00 53.25  ? 64  HIS A N   1 
ATOM   181  C CA  . HIS A 1 39  ? -8.309  10.152  3.580   1.00 39.46  ? 64  HIS A CA  1 
ATOM   182  C C   . HIS A 1 39  ? -8.218  9.216   2.394   1.00 47.80  ? 64  HIS A C   1 
ATOM   183  O O   . HIS A 1 39  ? -7.383  8.318   2.362   1.00 64.27  ? 64  HIS A O   1 
ATOM   184  C CB  . HIS A 1 39  ? -7.510  11.415  3.342   1.00 62.32  ? 64  HIS A CB  1 
ATOM   185  C CG  . HIS A 1 39  ? -7.538  12.355  4.506   1.00 51.74  ? 64  HIS A CG  1 
ATOM   186  N ND1 . HIS A 1 39  ? -8.691  12.986  4.934   1.00 48.52  ? 64  HIS A ND1 1 
ATOM   187  C CD2 . HIS A 1 39  ? -6.563  12.781  5.350   1.00 64.74  ? 64  HIS A CD2 1 
ATOM   188  C CE1 . HIS A 1 39  ? -8.425  13.753  5.974   1.00 62.38  ? 64  HIS A CE1 1 
ATOM   189  N NE2 . HIS A 1 39  ? -7.128  13.642  6.243   1.00 75.79  ? 64  HIS A NE2 1 
ATOM   190  N N   . CYS A 1 40  ? -9.071  9.470   1.406   1.00 37.52  ? 65  CYS A N   1 
ATOM   191  C CA  . CYS A 1 40  ? -9.131  8.664   0.205   1.00 46.47  ? 65  CYS A CA  1 
ATOM   192  C C   . CYS A 1 40  ? -9.622  9.552   -0.946  1.00 56.49  ? 65  CYS A C   1 
ATOM   193  O O   . CYS A 1 40  ? -10.785 9.960   -0.993  1.00 58.59  ? 65  CYS A O   1 
ATOM   194  C CB  . CYS A 1 40  ? -10.088 7.498   0.472   1.00 43.31  ? 65  CYS A CB  1 
ATOM   195  S SG  . CYS A 1 40  ? -10.580 6.408   -0.919  1.00 62.55  ? 65  CYS A SG  1 
ATOM   196  N N   . TYR A 1 41  ? -8.720  9.832   -1.876  1.00 63.46  ? 66  TYR A N   1 
ATOM   197  C CA  . TYR A 1 41  ? -9.016  10.666  -3.021  1.00 40.93  ? 66  TYR A CA  1 
ATOM   198  C C   . TYR A 1 41  ? -9.315  9.893   -4.284  1.00 57.50  ? 66  TYR A C   1 
ATOM   199  O O   . TYR A 1 41  ? -8.497  9.097   -4.739  1.00 70.82  ? 66  TYR A O   1 
ATOM   200  C CB  . TYR A 1 41  ? -7.842  11.597  -3.233  1.00 53.07  ? 66  TYR A CB  1 
ATOM   201  C CG  . TYR A 1 41  ? -7.586  12.507  -2.061  1.00 49.78  ? 66  TYR A CG  1 
ATOM   202  C CD1 . TYR A 1 41  ? -8.058  13.818  -2.065  1.00 56.29  ? 66  TYR A CD1 1 
ATOM   203  C CD2 . TYR A 1 41  ? -6.946  12.039  -0.916  1.00 54.04  ? 66  TYR A CD2 1 
ATOM   204  C CE1 . TYR A 1 41  ? -7.829  14.670  -0.988  1.00 61.56  ? 66  TYR A CE1 1 
ATOM   205  C CE2 . TYR A 1 41  ? -6.714  12.882  0.170   1.00 69.06  ? 66  TYR A CE2 1 
ATOM   206  C CZ  . TYR A 1 41  ? -7.194  14.183  0.134   1.00 57.61  ? 66  TYR A CZ  1 
ATOM   207  O OH  . TYR A 1 41  ? -6.968  15.026  1.184   1.00 50.31  ? 66  TYR A OH  1 
ATOM   208  N N   . MET A 1 42  ? -10.484 10.159  -4.858  1.00 47.72  ? 67  MET A N   1 
ATOM   209  C CA  . MET A 1 42  ? -10.902 9.478   -6.071  1.00 84.50  ? 67  MET A CA  1 
ATOM   210  C C   . MET A 1 42  ? -11.592 10.403  -7.065  1.00 95.82  ? 67  MET A C   1 
ATOM   211  O O   . MET A 1 42  ? -11.239 11.584  -7.151  1.00 91.71  ? 67  MET A O   1 
ATOM   212  C CB  . MET A 1 42  ? -11.810 8.314   -5.688  1.00 106.77 ? 67  MET A CB  1 
ATOM   213  C CG  . MET A 1 42  ? -12.638 8.548   -4.423  1.00 74.50  ? 67  MET A CG  1 
ATOM   214  S SD  . MET A 1 42  ? -13.776 9.910   -4.590  1.00 95.35  ? 67  MET A SD  1 
ATOM   215  C CE  . MET A 1 42  ? -14.211 10.213  -2.896  1.00 71.06  ? 67  MET A CE  1 
ATOM   216  N N   . ASN A 1 43  ? -12.566 9.874   -7.808  1.00 108.90 ? 68  ASN A N   1 
ATOM   217  C CA  . ASN A 1 43  ? -13.285 10.685  -8.785  1.00 127.27 ? 68  ASN A CA  1 
ATOM   218  C C   . ASN A 1 43  ? -14.811 10.597  -8.666  1.00 110.54 ? 68  ASN A C   1 
ATOM   219  O O   . ASN A 1 43  ? -15.540 11.312  -9.353  1.00 81.77  ? 68  ASN A O   1 
ATOM   220  C CB  . ASN A 1 43  ? -12.826 10.302  -10.196 1.00 133.85 ? 68  ASN A CB  1 
ATOM   221  C CG  . ASN A 1 43  ? -13.749 9.322   -10.866 1.00 137.88 ? 68  ASN A CG  1 
ATOM   222  O OD1 . ASN A 1 43  ? -14.801 9.700   -11.375 1.00 134.39 ? 68  ASN A OD1 1 
ATOM   223  N ND2 . ASN A 1 43  ? -13.371 8.049   -10.856 1.00 143.51 ? 68  ASN A ND2 1 
ATOM   224  N N   . SER A 1 44  ? -15.267 9.709   -7.788  1.00 114.86 ? 69  SER A N   1 
ATOM   225  C CA  . SER A 1 44  ? -16.678 9.473   -7.516  1.00 132.56 ? 69  SER A CA  1 
ATOM   226  C C   . SER A 1 44  ? -17.588 8.999   -8.660  1.00 130.51 ? 69  SER A C   1 
ATOM   227  O O   . SER A 1 44  ? -18.804 8.877   -8.464  1.00 92.07  ? 69  SER A O   1 
ATOM   228  C CB  . SER A 1 44  ? -17.268 10.719  -6.842  1.00 102.83 ? 69  SER A CB  1 
ATOM   229  O OG  . SER A 1 44  ? -17.660 11.700  -7.777  1.00 147.17 ? 69  SER A OG  1 
ATOM   230  N N   . ALA A 1 45  ? -17.011 8.745   -9.838  1.00 138.20 ? 70  ALA A N   1 
ATOM   231  C CA  . ALA A 1 45  ? -17.796 8.268   -10.972 1.00 115.55 ? 70  ALA A CA  1 
ATOM   232  C C   . ALA A 1 45  ? -18.014 6.811   -10.506 1.00 135.39 ? 70  ALA A C   1 
ATOM   233  O O   . ALA A 1 45  ? -17.048 6.047   -10.295 1.00 98.60  ? 70  ALA A O   1 
ATOM   234  C CB  . ALA A 1 45  ? -16.970 8.301   -12.243 1.00 126.57 ? 70  ALA A CB  1 
ATOM   235  N N   . SER A 1 46  ? -19.283 6.426   -10.357 1.00 153.08 ? 71  SER A N   1 
ATOM   236  C CA  . SER A 1 46  ? -19.672 5.089   -9.871  1.00 157.08 ? 71  SER A CA  1 
ATOM   237  C C   . SER A 1 46  ? -18.924 4.955   -8.565  1.00 143.64 ? 71  SER A C   1 
ATOM   238  O O   . SER A 1 46  ? -18.737 3.865   -8.009  1.00 138.70 ? 71  SER A O   1 
ATOM   239  C CB  . SER A 1 46  ? -19.272 3.945   -10.813 1.00 162.62 ? 71  SER A CB  1 
ATOM   240  O OG  . SER A 1 46  ? -20.263 3.750   -11.801 1.00 123.04 ? 71  SER A OG  1 
ATOM   241  N N   . GLY A 1 47  ? -18.517 6.109   -8.056  1.00 126.89 ? 72  GLY A N   1 
ATOM   242  C CA  . GLY A 1 47  ? -17.801 6.150   -6.799  1.00 133.66 ? 72  GLY A CA  1 
ATOM   243  C C   . GLY A 1 47  ? -18.382 5.536   -5.543  1.00 130.14 ? 72  GLY A C   1 
ATOM   244  O O   . GLY A 1 47  ? -18.352 4.312   -5.366  1.00 118.59 ? 72  GLY A O   1 
ATOM   245  N N   . ASN A 1 48  ? -18.971 6.407   -4.726  1.00 79.63  ? 73  ASN A N   1 
ATOM   246  C CA  . ASN A 1 48  ? -19.539 6.037   -3.446  1.00 91.91  ? 73  ASN A CA  1 
ATOM   247  C C   . ASN A 1 48  ? -18.613 4.978   -2.858  1.00 80.89  ? 73  ASN A C   1 
ATOM   248  O O   . ASN A 1 48  ? -18.706 3.776   -3.111  1.00 69.18  ? 73  ASN A O   1 
ATOM   249  C CB  . ASN A 1 48  ? -20.975 5.495   -3.486  1.00 115.21 ? 73  ASN A CB  1 
ATOM   250  C CG  . ASN A 1 48  ? -21.633 5.637   -2.126  1.00 115.49 ? 73  ASN A CG  1 
ATOM   251  O OD1 . ASN A 1 48  ? -22.149 6.709   -1.777  1.00 82.04  ? 73  ASN A OD1 1 
ATOM   252  N ND2 . ASN A 1 48  ? -21.535 4.589   -1.312  1.00 82.78  ? 73  ASN A ND2 1 
ATOM   253  N N   . VAL A 1 49  ? -17.687 5.465   -2.056  1.00 80.43  ? 74  VAL A N   1 
ATOM   254  C CA  . VAL A 1 49  ? -16.698 4.624   -1.409  1.00 72.83  ? 74  VAL A CA  1 
ATOM   255  C C   . VAL A 1 49  ? -17.156 3.792   -0.235  1.00 68.44  ? 74  VAL A C   1 
ATOM   256  O O   . VAL A 1 49  ? -18.085 4.161   0.474   1.00 80.48  ? 74  VAL A O   1 
ATOM   257  C CB  . VAL A 1 49  ? -15.514 5.487   -0.934  1.00 61.03  ? 74  VAL A CB  1 
ATOM   258  C CG1 . VAL A 1 49  ? -14.435 4.621   -0.300  1.00 95.11  ? 74  VAL A CG1 1 
ATOM   259  C CG2 . VAL A 1 49  ? -14.948 6.273   -2.103  1.00 91.77  ? 74  VAL A CG2 1 
ATOM   260  N N   . SER A 1 50  ? -16.491 2.656   -0.052  1.00 57.06  ? 75  SER A N   1 
ATOM   261  C CA  . SER A 1 50  ? -16.775 1.756   1.061   1.00 66.55  ? 75  SER A CA  1 
ATOM   262  C C   . SER A 1 50  ? -15.406 1.489   1.690   1.00 70.07  ? 75  SER A C   1 
ATOM   263  O O   . SER A 1 50  ? -14.389 1.462   0.992   1.00 69.18  ? 75  SER A O   1 
ATOM   264  C CB  . SER A 1 50  ? -17.418 0.444   0.586   1.00 75.53  ? 75  SER A CB  1 
ATOM   265  O OG  . SER A 1 50  ? -17.002 0.143   -0.721  1.00 88.63  ? 75  SER A OG  1 
ATOM   266  N N   . TRP A 1 51  ? -15.372 1.322   3.006   1.00 60.45  ? 76  TRP A N   1 
ATOM   267  C CA  . TRP A 1 51  ? -14.110 1.072   3.695   1.00 59.89  ? 76  TRP A CA  1 
ATOM   268  C C   . TRP A 1 51  ? -13.925 -0.369  4.198   1.00 75.92  ? 76  TRP A C   1 
ATOM   269  O O   . TRP A 1 51  ? -14.846 -0.964  4.763   1.00 79.01  ? 76  TRP A O   1 
ATOM   270  C CB  . TRP A 1 51  ? -13.968 2.038   4.879   1.00 51.10  ? 76  TRP A CB  1 
ATOM   271  C CG  . TRP A 1 51  ? -13.885 3.495   4.506   1.00 49.15  ? 76  TRP A CG  1 
ATOM   272  C CD1 . TRP A 1 51  ? -14.919 4.324   4.196   1.00 67.00  ? 76  TRP A CD1 1 
ATOM   273  C CD2 . TRP A 1 51  ? -12.697 4.285   4.396   1.00 55.69  ? 76  TRP A CD2 1 
ATOM   274  N NE1 . TRP A 1 51  ? -14.452 5.581   3.904   1.00 63.63  ? 76  TRP A NE1 1 
ATOM   275  C CE2 . TRP A 1 51  ? -13.083 5.586   4.033   1.00 60.55  ? 76  TRP A CE2 1 
ATOM   276  C CE3 . TRP A 1 51  ? -11.331 4.014   4.594   1.00 52.27  ? 76  TRP A CE3 1 
ATOM   277  C CZ2 . TRP A 1 51  ? -12.168 6.618   3.822   1.00 55.66  ? 76  TRP A CZ2 1 
ATOM   278  C CZ3 . TRP A 1 51  ? -10.410 5.038   4.387   1.00 54.07  ? 76  TRP A CZ3 1 
ATOM   279  C CH2 . TRP A 1 51  ? -10.838 6.332   4.024   1.00 75.34  ? 76  TRP A CH2 1 
ATOM   280  N N   . LEU A 1 52  ? -12.727 -0.916  3.992   1.00 72.91  ? 77  LEU A N   1 
ATOM   281  C CA  . LEU A 1 52  ? -12.414 -2.267  4.436   1.00 61.92  ? 77  LEU A CA  1 
ATOM   282  C C   . LEU A 1 52  ? -11.366 -2.252  5.554   1.00 63.04  ? 77  LEU A C   1 
ATOM   283  O O   . LEU A 1 52  ? -10.673 -1.253  5.767   1.00 70.76  ? 77  LEU A O   1 
ATOM   284  C CB  . LEU A 1 52  ? -11.937 -3.106  3.251   1.00 54.46  ? 77  LEU A CB  1 
ATOM   285  C CG  . LEU A 1 52  ? -13.027 -3.274  2.195   1.00 73.19  ? 77  LEU A CG  1 
ATOM   286  C CD1 . LEU A 1 52  ? -12.426 -3.873  0.941   1.00 88.87  ? 77  LEU A CD1 1 
ATOM   287  C CD2 . LEU A 1 52  ? -14.143 -4.152  2.741   1.00 100.12 ? 77  LEU A CD2 1 
ATOM   288  N N   . TRP A 1 53  ? -11.237 -3.376  6.251   1.00 71.39  ? 78  TRP A N   1 
ATOM   289  C CA  . TRP A 1 53  ? -10.301 -3.479  7.366   1.00 59.51  ? 78  TRP A CA  1 
ATOM   290  C C   . TRP A 1 53  ? -9.451  -4.763  7.369   1.00 82.33  ? 78  TRP A C   1 
ATOM   291  O O   . TRP A 1 53  ? -9.887  -5.805  6.880   1.00 85.54  ? 78  TRP A O   1 
ATOM   292  C CB  . TRP A 1 53  ? -11.130 -3.372  8.639   1.00 57.21  ? 78  TRP A CB  1 
ATOM   293  C CG  . TRP A 1 53  ? -10.373 -3.204  9.886   1.00 64.68  ? 78  TRP A CG  1 
ATOM   294  C CD1 . TRP A 1 53  ? -9.079  -2.810  10.006  1.00 78.13  ? 78  TRP A CD1 1 
ATOM   295  C CD2 . TRP A 1 53  ? -10.861 -3.392  11.217  1.00 96.48  ? 78  TRP A CD2 1 
ATOM   296  N NE1 . TRP A 1 53  ? -8.724  -2.725  11.329  1.00 84.49  ? 78  TRP A NE1 1 
ATOM   297  C CE2 . TRP A 1 53  ? -9.811  -3.055  12.100  1.00 92.14  ? 78  TRP A CE2 1 
ATOM   298  C CE3 . TRP A 1 53  ? -12.106 -3.757  11.757  1.00 93.56  ? 78  TRP A CE3 1 
ATOM   299  C CZ2 . TRP A 1 53  ? -9.935  -3.140  13.490  1.00 98.52  ? 78  TRP A CZ2 1 
ATOM   300  C CZ3 . TRP A 1 53  ? -12.235 -3.836  13.144  1.00 80.42  ? 78  TRP A CZ3 1 
ATOM   301  C CH2 . TRP A 1 53  ? -11.161 -3.499  13.994  1.00 93.34  ? 78  TRP A CH2 1 
ATOM   302  N N   . LYS A 1 54  ? -8.247  -4.676  7.932   1.00 70.14  ? 79  LYS A N   1 
ATOM   303  C CA  . LYS A 1 54  ? -7.336  -5.809  8.008   1.00 69.13  ? 79  LYS A CA  1 
ATOM   304  C C   . LYS A 1 54  ? -6.622  -5.731  9.359   1.00 66.26  ? 79  LYS A C   1 
ATOM   305  O O   . LYS A 1 54  ? -5.791  -4.844  9.582   1.00 75.25  ? 79  LYS A O   1 
ATOM   306  C CB  . LYS A 1 54  ? -6.331  -5.728  6.855   1.00 54.51  ? 79  LYS A CB  1 
ATOM   307  C CG  . LYS A 1 54  ? -5.880  -7.079  6.345   1.00 86.88  ? 79  LYS A CG  1 
ATOM   308  C CD  . LYS A 1 54  ? -4.943  -6.940  5.156   1.00 121.47 ? 79  LYS A CD  1 
ATOM   309  C CE  . LYS A 1 54  ? -4.385  -8.290  4.729   1.00 145.71 ? 79  LYS A CE  1 
ATOM   310  N NZ  . LYS A 1 54  ? -3.244  -8.168  3.777   1.00 108.77 ? 79  LYS A NZ  1 
ATOM   311  N N   . GLN A 1 55  ? -6.950  -6.661  10.253  1.00 73.68  ? 80  GLN A N   1 
ATOM   312  C CA  . GLN A 1 55  ? -6.360  -6.689  11.585  1.00 82.09  ? 80  GLN A CA  1 
ATOM   313  C C   . GLN A 1 55  ? -4.929  -7.209  11.657  1.00 115.48 ? 80  GLN A C   1 
ATOM   314  O O   . GLN A 1 55  ? -4.229  -7.012  12.661  1.00 84.57  ? 80  GLN A O   1 
ATOM   315  C CB  . GLN A 1 55  ? -7.264  -7.494  12.513  1.00 85.32  ? 80  GLN A CB  1 
ATOM   316  C CG  . GLN A 1 55  ? -6.929  -7.380  13.990  1.00 125.45 ? 80  GLN A CG  1 
ATOM   317  C CD  . GLN A 1 55  ? -7.271  -6.021  14.564  1.00 137.50 ? 80  GLN A CD  1 
ATOM   318  O OE1 . GLN A 1 55  ? -8.291  -5.434  14.209  1.00 133.16 ? 80  GLN A OE1 1 
ATOM   319  N NE2 . GLN A 1 55  ? -6.437  -5.527  15.477  1.00 103.13 ? 80  GLN A NE2 1 
ATOM   320  N N   . GLU A 1 56  ? -4.509  -7.874  10.585  1.00 124.54 ? 81  GLU A N   1 
ATOM   321  C CA  . GLU A 1 56  ? -3.158  -8.419  10.474  1.00 117.72 ? 81  GLU A CA  1 
ATOM   322  C C   . GLU A 1 56  ? -2.890  -8.471  8.974   1.00 127.79 ? 81  GLU A C   1 
ATOM   323  O O   . GLU A 1 56  ? -3.778  -8.174  8.170   1.00 117.23 ? 81  GLU A O   1 
ATOM   324  C CB  . GLU A 1 56  ? -3.063  -9.839  11.048  1.00 139.94 ? 81  GLU A CB  1 
ATOM   325  C CG  . GLU A 1 56  ? -3.808  -10.043 12.338  1.00 126.87 ? 81  GLU A CG  1 
ATOM   326  C CD  . GLU A 1 56  ? -4.611  -11.323 12.318  1.00 128.14 ? 81  GLU A CD  1 
ATOM   327  O OE1 . GLU A 1 56  ? -5.159  -11.658 11.240  1.00 98.22  ? 81  GLU A OE1 1 
ATOM   328  O OE2 . GLU A 1 56  ? -4.710  -11.979 13.377  1.00 117.21 ? 81  GLU A OE2 1 
ATOM   329  N N   . MET A 1 57  ? -1.671  -8.834  8.589   1.00 156.17 ? 82  MET A N   1 
ATOM   330  C CA  . MET A 1 57  ? -1.327  -8.910  7.172   1.00 155.45 ? 82  MET A CA  1 
ATOM   331  C C   . MET A 1 57  ? -1.778  -10.251 6.585   1.00 156.77 ? 82  MET A C   1 
ATOM   332  O O   . MET A 1 57  ? -2.104  -10.340 5.399   1.00 116.48 ? 82  MET A O   1 
ATOM   333  C CB  . MET A 1 57  ? 0.183   -8.738  6.988   1.00 149.15 ? 82  MET A CB  1 
ATOM   334  C CG  . MET A 1 57  ? 0.669   -7.299  7.095   1.00 150.90 ? 82  MET A CG  1 
ATOM   335  S SD  . MET A 1 57  ? 0.641   -6.427  5.517   1.00 154.55 ? 82  MET A SD  1 
ATOM   336  C CE  . MET A 1 57  ? 2.274   -6.847  4.883   1.00 125.17 ? 82  MET A CE  1 
ATOM   337  N N   . ASP A 1 58  ? -1.807  -11.285 7.424   1.00 168.81 ? 83  ASP A N   1 
ATOM   338  C CA  . ASP A 1 58  ? -2.219  -12.625 6.996   1.00 165.14 ? 83  ASP A CA  1 
ATOM   339  C C   . ASP A 1 58  ? -3.688  -12.602 6.591   1.00 159.62 ? 83  ASP A C   1 
ATOM   340  O O   . ASP A 1 58  ? -4.076  -13.154 5.560   1.00 160.54 ? 83  ASP A O   1 
ATOM   341  C CB  . ASP A 1 58  ? -2.059  -13.639 8.136   1.00 167.06 ? 83  ASP A CB  1 
ATOM   342  C CG  . ASP A 1 58  ? -1.103  -13.167 9.217   1.00 172.13 ? 83  ASP A CG  1 
ATOM   343  O OD1 . ASP A 1 58  ? -1.371  -12.114 9.837   1.00 159.36 ? 83  ASP A OD1 1 
ATOM   344  O OD2 . ASP A 1 58  ? -0.085  -13.852 9.448   1.00 161.81 ? 83  ASP A OD2 1 
ATOM   345  N N   . GLU A 1 59  ? -4.497  -11.960 7.426   1.00 144.85 ? 84  GLU A N   1 
ATOM   346  C CA  . GLU A 1 59  ? -5.930  -11.846 7.209   1.00 115.29 ? 84  GLU A CA  1 
ATOM   347  C C   . GLU A 1 59  ? -6.251  -11.275 5.830   1.00 115.62 ? 84  GLU A C   1 
ATOM   348  O O   . GLU A 1 59  ? -5.349  -10.980 5.040   1.00 93.99  ? 84  GLU A O   1 
ATOM   349  C CB  . GLU A 1 59  ? -6.525  -10.962 8.301   1.00 108.49 ? 84  GLU A CB  1 
ATOM   350  C CG  . GLU A 1 59  ? -8.036  -10.974 8.382   1.00 123.47 ? 84  GLU A CG  1 
ATOM   351  C CD  . GLU A 1 59  ? -8.565  -9.930  9.343   1.00 108.44 ? 84  GLU A CD  1 
ATOM   352  O OE1 . GLU A 1 59  ? -9.702  -9.455  9.141   1.00 112.59 ? 84  GLU A OE1 1 
ATOM   353  O OE2 . GLU A 1 59  ? -7.850  -9.595  10.308  1.00 111.53 ? 84  GLU A OE2 1 
ATOM   354  N N   . ASN A 1 60  ? -7.541  -11.142 5.535   1.00 129.17 ? 85  ASN A N   1 
ATOM   355  C CA  . ASN A 1 60  ? -7.956  -10.595 4.251   1.00 118.49 ? 85  ASN A CA  1 
ATOM   356  C C   . ASN A 1 60  ? -8.791  -9.341  4.515   1.00 112.55 ? 85  ASN A C   1 
ATOM   357  O O   . ASN A 1 60  ? -9.475  -9.241  5.533   1.00 103.00 ? 85  ASN A O   1 
ATOM   358  C CB  . ASN A 1 60  ? -8.775  -11.620 3.458   1.00 115.12 ? 85  ASN A CB  1 
ATOM   359  C CG  . ASN A 1 60  ? -8.536  -11.509 1.967   1.00 128.46 ? 85  ASN A CG  1 
ATOM   360  O OD1 . ASN A 1 60  ? -7.407  -11.273 1.531   1.00 130.41 ? 85  ASN A OD1 1 
ATOM   361  N ND2 . ASN A 1 60  ? -9.584  -11.694 1.175   1.00 118.13 ? 85  ASN A ND2 1 
ATOM   362  N N   . PRO A 1 61  ? -8.715  -8.347  3.612   1.00 115.81 ? 86  PRO A N   1 
ATOM   363  C CA  . PRO A 1 61  ? -9.463  -7.087  3.736   1.00 110.03 ? 86  PRO A CA  1 
ATOM   364  C C   . PRO A 1 61  ? -10.930 -7.366  4.057   1.00 106.88 ? 86  PRO A C   1 
ATOM   365  O O   . PRO A 1 61  ? -11.753 -7.460  3.150   1.00 91.91  ? 86  PRO A O   1 
ATOM   366  C CB  . PRO A 1 61  ? -9.314  -6.457  2.353   1.00 106.27 ? 86  PRO A CB  1 
ATOM   367  C CG  . PRO A 1 61  ? -8.005  -6.964  1.883   1.00 127.06 ? 86  PRO A CG  1 
ATOM   368  C CD  . PRO A 1 61  ? -7.938  -8.392  2.367   1.00 122.01 ? 86  PRO A CD  1 
ATOM   369  N N   . GLN A 1 62  ? -11.260 -7.490  5.339   1.00 84.07  ? 87  GLN A N   1 
ATOM   370  C CA  . GLN A 1 62  ? -12.634 -7.757  5.749   1.00 102.60 ? 87  GLN A CA  1 
ATOM   371  C C   . GLN A 1 62  ? -13.415 -6.465  6.045   1.00 90.97  ? 87  GLN A C   1 
ATOM   372  O O   . GLN A 1 62  ? -12.898 -5.545  6.686   1.00 81.68  ? 87  GLN A O   1 
ATOM   373  C CB  . GLN A 1 62  ? -12.601 -8.727  6.946   1.00 86.79  ? 87  GLN A CB  1 
ATOM   374  C CG  . GLN A 1 62  ? -13.770 -8.711  7.903   1.00 97.87  ? 87  GLN A CG  1 
ATOM   375  C CD  . GLN A 1 62  ? -13.505 -7.798  9.091   1.00 131.55 ? 87  GLN A CD  1 
ATOM   376  O OE1 . GLN A 1 62  ? -12.352 -7.471  9.392   1.00 110.01 ? 87  GLN A OE1 1 
ATOM   377  N NE2 . GLN A 1 62  ? -14.568 -7.403  9.788   1.00 92.19  ? 87  GLN A NE2 1 
ATOM   378  N N   . GLN A 1 63  ? -14.655 -6.409  5.555   1.00 84.91  ? 88  GLN A N   1 
ATOM   379  C CA  . GLN A 1 63  ? -15.525 -5.247  5.721   1.00 73.01  ? 88  GLN A CA  1 
ATOM   380  C C   . GLN A 1 63  ? -15.581 -4.546  7.068   1.00 73.31  ? 88  GLN A C   1 
ATOM   381  O O   . GLN A 1 63  ? -15.445 -5.161  8.122   1.00 82.79  ? 88  GLN A O   1 
ATOM   382  C CB  . GLN A 1 63  ? -16.939 -5.597  5.261   1.00 92.69  ? 88  GLN A CB  1 
ATOM   383  C CG  . GLN A 1 63  ? -17.313 -4.945  3.929   1.00 92.02  ? 88  GLN A CG  1 
ATOM   384  C CD  . GLN A 1 63  ? -17.382 -3.437  4.032   1.00 131.75 ? 88  GLN A CD  1 
ATOM   385  O OE1 . GLN A 1 63  ? -17.530 -2.889  5.126   1.00 130.95 ? 88  GLN A OE1 1 
ATOM   386  N NE2 . GLN A 1 63  ? -17.303 -2.756  2.892   1.00 126.27 ? 88  GLN A NE2 1 
ATOM   387  N N   . LEU A 1 64  ? -15.776 -3.231  7.016   1.00 67.34  ? 89  LEU A N   1 
ATOM   388  C CA  . LEU A 1 64  ? -15.824 -2.441  8.237   1.00 82.25  ? 89  LEU A CA  1 
ATOM   389  C C   . LEU A 1 64  ? -17.193 -2.109  8.780   1.00 70.62  ? 89  LEU A C   1 
ATOM   390  O O   . LEU A 1 64  ? -18.017 -1.533  8.082   1.00 76.42  ? 89  LEU A O   1 
ATOM   391  C CB  . LEU A 1 64  ? -15.067 -1.127  8.075   1.00 51.52  ? 89  LEU A CB  1 
ATOM   392  C CG  . LEU A 1 64  ? -15.031 -0.371  9.416   1.00 48.10  ? 89  LEU A CG  1 
ATOM   393  C CD1 . LEU A 1 64  ? -14.101 -1.136  10.359  1.00 64.57  ? 89  LEU A CD1 1 
ATOM   394  C CD2 . LEU A 1 64  ? -14.527 1.042   9.254   1.00 36.39  ? 89  LEU A CD2 1 
ATOM   395  N N   . LYS A 1 65  ? -17.422 -2.467  10.038  1.00 61.35  ? 90  LYS A N   1 
ATOM   396  C CA  . LYS A 1 65  ? -18.701 -2.183  10.678  1.00 71.71  ? 90  LYS A CA  1 
ATOM   397  C C   . LYS A 1 65  ? -18.543 -0.907  11.502  1.00 74.38  ? 90  LYS A C   1 
ATOM   398  O O   . LYS A 1 65  ? -17.569 -0.760  12.259  1.00 68.42  ? 90  LYS A O   1 
ATOM   399  C CB  . LYS A 1 65  ? -19.125 -3.322  11.609  1.00 85.50  ? 90  LYS A CB  1 
ATOM   400  C CG  . LYS A 1 65  ? -19.942 -4.399  10.948  1.00 95.22  ? 90  LYS A CG  1 
ATOM   401  C CD  . LYS A 1 65  ? -20.543 -5.309  11.999  1.00 128.51 ? 90  LYS A CD  1 
ATOM   402  C CE  . LYS A 1 65  ? -21.824 -5.954  11.501  1.00 141.71 ? 90  LYS A CE  1 
ATOM   403  N NZ  . LYS A 1 65  ? -22.544 -6.669  12.592  1.00 112.85 ? 90  LYS A NZ  1 
ATOM   404  N N   . LEU A 1 66  ? -19.490 0.018   11.362  1.00 73.41  ? 91  LEU A N   1 
ATOM   405  C CA  . LEU A 1 66  ? -19.425 1.269   12.114  1.00 79.00  ? 91  LEU A CA  1 
ATOM   406  C C   . LEU A 1 66  ? -20.064 1.075   13.492  1.00 98.85  ? 91  LEU A C   1 
ATOM   407  O O   . LEU A 1 66  ? -21.054 0.348   13.642  1.00 101.76 ? 91  LEU A O   1 
ATOM   408  C CB  . LEU A 1 66  ? -20.146 2.380   11.344  1.00 86.05  ? 91  LEU A CB  1 
ATOM   409  C CG  . LEU A 1 66  ? -19.565 2.687   9.962   1.00 88.41  ? 91  LEU A CG  1 
ATOM   410  C CD1 . LEU A 1 66  ? -20.421 3.715   9.252   1.00 76.73  ? 91  LEU A CD1 1 
ATOM   411  C CD2 . LEU A 1 66  ? -18.150 3.206   10.123  1.00 88.65  ? 91  LEU A CD2 1 
ATOM   412  N N   . GLU A 1 67  ? -19.488 1.721   14.499  1.00 84.06  ? 92  GLU A N   1 
ATOM   413  C CA  . GLU A 1 67  ? -19.994 1.629   15.861  1.00 89.07  ? 92  GLU A CA  1 
ATOM   414  C C   . GLU A 1 67  ? -20.500 2.983   16.353  1.00 94.22  ? 92  GLU A C   1 
ATOM   415  O O   . GLU A 1 67  ? -20.207 4.020   15.748  1.00 101.41 ? 92  GLU A O   1 
ATOM   416  C CB  . GLU A 1 67  ? -18.893 1.094   16.775  1.00 78.35  ? 92  GLU A CB  1 
ATOM   417  C CG  . GLU A 1 67  ? -18.494 -0.344  16.438  1.00 110.43 ? 92  GLU A CG  1 
ATOM   418  C CD  . GLU A 1 67  ? -17.038 -0.638  16.754  1.00 132.35 ? 92  GLU A CD  1 
ATOM   419  O OE1 . GLU A 1 67  ? -16.485 0.024   17.661  1.00 111.76 ? 92  GLU A OE1 1 
ATOM   420  O OE2 . GLU A 1 67  ? -16.451 -1.542  16.110  1.00 87.57  ? 92  GLU A OE2 1 
ATOM   421  N N   . LYS A 1 68  ? -21.259 2.960   17.449  1.00 115.58 ? 93  LYS A N   1 
ATOM   422  C CA  . LYS A 1 68  ? -21.846 4.168   18.041  1.00 113.20 ? 93  LYS A CA  1 
ATOM   423  C C   . LYS A 1 68  ? -21.068 5.450   17.771  1.00 114.69 ? 93  LYS A C   1 
ATOM   424  O O   . LYS A 1 68  ? -19.840 5.446   17.816  1.00 113.58 ? 93  LYS A O   1 
ATOM   425  C CB  . LYS A 1 68  ? -22.030 4.006   19.557  1.00 120.69 ? 93  LYS A CB  1 
ATOM   426  C CG  . LYS A 1 68  ? -20.784 4.284   20.396  1.00 127.94 ? 93  LYS A CG  1 
ATOM   427  C CD  . LYS A 1 68  ? -19.702 3.235   20.170  1.00 142.82 ? 93  LYS A CD  1 
ATOM   428  C CE  . LYS A 1 68  ? -18.383 3.609   20.842  1.00 123.58 ? 93  LYS A CE  1 
ATOM   429  N NZ  . LYS A 1 68  ? -18.388 3.500   22.331  1.00 63.73  ? 93  LYS A NZ  1 
ATOM   430  N N   . GLY A 1 69  ? -21.804 6.529   17.487  1.00 102.91 ? 94  GLY A N   1 
ATOM   431  C CA  . GLY A 1 69  ? -21.204 7.821   17.202  1.00 108.57 ? 94  GLY A CA  1 
ATOM   432  C C   . GLY A 1 69  ? -19.773 7.908   17.682  1.00 123.02 ? 94  GLY A C   1 
ATOM   433  O O   . GLY A 1 69  ? -19.486 8.434   18.760  1.00 99.79  ? 94  GLY A O   1 
ATOM   434  N N   . ARG A 1 70  ? -18.868 7.384   16.864  1.00 132.71 ? 95  ARG A N   1 
ATOM   435  C CA  . ARG A 1 70  ? -17.457 7.399   17.187  1.00 107.87 ? 95  ARG A CA  1 
ATOM   436  C C   . ARG A 1 70  ? -16.688 6.869   15.975  1.00 89.85  ? 95  ARG A C   1 
ATOM   437  O O   . ARG A 1 70  ? -15.459 6.733   16.000  1.00 92.15  ? 95  ARG A O   1 
ATOM   438  C CB  . ARG A 1 70  ? -17.230 6.541   18.431  1.00 86.90  ? 95  ARG A CB  1 
ATOM   439  C CG  . ARG A 1 70  ? -16.882 5.102   18.171  1.00 86.17  ? 95  ARG A CG  1 
ATOM   440  C CD  . ARG A 1 70  ? -15.427 4.872   18.532  1.00 85.25  ? 95  ARG A CD  1 
ATOM   441  N NE  . ARG A 1 70  ? -15.010 3.495   18.302  1.00 101.63 ? 95  ARG A NE  1 
ATOM   442  C CZ  . ARG A 1 70  ? -13.782 3.047   18.532  1.00 87.81  ? 95  ARG A CZ  1 
ATOM   443  N NH1 . ARG A 1 70  ? -12.853 3.872   19.003  1.00 70.12  ? 95  ARG A NH1 1 
ATOM   444  N NH2 . ARG A 1 70  ? -13.481 1.781   18.279  1.00 63.29  ? 95  ARG A NH2 1 
ATOM   445  N N   . MET A 1 71  ? -17.443 6.521   14.936  1.00 80.60  ? 96  MET A N   1 
ATOM   446  C CA  . MET A 1 71  ? -16.876 6.040   13.673  1.00 60.54  ? 96  MET A CA  1 
ATOM   447  C C   . MET A 1 71  ? -17.800 6.490   12.557  1.00 67.01  ? 96  MET A C   1 
ATOM   448  O O   . MET A 1 71  ? -18.855 5.894   12.329  1.00 79.94  ? 96  MET A O   1 
ATOM   449  C CB  . MET A 1 71  ? -16.733 4.514   13.611  1.00 55.06  ? 96  MET A CB  1 
ATOM   450  C CG  . MET A 1 71  ? -15.645 3.975   14.494  1.00 64.28  ? 96  MET A CG  1 
ATOM   451  S SD  . MET A 1 71  ? -15.506 2.191   14.342  1.00 117.11 ? 96  MET A SD  1 
ATOM   452  C CE  . MET A 1 71  ? -15.016 2.008   12.621  1.00 28.46  ? 96  MET A CE  1 
ATOM   453  N N   . GLU A 1 72  ? -17.423 7.571   11.880  1.00 65.90  ? 97  GLU A N   1 
ATOM   454  C CA  . GLU A 1 72  ? -18.235 8.092   10.774  1.00 69.17  ? 97  GLU A CA  1 
ATOM   455  C C   . GLU A 1 72  ? -17.482 8.271   9.464   1.00 71.71  ? 97  GLU A C   1 
ATOM   456  O O   . GLU A 1 72  ? -16.357 8.796   9.436   1.00 67.63  ? 97  GLU A O   1 
ATOM   457  C CB  . GLU A 1 72  ? -18.864 9.439   11.115  1.00 58.19  ? 97  GLU A CB  1 
ATOM   458  C CG  . GLU A 1 72  ? -19.712 9.983   9.969   1.00 74.37  ? 97  GLU A CG  1 
ATOM   459  C CD  . GLU A 1 72  ? -20.502 11.207  10.355  1.00 114.68 ? 97  GLU A CD  1 
ATOM   460  O OE1 . GLU A 1 72  ? -19.867 12.240  10.660  1.00 102.81 ? 97  GLU A OE1 1 
ATOM   461  O OE2 . GLU A 1 72  ? -21.753 11.129  10.359  1.00 106.85 ? 97  GLU A OE2 1 
ATOM   462  N N   . GLU A 1 73  ? -18.098 7.827   8.374   1.00 43.72  ? 98  GLU A N   1 
ATOM   463  C CA  . GLU A 1 73  ? -17.467 7.984   7.079   1.00 55.52  ? 98  GLU A CA  1 
ATOM   464  C C   . GLU A 1 73  ? -18.240 9.080   6.347   1.00 65.26  ? 98  GLU A C   1 
ATOM   465  O O   . GLU A 1 73  ? -19.474 9.095   6.327   1.00 75.24  ? 98  GLU A O   1 
ATOM   466  C CB  . GLU A 1 73  ? -17.495 6.681   6.272   1.00 55.90  ? 98  GLU A CB  1 
ATOM   467  C CG  . GLU A 1 73  ? -18.861 6.168   5.917   1.00 78.16  ? 98  GLU A CG  1 
ATOM   468  C CD  . GLU A 1 73  ? -18.784 4.831   5.224   1.00 102.37 ? 98  GLU A CD  1 
ATOM   469  O OE1 . GLU A 1 73  ? -19.403 4.682   4.150   1.00 112.69 ? 98  GLU A OE1 1 
ATOM   470  O OE2 . GLU A 1 73  ? -18.107 3.928   5.760   1.00 68.20  ? 98  GLU A OE2 1 
ATOM   471  N N   . SER A 1 74  ? -17.502 10.019  5.772   1.00 57.56  ? 99  SER A N   1 
ATOM   472  C CA  . SER A 1 74  ? -18.095 11.124  5.032   1.00 50.18  ? 99  SER A CA  1 
ATOM   473  C C   . SER A 1 74  ? -17.414 11.160  3.676   1.00 57.80  ? 99  SER A C   1 
ATOM   474  O O   . SER A 1 74  ? -16.438 10.435  3.441   1.00 60.17  ? 99  SER A O   1 
ATOM   475  C CB  . SER A 1 74  ? -17.835 12.451  5.735   1.00 60.42  ? 99  SER A CB  1 
ATOM   476  O OG  . SER A 1 74  ? -16.455 12.772  5.702   1.00 74.77  ? 99  SER A OG  1 
ATOM   477  N N   . GLN A 1 75  ? -17.929 12.002  2.784   1.00 35.00  ? 100 GLN A N   1 
ATOM   478  C CA  . GLN A 1 75  ? -17.366 12.141  1.441   1.00 62.83  ? 100 GLN A CA  1 
ATOM   479  C C   . GLN A 1 75  ? -18.155 13.090  0.553   1.00 51.68  ? 100 GLN A C   1 
ATOM   480  O O   . GLN A 1 75  ? -19.271 13.502  0.875   1.00 36.97  ? 100 GLN A O   1 
ATOM   481  C CB  . GLN A 1 75  ? -17.302 10.797  0.710   1.00 49.03  ? 100 GLN A CB  1 
ATOM   482  C CG  . GLN A 1 75  ? -18.417 10.629  -0.301  1.00 41.82  ? 100 GLN A CG  1 
ATOM   483  C CD  . GLN A 1 75  ? -18.210 9.452   -1.215  1.00 53.07  ? 100 GLN A CD  1 
ATOM   484  O OE1 . GLN A 1 75  ? -18.341 8.296   -0.803  1.00 49.38  ? 100 GLN A OE1 1 
ATOM   485  N NE2 . GLN A 1 75  ? -17.868 9.736   -2.470  1.00 68.57  ? 100 GLN A NE2 1 
ATOM   486  N N   . ASN A 1 76  ? -17.551 13.448  -0.569  1.00 45.84  ? 101 ASN A N   1 
ATOM   487  C CA  . ASN A 1 76  ? -18.217 14.307  -1.516  1.00 40.22  ? 101 ASN A CA  1 
ATOM   488  C C   . ASN A 1 76  ? -17.655 14.034  -2.892  1.00 51.97  ? 101 ASN A C   1 
ATOM   489  O O   . ASN A 1 76  ? -17.134 12.955  -3.179  1.00 67.38  ? 101 ASN A O   1 
ATOM   490  C CB  . ASN A 1 76  ? -18.067 15.792  -1.177  1.00 48.17  ? 101 ASN A CB  1 
ATOM   491  C CG  . ASN A 1 76  ? -16.658 16.251  -1.224  1.00 61.00  ? 101 ASN A CG  1 
ATOM   492  O OD1 . ASN A 1 76  ? -15.800 15.589  -1.815  1.00 34.64  ? 101 ASN A OD1 1 
ATOM   493  N ND2 . ASN A 1 76  ? -16.398 17.407  -0.617  1.00 52.12  ? 101 ASN A ND2 1 
ATOM   494  N N   . GLU A 1 77  ? -17.802 15.021  -3.752  1.00 38.66  ? 102 GLU A N   1 
ATOM   495  C CA  . GLU A 1 77  ? -17.344 14.953  -5.128  1.00 49.01  ? 102 GLU A CA  1 
ATOM   496  C C   . GLU A 1 77  ? -16.028 14.236  -5.348  1.00 50.52  ? 102 GLU A C   1 
ATOM   497  O O   . GLU A 1 77  ? -15.901 13.427  -6.264  1.00 70.08  ? 102 GLU A O   1 
ATOM   498  C CB  . GLU A 1 77  ? -17.202 16.369  -5.662  1.00 59.26  ? 102 GLU A CB  1 
ATOM   499  C CG  . GLU A 1 77  ? -17.152 16.514  -7.158  1.00 46.62  ? 102 GLU A CG  1 
ATOM   500  C CD  . GLU A 1 77  ? -16.934 17.951  -7.577  1.00 74.37  ? 102 GLU A CD  1 
ATOM   501  O OE1 . GLU A 1 77  ? -16.066 18.190  -8.447  1.00 116.10 ? 102 GLU A OE1 1 
ATOM   502  O OE2 . GLU A 1 77  ? -17.637 18.838  -7.043  1.00 61.37  ? 102 GLU A OE2 1 
ATOM   503  N N   . SER A 1 78  ? -15.068 14.491  -4.472  1.00 57.39  ? 103 SER A N   1 
ATOM   504  C CA  . SER A 1 78  ? -13.756 13.913  -4.663  1.00 60.67  ? 103 SER A CA  1 
ATOM   505  C C   . SER A 1 78  ? -12.946 13.495  -3.445  1.00 63.60  ? 103 SER A C   1 
ATOM   506  O O   . SER A 1 78  ? -11.763 13.136  -3.566  1.00 58.59  ? 103 SER A O   1 
ATOM   507  C CB  . SER A 1 78  ? -12.977 14.944  -5.420  1.00 63.18  ? 103 SER A CB  1 
ATOM   508  O OG  . SER A 1 78  ? -12.946 16.118  -4.622  1.00 39.91  ? 103 SER A OG  1 
ATOM   509  N N   . LEU A 1 79  ? -13.551 13.599  -2.272  1.00 68.58  ? 104 LEU A N   1 
ATOM   510  C CA  . LEU A 1 79  ? -12.835 13.227  -1.064  1.00 41.22  ? 104 LEU A CA  1 
ATOM   511  C C   . LEU A 1 79  ? -13.627 12.419  -0.066  1.00 51.74  ? 104 LEU A C   1 
ATOM   512  O O   . LEU A 1 79  ? -14.544 12.940  0.574   1.00 69.17  ? 104 LEU A O   1 
ATOM   513  C CB  . LEU A 1 79  ? -12.303 14.450  -0.334  1.00 33.41  ? 104 LEU A CB  1 
ATOM   514  C CG  . LEU A 1 79  ? -11.677 14.038  1.007   1.00 40.10  ? 104 LEU A CG  1 
ATOM   515  C CD1 . LEU A 1 79  ? -10.401 13.242  0.749   1.00 56.64  ? 104 LEU A CD1 1 
ATOM   516  C CD2 . LEU A 1 79  ? -11.379 15.258  1.842   1.00 42.88  ? 104 LEU A CD2 1 
ATOM   517  N N   . ALA A 1 80  ? -13.274 11.144  0.075   1.00 47.75  ? 105 ALA A N   1 
ATOM   518  C CA  . ALA A 1 80  ? -13.965 10.279  1.029   1.00 54.38  ? 105 ALA A CA  1 
ATOM   519  C C   . ALA A 1 80  ? -13.044 10.276  2.247   1.00 58.29  ? 105 ALA A C   1 
ATOM   520  O O   . ALA A 1 80  ? -11.815 10.146  2.120   1.00 57.54  ? 105 ALA A O   1 
ATOM   521  C CB  . ALA A 1 80  ? -14.104 8.864   0.481   1.00 53.01  ? 105 ALA A CB  1 
ATOM   522  N N   . THR A 1 81  ? -13.616 10.440  3.429   1.00 40.02  ? 106 THR A N   1 
ATOM   523  C CA  . THR A 1 81  ? -12.800 10.440  4.628   1.00 48.82  ? 106 THR A CA  1 
ATOM   524  C C   . THR A 1 81  ? -13.469 9.763   5.830   1.00 50.78  ? 106 THR A C   1 
ATOM   525  O O   . THR A 1 81  ? -14.576 10.122  6.234   1.00 65.95  ? 106 THR A O   1 
ATOM   526  C CB  . THR A 1 81  ? -12.367 11.878  4.977   1.00 41.38  ? 106 THR A CB  1 
ATOM   527  O OG1 . THR A 1 81  ? -12.110 11.968  6.379   1.00 47.32  ? 106 THR A OG1 1 
ATOM   528  C CG2 . THR A 1 81  ? -13.422 12.881  4.567   1.00 53.55  ? 106 THR A CG2 1 
ATOM   529  N N   . LEU A 1 82  ? -12.772 8.768   6.378   1.00 37.21  ? 107 LEU A N   1 
ATOM   530  C CA  . LEU A 1 82  ? -13.217 7.987   7.524   1.00 45.75  ? 107 LEU A CA  1 
ATOM   531  C C   . LEU A 1 82  ? -12.685 8.525   8.857   1.00 58.25  ? 107 LEU A C   1 
ATOM   532  O O   . LEU A 1 82  ? -11.482 8.703   9.051   1.00 38.44  ? 107 LEU A O   1 
ATOM   533  C CB  . LEU A 1 82  ? -12.780 6.538   7.327   1.00 57.95  ? 107 LEU A CB  1 
ATOM   534  C CG  . LEU A 1 82  ? -12.900 5.688   8.573   1.00 52.82  ? 107 LEU A CG  1 
ATOM   535  C CD1 . LEU A 1 82  ? -14.328 5.700   9.076   1.00 54.11  ? 107 LEU A CD1 1 
ATOM   536  C CD2 . LEU A 1 82  ? -12.442 4.287   8.237   1.00 59.47  ? 107 LEU A CD2 1 
ATOM   537  N N   . THR A 1 83  ? -13.593 8.741   9.794   1.00 52.27  ? 108 THR A N   1 
ATOM   538  C CA  . THR A 1 83  ? -13.205 9.291   11.078  1.00 52.25  ? 108 THR A CA  1 
ATOM   539  C C   . THR A 1 83  ? -13.486 8.399   12.284  1.00 46.02  ? 108 THR A C   1 
ATOM   540  O O   . THR A 1 83  ? -14.587 7.890   12.442  1.00 75.56  ? 108 THR A O   1 
ATOM   541  C CB  . THR A 1 83  ? -13.919 10.649  11.271  1.00 58.24  ? 108 THR A CB  1 
ATOM   542  O OG1 . THR A 1 83  ? -13.787 11.435  10.080  1.00 47.52  ? 108 THR A OG1 1 
ATOM   543  C CG2 . THR A 1 83  ? -13.327 11.419  12.409  1.00 30.62  ? 108 THR A CG2 1 
ATOM   544  N N   . ILE A 1 84  ? -12.482 8.245   13.143  1.00 55.59  ? 109 ILE A N   1 
ATOM   545  C CA  . ILE A 1 84  ? -12.593 7.437   14.352  1.00 57.26  ? 109 ILE A CA  1 
ATOM   546  C C   . ILE A 1 84  ? -12.285 8.279   15.587  1.00 73.32  ? 109 ILE A C   1 
ATOM   547  O O   . ILE A 1 84  ? -11.229 8.919   15.660  1.00 70.08  ? 109 ILE A O   1 
ATOM   548  C CB  . ILE A 1 84  ? -11.606 6.271   14.339  1.00 51.82  ? 109 ILE A CB  1 
ATOM   549  C CG1 . ILE A 1 84  ? -11.946 5.326   13.194  1.00 44.27  ? 109 ILE A CG1 1 
ATOM   550  C CG2 . ILE A 1 84  ? -11.646 5.557   15.678  1.00 43.91  ? 109 ILE A CG2 1 
ATOM   551  C CD1 . ILE A 1 84  ? -11.091 4.081   13.176  1.00 35.02  ? 109 ILE A CD1 1 
ATOM   552  N N   . GLN A 1 85  ? -13.191 8.273   16.562  1.00 57.89  ? 110 GLN A N   1 
ATOM   553  C CA  . GLN A 1 85  ? -12.970 9.048   17.781  1.00 64.49  ? 110 GLN A CA  1 
ATOM   554  C C   . GLN A 1 85  ? -12.475 8.114   18.890  1.00 83.22  ? 110 GLN A C   1 
ATOM   555  O O   . GLN A 1 85  ? -12.728 6.895   18.824  1.00 63.51  ? 110 GLN A O   1 
ATOM   556  C CB  . GLN A 1 85  ? -14.266 9.709   18.224  1.00 74.14  ? 110 GLN A CB  1 
ATOM   557  C CG  . GLN A 1 85  ? -15.196 10.066  17.092  1.00 76.21  ? 110 GLN A CG  1 
ATOM   558  C CD  . GLN A 1 85  ? -16.120 11.198  17.463  1.00 98.57  ? 110 GLN A CD  1 
ATOM   559  O OE1 . GLN A 1 85  ? -17.342 11.075  17.378  1.00 105.26 ? 110 GLN A OE1 1 
ATOM   560  N NE2 . GLN A 1 85  ? -15.538 12.320  17.869  1.00 70.06  ? 110 GLN A NE2 1 
ATOM   561  N N   . GLY A 1 86  ? -11.784 8.686   19.889  1.00 55.90  ? 111 GLY A N   1 
ATOM   562  C CA  . GLY A 1 86  ? -11.252 7.906   21.001  1.00 61.21  ? 111 GLY A CA  1 
ATOM   563  C C   . GLY A 1 86  ? -10.798 6.542   20.522  1.00 76.75  ? 111 GLY A C   1 
ATOM   564  O O   . GLY A 1 86  ? -11.550 5.563   20.575  1.00 60.80  ? 111 GLY A O   1 
ATOM   565  N N   . ILE A 1 87  ? -9.554  6.470   20.068  1.00 83.21  ? 112 ILE A N   1 
ATOM   566  C CA  . ILE A 1 87  ? -9.006  5.222   19.563  1.00 80.87  ? 112 ILE A CA  1 
ATOM   567  C C   . ILE A 1 87  ? -8.533  4.211   20.590  1.00 78.58  ? 112 ILE A C   1 
ATOM   568  O O   . ILE A 1 87  ? -8.065  4.569   21.672  1.00 69.52  ? 112 ILE A O   1 
ATOM   569  C CB  . ILE A 1 87  ? -7.881  5.519   18.566  1.00 80.45  ? 112 ILE A CB  1 
ATOM   570  C CG1 . ILE A 1 87  ? -6.813  6.383   19.234  1.00 89.44  ? 112 ILE A CG1 1 
ATOM   571  C CG2 . ILE A 1 87  ? -8.458  6.273   17.365  1.00 65.93  ? 112 ILE A CG2 1 
ATOM   572  C CD1 . ILE A 1 87  ? -5.673  6.762   18.324  1.00 64.49  ? 112 ILE A CD1 1 
ATOM   573  N N   . ARG A 1 88  ? -8.656  2.939   20.224  1.00 59.33  ? 113 ARG A N   1 
ATOM   574  C CA  . ARG A 1 88  ? -8.269  1.856   21.109  1.00 79.91  ? 113 ARG A CA  1 
ATOM   575  C C   . ARG A 1 88  ? -7.368  0.859   20.396  1.00 79.96  ? 113 ARG A C   1 
ATOM   576  O O   . ARG A 1 88  ? -7.297  0.838   19.169  1.00 76.42  ? 113 ARG A O   1 
ATOM   577  C CB  . ARG A 1 88  ? -9.508  1.115   21.595  1.00 95.24  ? 113 ARG A CB  1 
ATOM   578  C CG  . ARG A 1 88  ? -10.763 1.953   21.716  1.00 82.17  ? 113 ARG A CG  1 
ATOM   579  C CD  . ARG A 1 88  ? -11.983 1.077   21.461  1.00 101.97 ? 113 ARG A CD  1 
ATOM   580  N NE  . ARG A 1 88  ? -13.239 1.808   21.596  1.00 122.69 ? 113 ARG A NE  1 
ATOM   581  C CZ  . ARG A 1 88  ? -14.405 1.377   21.126  1.00 143.53 ? 113 ARG A CZ  1 
ATOM   582  N NH1 . ARG A 1 88  ? -14.474 0.220   20.484  1.00 156.73 ? 113 ARG A NH1 1 
ATOM   583  N NH2 . ARG A 1 88  ? -15.504 2.101   21.299  1.00 167.44 ? 113 ARG A NH2 1 
ATOM   584  N N   . PHE A 1 89  ? -6.709  0.013   21.176  1.00 75.21  ? 114 PHE A N   1 
ATOM   585  C CA  . PHE A 1 89  ? -5.819  -0.994  20.628  1.00 85.14  ? 114 PHE A CA  1 
ATOM   586  C C   . PHE A 1 89  ? -6.567  -1.943  19.701  1.00 84.72  ? 114 PHE A C   1 
ATOM   587  O O   . PHE A 1 89  ? -5.958  -2.599  18.853  1.00 72.15  ? 114 PHE A O   1 
ATOM   588  C CB  . PHE A 1 89  ? -5.164  -1.773  21.764  1.00 75.02  ? 114 PHE A CB  1 
ATOM   589  C CG  . PHE A 1 89  ? -4.264  -0.946  22.630  1.00 110.47 ? 114 PHE A CG  1 
ATOM   590  C CD1 . PHE A 1 89  ? -2.898  -1.221  22.699  1.00 101.85 ? 114 PHE A CD1 1 
ATOM   591  C CD2 . PHE A 1 89  ? -4.767  0.157   23.325  1.00 106.13 ? 114 PHE A CD2 1 
ATOM   592  C CE1 . PHE A 1 89  ? -2.059  -0.445  23.504  1.00 113.86 ? 114 PHE A CE1 1 
ATOM   593  C CE2 . PHE A 1 89  ? -3.938  0.938   24.132  1.00 90.30  ? 114 PHE A CE2 1 
ATOM   594  C CZ  . PHE A 1 89  ? -2.577  0.656   24.197  1.00 105.87 ? 114 PHE A CZ  1 
ATOM   595  N N   . GLU A 1 90  ? -7.887  -2.013  19.854  1.00 87.76  ? 115 GLU A N   1 
ATOM   596  C CA  . GLU A 1 90  ? -8.695  -2.887  19.011  1.00 91.00  ? 115 GLU A CA  1 
ATOM   597  C C   . GLU A 1 90  ? -8.762  -2.285  17.616  1.00 86.14  ? 115 GLU A C   1 
ATOM   598  O O   . GLU A 1 90  ? -9.031  -2.980  16.635  1.00 70.37  ? 115 GLU A O   1 
ATOM   599  C CB  . GLU A 1 90  ? -10.108 -3.034  19.579  1.00 112.28 ? 115 GLU A CB  1 
ATOM   600  C CG  . GLU A 1 90  ? -10.168 -3.729  20.928  1.00 125.78 ? 115 GLU A CG  1 
ATOM   601  C CD  . GLU A 1 90  ? -9.448  -2.950  22.011  1.00 135.97 ? 115 GLU A CD  1 
ATOM   602  O OE1 . GLU A 1 90  ? -9.778  -1.763  22.201  1.00 143.84 ? 115 GLU A OE1 1 
ATOM   603  O OE2 . GLU A 1 90  ? -8.557  -3.519  22.677  1.00 118.11 ? 115 GLU A OE2 1 
ATOM   604  N N   . ASP A 1 91  ? -8.504  -0.985  17.533  1.00 85.00  ? 116 ASP A N   1 
ATOM   605  C CA  . ASP A 1 91  ? -8.534  -0.300  16.252  1.00 78.56  ? 116 ASP A CA  1 
ATOM   606  C C   . ASP A 1 91  ? -7.299  -0.609  15.409  1.00 66.61  ? 116 ASP A C   1 
ATOM   607  O O   . ASP A 1 91  ? -7.386  -0.659  14.188  1.00 58.85  ? 116 ASP A O   1 
ATOM   608  C CB  . ASP A 1 91  ? -8.669  1.212   16.466  1.00 75.94  ? 116 ASP A CB  1 
ATOM   609  C CG  . ASP A 1 91  ? -10.014 1.599   17.076  1.00 87.73  ? 116 ASP A CG  1 
ATOM   610  O OD1 . ASP A 1 91  ? -11.034 0.993   16.674  1.00 68.08  ? 116 ASP A OD1 1 
ATOM   611  O OD2 . ASP A 1 91  ? -10.053 2.515   17.939  1.00 68.58  ? 116 ASP A OD2 1 
ATOM   612  N N   . ASN A 1 92  ? -6.157  -0.832  16.056  1.00 75.27  ? 117 ASN A N   1 
ATOM   613  C CA  . ASN A 1 92  ? -4.911  -1.135  15.344  1.00 75.79  ? 117 ASN A CA  1 
ATOM   614  C C   . ASN A 1 92  ? -5.179  -1.982  14.109  1.00 60.05  ? 117 ASN A C   1 
ATOM   615  O O   . ASN A 1 92  ? -5.944  -2.947  14.163  1.00 64.49  ? 117 ASN A O   1 
ATOM   616  C CB  . ASN A 1 92  ? -3.937  -1.871  16.273  1.00 54.01  ? 117 ASN A CB  1 
ATOM   617  C CG  . ASN A 1 92  ? -3.220  -0.934  17.242  1.00 78.33  ? 117 ASN A CG  1 
ATOM   618  O OD1 . ASN A 1 92  ? -3.629  0.211   17.439  1.00 74.66  ? 117 ASN A OD1 1 
ATOM   619  N ND2 . ASN A 1 92  ? -2.149  -1.425  17.858  1.00 82.64  ? 117 ASN A ND2 1 
ATOM   620  N N   . GLY A 1 93  ? -4.552  -1.618  12.997  1.00 42.17  ? 118 GLY A N   1 
ATOM   621  C CA  . GLY A 1 93  ? -4.752  -2.368  11.769  1.00 53.28  ? 118 GLY A CA  1 
ATOM   622  C C   . GLY A 1 93  ? -4.603  -1.493  10.536  1.00 60.21  ? 118 GLY A C   1 
ATOM   623  O O   . GLY A 1 93  ? -4.107  -0.368  10.635  1.00 66.62  ? 118 GLY A O   1 
ATOM   624  N N   . ILE A 1 94  ? -5.039  -1.990  9.380   1.00 47.60  ? 119 ILE A N   1 
ATOM   625  C CA  . ILE A 1 94  ? -4.956  -1.226  8.143   1.00 61.51  ? 119 ILE A CA  1 
ATOM   626  C C   . ILE A 1 94  ? -6.326  -1.056  7.496   1.00 57.46  ? 119 ILE A C   1 
ATOM   627  O O   . ILE A 1 94  ? -7.100  -1.999  7.368   1.00 74.65  ? 119 ILE A O   1 
ATOM   628  C CB  . ILE A 1 94  ? -4.006  -1.900  7.155   1.00 64.86  ? 119 ILE A CB  1 
ATOM   629  C CG1 . ILE A 1 94  ? -2.679  -2.205  7.861   1.00 77.69  ? 119 ILE A CG1 1 
ATOM   630  C CG2 . ILE A 1 94  ? -3.719  -0.960  5.999   1.00 57.96  ? 119 ILE A CG2 1 
ATOM   631  C CD1 . ILE A 1 94  ? -1.700  -2.970  7.000   1.00 65.47  ? 119 ILE A CD1 1 
ATOM   632  N N   . TYR A 1 95  ? -6.590  0.164   7.058   1.00 52.68  ? 120 TYR A N   1 
ATOM   633  C CA  . TYR A 1 95  ? -7.852  0.520   6.444   1.00 49.03  ? 120 TYR A CA  1 
ATOM   634  C C   . TYR A 1 95  ? -7.770  0.862   4.962   1.00 60.24  ? 120 TYR A C   1 
ATOM   635  O O   . TYR A 1 95  ? -6.966  1.702   4.550   1.00 55.92  ? 120 TYR A O   1 
ATOM   636  C CB  . TYR A 1 95  ? -8.419  1.702   7.219   1.00 55.64  ? 120 TYR A CB  1 
ATOM   637  C CG  . TYR A 1 95  ? -8.594  1.448   8.702   1.00 63.32  ? 120 TYR A CG  1 
ATOM   638  C CD1 . TYR A 1 95  ? -9.860  1.240   9.242   1.00 69.81  ? 120 TYR A CD1 1 
ATOM   639  C CD2 . TYR A 1 95  ? -7.493  1.330   9.550   1.00 63.08  ? 120 TYR A CD2 1 
ATOM   640  C CE1 . TYR A 1 95  ? -10.032 0.975   10.599  1.00 76.29  ? 120 TYR A CE1 1 
ATOM   641  C CE2 . TYR A 1 95  ? -7.656  1.064   10.909  1.00 66.94  ? 120 TYR A CE2 1 
ATOM   642  C CZ  . TYR A 1 95  ? -8.924  0.857   11.416  1.00 72.01  ? 120 TYR A CZ  1 
ATOM   643  O OH  . TYR A 1 95  ? -9.088  0.593   12.753  1.00 85.59  ? 120 TYR A OH  1 
ATOM   644  N N   . PHE A 1 96  ? -8.620  0.227   4.166   1.00 52.97  ? 121 PHE A N   1 
ATOM   645  C CA  . PHE A 1 96  ? -8.626  0.500   2.743   1.00 56.01  ? 121 PHE A CA  1 
ATOM   646  C C   . PHE A 1 96  ? -9.959  1.093   2.302   1.00 67.14  ? 121 PHE A C   1 
ATOM   647  O O   . PHE A 1 96  ? -10.959 0.999   3.029   1.00 53.44  ? 121 PHE A O   1 
ATOM   648  C CB  . PHE A 1 96  ? -8.375  -0.782  1.977   1.00 43.28  ? 121 PHE A CB  1 
ATOM   649  C CG  . PHE A 1 96  ? -7.062  -1.419  2.271   1.00 74.91  ? 121 PHE A CG  1 
ATOM   650  C CD1 . PHE A 1 96  ? -6.013  -1.342  1.356   1.00 59.35  ? 121 PHE A CD1 1 
ATOM   651  C CD2 . PHE A 1 96  ? -6.852  -2.050  3.494   1.00 66.29  ? 121 PHE A CD2 1 
ATOM   652  C CE1 . PHE A 1 96  ? -4.790  -1.935  1.634   1.00 59.16  ? 121 PHE A CE1 1 
ATOM   653  C CE2 . PHE A 1 96  ? -5.633  -2.648  3.786   1.00 46.92  ? 121 PHE A CE2 1 
ATOM   654  C CZ  . PHE A 1 96  ? -4.589  -2.570  2.863   1.00 48.52  ? 121 PHE A CZ  1 
ATOM   655  N N   . CYS A 1 97  ? -9.970  1.725   1.125   1.00 52.70  ? 122 CYS A N   1 
ATOM   656  C CA  . CYS A 1 97  ? -11.207 2.302   0.588   1.00 63.79  ? 122 CYS A CA  1 
ATOM   657  C C   . CYS A 1 97  ? -11.383 1.809   -0.847  1.00 82.37  ? 122 CYS A C   1 
ATOM   658  O O   . CYS A 1 97  ? -10.420 1.732   -1.623  1.00 77.48  ? 122 CYS A O   1 
ATOM   659  C CB  . CYS A 1 97  ? -11.182 3.846   0.601   1.00 41.71  ? 122 CYS A CB  1 
ATOM   660  S SG  . CYS A 1 97  ? -9.823  4.594   -0.380  1.00 65.88  ? 122 CYS A SG  1 
ATOM   661  N N   . GLN A 1 98  ? -12.621 1.470   -1.190  1.00 70.20  ? 123 GLN A N   1 
ATOM   662  C CA  . GLN A 1 98  ? -12.934 0.977   -2.515  1.00 53.48  ? 123 GLN A CA  1 
ATOM   663  C C   . GLN A 1 98  ? -13.944 1.839   -3.248  1.00 65.80  ? 123 GLN A C   1 
ATOM   664  O O   . GLN A 1 98  ? -14.727 2.567   -2.631  1.00 71.08  ? 123 GLN A O   1 
ATOM   665  C CB  . GLN A 1 98  ? -13.473 -0.438  -2.418  1.00 75.86  ? 123 GLN A CB  1 
ATOM   666  C CG  . GLN A 1 98  ? -12.494 -1.443  -1.853  1.00 92.32  ? 123 GLN A CG  1 
ATOM   667  C CD  . GLN A 1 98  ? -12.716 -2.827  -2.419  1.00 110.67 ? 123 GLN A CD  1 
ATOM   668  O OE1 . GLN A 1 98  ? -13.637 -3.042  -3.206  1.00 97.55  ? 123 GLN A OE1 1 
ATOM   669  N NE2 . GLN A 1 98  ? -11.872 -3.775  -2.024  1.00 107.40 ? 123 GLN A NE2 1 
ATOM   670  N N   . GLN A 1 99  ? -13.920 1.751   -4.574  1.00 41.39  ? 124 GLN A N   1 
ATOM   671  C CA  . GLN A 1 99  ? -14.844 2.510   -5.400  1.00 60.96  ? 124 GLN A CA  1 
ATOM   672  C C   . GLN A 1 99  ? -15.050 1.779   -6.703  1.00 83.79  ? 124 GLN A C   1 
ATOM   673  O O   . GLN A 1 99  ? -14.098 1.559   -7.448  1.00 101.43 ? 124 GLN A O   1 
ATOM   674  C CB  . GLN A 1 99  ? -14.306 3.913   -5.676  1.00 59.96  ? 124 GLN A CB  1 
ATOM   675  C CG  . GLN A 1 99  ? -14.735 4.484   -7.018  1.00 83.25  ? 124 GLN A CG  1 
ATOM   676  C CD  . GLN A 1 99  ? -14.277 5.915   -7.215  1.00 112.34 ? 124 GLN A CD  1 
ATOM   677  O OE1 . GLN A 1 99  ? -14.593 6.788   -6.412  1.00 80.00  ? 124 GLN A OE1 1 
ATOM   678  N NE2 . GLN A 1 99  ? -13.534 6.164   -8.288  1.00 126.79 ? 124 GLN A NE2 1 
ATOM   679  N N   . LYS A 1 100 ? -16.289 1.383   -6.973  1.00 98.54  ? 125 LYS A N   1 
ATOM   680  C CA  . LYS A 1 100 ? -16.571 0.678   -8.210  1.00 99.33  ? 125 LYS A CA  1 
ATOM   681  C C   . LYS A 1 100 ? -16.299 1.669   -9.324  1.00 123.91 ? 125 LYS A C   1 
ATOM   682  O O   . LYS A 1 100 ? -16.377 2.883   -9.132  1.00 120.02 ? 125 LYS A O   1 
ATOM   683  C CB  . LYS A 1 100 ? -18.029 0.226   -8.260  1.00 114.30 ? 125 LYS A CB  1 
ATOM   684  C CG  . LYS A 1 100 ? -18.292 -1.043  -7.477  1.00 130.16 ? 125 LYS A CG  1 
ATOM   685  C CD  . LYS A 1 100 ? -19.758 -1.413  -7.507  1.00 144.38 ? 125 LYS A CD  1 
ATOM   686  C CE  . LYS A 1 100 ? -20.033 -2.627  -6.637  1.00 121.46 ? 125 LYS A CE  1 
ATOM   687  N NZ  . LYS A 1 100 ? -21.489 -2.875  -6.482  1.00 87.48  ? 125 LYS A NZ  1 
ATOM   688  N N   . CYS A 1 101 ? -15.978 1.157   -10.497 1.00 125.30 ? 126 CYS A N   1 
ATOM   689  C CA  . CYS A 1 101 ? -15.697 2.041   -11.605 1.00 124.98 ? 126 CYS A CA  1 
ATOM   690  C C   . CYS A 1 101 ? -16.851 2.152   -12.580 1.00 137.56 ? 126 CYS A C   1 
ATOM   691  O O   . CYS A 1 101 ? -17.555 1.181   -12.856 1.00 132.79 ? 126 CYS A O   1 
ATOM   692  C CB  . CYS A 1 101 ? -14.429 1.566   -12.303 1.00 127.91 ? 126 CYS A CB  1 
ATOM   693  S SG  . CYS A 1 101 ? -13.807 2.507   -13.771 1.00 142.35 ? 126 CYS A SG  1 
ATOM   694  N N   . ASN A 1 102 ? -17.051 3.370   -13.068 1.00 133.89 ? 127 ASN A N   1 
ATOM   695  C CA  . ASN A 1 102 ? -18.125 3.685   -14.002 1.00 154.87 ? 127 ASN A CA  1 
ATOM   696  C C   . ASN A 1 102 ? -18.019 2.691   -15.153 1.00 158.21 ? 127 ASN A C   1 
ATOM   697  O O   . ASN A 1 102 ? -18.592 1.597   -15.160 1.00 133.62 ? 127 ASN A O   1 
ATOM   698  C CB  . ASN A 1 102 ? -17.911 5.087   -14.579 1.00 127.21 ? 127 ASN A CB  1 
ATOM   699  C CG  . ASN A 1 102 ? -18.914 6.085   -14.094 1.00 135.16 ? 127 ASN A CG  1 
ATOM   700  O OD1 . ASN A 1 102 ? -19.916 5.726   -13.486 1.00 111.24 ? 127 ASN A OD1 1 
ATOM   701  N ND2 . ASN A 1 102 ? -18.659 7.360   -14.374 1.00 111.70 ? 127 ASN A ND2 1 
ATOM   702  N N   . ASN A 1 103 ? -17.251 3.125   -16.142 1.00 151.52 ? 128 ASN A N   1 
ATOM   703  C CA  . ASN A 1 103 ? -16.995 2.373   -17.358 1.00 156.49 ? 128 ASN A CA  1 
ATOM   704  C C   . ASN A 1 103 ? -16.691 0.905   -17.106 1.00 150.10 ? 128 ASN A C   1 
ATOM   705  O O   . ASN A 1 103 ? -17.535 0.024   -17.277 1.00 160.84 ? 128 ASN A O   1 
ATOM   706  C CB  . ASN A 1 103 ? -15.813 3.001   -18.098 1.00 169.56 ? 128 ASN A CB  1 
ATOM   707  C CG  . ASN A 1 103 ? -15.606 4.466   -17.737 1.00 169.20 ? 128 ASN A CG  1 
ATOM   708  O OD1 . ASN A 1 103 ? -16.568 5.209   -17.580 1.00 168.44 ? 128 ASN A OD1 1 
ATOM   709  N ND2 . ASN A 1 103 ? -14.342 4.892   -17.624 1.00 108.42 ? 128 ASN A ND2 1 
ATOM   710  N N   . THR A 1 104 ? -15.465 0.660   -16.672 1.00 151.12 ? 129 THR A N   1 
ATOM   711  C CA  . THR A 1 104 ? -14.979 -0.687  -16.378 1.00 146.36 ? 129 THR A CA  1 
ATOM   712  C C   . THR A 1 104 ? -15.800 -1.659  -15.556 1.00 136.53 ? 129 THR A C   1 
ATOM   713  O O   . THR A 1 104 ? -15.825 -2.855  -15.846 1.00 126.78 ? 129 THR A O   1 
ATOM   714  C CB  . THR A 1 104 ? -13.571 -0.650  -15.717 1.00 153.62 ? 129 THR A CB  1 
ATOM   715  O OG1 . THR A 1 104 ? -12.963 0.630   -15.928 1.00 147.08 ? 129 THR A OG1 1 
ATOM   716  C CG2 . THR A 1 104 ? -12.667 -1.723  -16.333 1.00 148.70 ? 129 THR A CG2 1 
ATOM   717  N N   . SER A 1 105 ? -16.492 -1.135  -14.560 1.00 118.73 ? 130 SER A N   1 
ATOM   718  C CA  . SER A 1 105 ? -17.277 -1.957  -13.654 1.00 131.89 ? 130 SER A CA  1 
ATOM   719  C C   . SER A 1 105 ? -16.210 -2.721  -12.871 1.00 133.06 ? 130 SER A C   1 
ATOM   720  O O   . SER A 1 105 ? -16.479 -3.763  -12.265 1.00 90.86  ? 130 SER A O   1 
ATOM   721  C CB  . SER A 1 105 ? -18.213 -2.939  -14.389 1.00 116.22 ? 130 SER A CB  1 
ATOM   722  O OG  . SER A 1 105 ? -19.229 -2.219  -15.048 1.00 131.15 ? 130 SER A OG  1 
ATOM   723  N N   . GLU A 1 106 ? -14.986 -2.188  -12.891 1.00 151.34 ? 131 GLU A N   1 
ATOM   724  C CA  . GLU A 1 106 ? -13.853 -2.781  -12.173 1.00 138.82 ? 131 GLU A CA  1 
ATOM   725  C C   . GLU A 1 106 ? -13.917 -2.239  -10.747 1.00 133.12 ? 131 GLU A C   1 
ATOM   726  O O   . GLU A 1 106 ? -14.679 -1.314  -10.445 1.00 126.13 ? 131 GLU A O   1 
ATOM   727  C CB  . GLU A 1 106 ? -12.515 -2.353  -12.794 1.00 144.49 ? 131 GLU A CB  1 
ATOM   728  C CG  . GLU A 1 106 ? -11.845 -3.405  -13.657 1.00 146.96 ? 131 GLU A CG  1 
ATOM   729  C CD  . GLU A 1 106 ? -10.455 -2.990  -14.120 1.00 158.86 ? 131 GLU A CD  1 
ATOM   730  O OE1 . GLU A 1 106 ? -9.763  -2.277  -13.362 1.00 126.12 ? 131 GLU A OE1 1 
ATOM   731  O OE2 . GLU A 1 106 ? -10.042 -3.395  -15.228 1.00 154.69 ? 131 GLU A OE2 1 
ATOM   732  N N   . VAL A 1 107 ? -13.098 -2.802  -9.869  1.00 117.23 ? 132 VAL A N   1 
ATOM   733  C CA  . VAL A 1 107 ? -13.076 -2.372  -8.481  1.00 97.39  ? 132 VAL A CA  1 
ATOM   734  C C   . VAL A 1 107 ? -11.702 -1.879  -8.049  1.00 98.78  ? 132 VAL A C   1 
ATOM   735  O O   . VAL A 1 107 ? -10.850 -2.672  -7.644  1.00 75.85  ? 132 VAL A O   1 
ATOM   736  C CB  . VAL A 1 107 ? -13.492 -3.517  -7.551  1.00 91.97  ? 132 VAL A CB  1 
ATOM   737  C CG1 . VAL A 1 107 ? -13.761 -2.979  -6.162  1.00 84.66  ? 132 VAL A CG1 1 
ATOM   738  C CG2 . VAL A 1 107 ? -14.708 -4.220  -8.114  1.00 98.80  ? 132 VAL A CG2 1 
ATOM   739  N N   . TYR A 1 108 ? -11.492 -0.569  -8.155  1.00 95.15  ? 133 TYR A N   1 
ATOM   740  C CA  . TYR A 1 108 ? -10.224 0.038   -7.764  1.00 80.65  ? 133 TYR A CA  1 
ATOM   741  C C   . TYR A 1 108 ? -10.167 0.056   -6.229  1.00 80.12  ? 133 TYR A C   1 
ATOM   742  O O   . TYR A 1 108 ? -11.197 -0.072  -5.558  1.00 90.78  ? 133 TYR A O   1 
ATOM   743  C CB  . TYR A 1 108 ? -10.119 1.469   -8.307  1.00 105.86 ? 133 TYR A CB  1 
ATOM   744  C CG  . TYR A 1 108 ? -9.883  1.555   -9.795  1.00 110.26 ? 133 TYR A CG  1 
ATOM   745  C CD1 . TYR A 1 108 ? -9.427  2.742   -10.377 1.00 106.03 ? 133 TYR A CD1 1 
ATOM   746  C CD2 . TYR A 1 108 ? -10.026 0.428   -10.612 1.00 102.25 ? 133 TYR A CD2 1 
ATOM   747  C CE1 . TYR A 1 108 ? -9.206  2.830   -11.748 1.00 113.99 ? 133 TYR A CE1 1 
ATOM   748  C CE2 . TYR A 1 108 ? -9.812  0.506   -11.986 1.00 130.44 ? 133 TYR A CE2 1 
ATOM   749  C CZ  . TYR A 1 108 ? -9.352  1.696   -12.536 1.00 139.32 ? 133 TYR A CZ  1 
ATOM   750  O OH  . TYR A 1 108 ? -9.124  1.771   -13.888 1.00 129.13 ? 133 TYR A OH  1 
ATOM   751  N N   . GLN A 1 109 ? -8.972  0.222   -5.671  1.00 82.56  ? 134 GLN A N   1 
ATOM   752  C CA  . GLN A 1 109 ? -8.809  0.239   -4.221  1.00 73.02  ? 134 GLN A CA  1 
ATOM   753  C C   . GLN A 1 109 ? -7.539  0.974   -3.797  1.00 56.92  ? 134 GLN A C   1 
ATOM   754  O O   . GLN A 1 109 ? -6.487  0.833   -4.417  1.00 68.77  ? 134 GLN A O   1 
ATOM   755  C CB  . GLN A 1 109 ? -8.783  -1.206  -3.723  1.00 61.01  ? 134 GLN A CB  1 
ATOM   756  C CG  . GLN A 1 109 ? -8.366  -1.397  -2.282  1.00 64.62  ? 134 GLN A CG  1 
ATOM   757  C CD  . GLN A 1 109 ? -8.474  -2.848  -1.840  1.00 67.82  ? 134 GLN A CD  1 
ATOM   758  O OE1 . GLN A 1 109 ? -9.172  -3.647  -2.469  1.00 83.52  ? 134 GLN A OE1 1 
ATOM   759  N NE2 . GLN A 1 109 ? -7.806  -3.189  -0.742  1.00 67.07  ? 134 GLN A NE2 1 
ATOM   760  N N   . GLY A 1 110 ? -7.647  1.751   -2.729  1.00 67.15  ? 135 GLY A N   1 
ATOM   761  C CA  . GLY A 1 110 ? -6.501  2.493   -2.237  1.00 73.66  ? 135 GLY A CA  1 
ATOM   762  C C   . GLY A 1 110 ? -5.410  1.655   -1.614  1.00 56.52  ? 135 GLY A C   1 
ATOM   763  O O   . GLY A 1 110 ? -5.609  0.459   -1.379  1.00 59.24  ? 135 GLY A O   1 
ATOM   764  N N   . CYS A 1 111 ? -4.257  2.267   -1.349  1.00 53.29  ? 136 CYS A N   1 
ATOM   765  C CA  . CYS A 1 111 ? -3.177  1.509   -0.741  1.00 68.65  ? 136 CYS A CA  1 
ATOM   766  C C   . CYS A 1 111 ? -3.237  1.526   0.763   1.00 67.38  ? 136 CYS A C   1 
ATOM   767  O O   . CYS A 1 111 ? -2.254  1.263   1.450   1.00 56.66  ? 136 CYS A O   1 
ATOM   768  C CB  . CYS A 1 111 ? -1.814  1.998   -1.233  1.00 55.09  ? 136 CYS A CB  1 
ATOM   769  S SG  . CYS A 1 111 ? -1.270  1.177   -2.784  1.00 66.95  ? 136 CYS A SG  1 
ATOM   770  N N   . GLY A 1 112 ? -4.431  1.819   1.253   1.00 57.19  ? 137 GLY A N   1 
ATOM   771  C CA  . GLY A 1 112 ? -4.701  1.893   2.679   1.00 46.72  ? 137 GLY A CA  1 
ATOM   772  C C   . GLY A 1 112 ? -3.789  2.643   3.625   1.00 58.84  ? 137 GLY A C   1 
ATOM   773  O O   . GLY A 1 112 ? -2.572  2.719   3.422   1.00 55.01  ? 137 GLY A O   1 
ATOM   774  N N   . THR A 1 113 ? -4.394  3.237   4.651   1.00 43.62  ? 138 THR A N   1 
ATOM   775  C CA  . THR A 1 113 ? -3.610  3.976   5.618   1.00 41.03  ? 138 THR A CA  1 
ATOM   776  C C   . THR A 1 113 ? -3.557  3.022   6.803   1.00 50.15  ? 138 THR A C   1 
ATOM   777  O O   . THR A 1 113 ? -4.537  2.343   7.112   1.00 48.60  ? 138 THR A O   1 
ATOM   778  C CB  . THR A 1 113 ? -4.263  5.337   6.022   1.00 45.89  ? 138 THR A CB  1 
ATOM   779  O OG1 . THR A 1 113 ? -4.685  5.266   7.382   1.00 46.73  ? 138 THR A OG1 1 
ATOM   780  C CG2 . THR A 1 113 ? -5.429  5.681   5.119   1.00 60.77  ? 138 THR A CG2 1 
ATOM   781  N N   . GLU A 1 114 ? -2.401  2.946   7.445   1.00 57.97  ? 139 GLU A N   1 
ATOM   782  C CA  . GLU A 1 114 ? -2.207  2.057   8.577   1.00 46.63  ? 139 GLU A CA  1 
ATOM   783  C C   . GLU A 1 114 ? -2.270  2.754   9.921   1.00 51.32  ? 139 GLU A C   1 
ATOM   784  O O   . GLU A 1 114 ? -1.818  3.878   10.065  1.00 73.04  ? 139 GLU A O   1 
ATOM   785  C CB  . GLU A 1 114 ? -0.873  1.347   8.404   1.00 71.90  ? 139 GLU A CB  1 
ATOM   786  C CG  . GLU A 1 114 ? -0.402  0.598   9.614   1.00 58.22  ? 139 GLU A CG  1 
ATOM   787  C CD  . GLU A 1 114 ? 0.905   -0.122  9.368   1.00 86.54  ? 139 GLU A CD  1 
ATOM   788  O OE1 . GLU A 1 114 ? 1.627   0.273   8.426   1.00 104.20 ? 139 GLU A OE1 1 
ATOM   789  O OE2 . GLU A 1 114 ? 1.218   -1.067  10.128  1.00 66.53  ? 139 GLU A OE2 1 
ATOM   790  N N   . LEU A 1 115 ? -2.799  2.049   10.913  1.00 56.93  ? 140 LEU A N   1 
ATOM   791  C CA  . LEU A 1 115 ? -2.959  2.608   12.246  1.00 45.54  ? 140 LEU A CA  1 
ATOM   792  C C   . LEU A 1 115 ? -2.349  1.829   13.397  1.00 59.63  ? 140 LEU A C   1 
ATOM   793  O O   . LEU A 1 115 ? -2.434  0.601   13.428  1.00 67.17  ? 140 LEU A O   1 
ATOM   794  C CB  . LEU A 1 115 ? -4.444  2.770   12.514  1.00 56.62  ? 140 LEU A CB  1 
ATOM   795  C CG  . LEU A 1 115 ? -4.869  3.252   13.896  1.00 57.80  ? 140 LEU A CG  1 
ATOM   796  C CD1 . LEU A 1 115 ? -4.381  4.661   14.079  1.00 28.88  ? 140 LEU A CD1 1 
ATOM   797  C CD2 . LEU A 1 115 ? -6.381  3.193   14.037  1.00 55.87  ? 140 LEU A CD2 1 
ATOM   798  N N   . ARG A 1 116 ? -1.756  2.547   14.351  1.00 66.41  ? 141 ARG A N   1 
ATOM   799  C CA  . ARG A 1 116 ? -1.161  1.920   15.532  1.00 59.50  ? 141 ARG A CA  1 
ATOM   800  C C   . ARG A 1 116 ? -1.431  2.838   16.729  1.00 69.58  ? 141 ARG A C   1 
ATOM   801  O O   . ARG A 1 116 ? -0.997  3.999   16.730  1.00 69.68  ? 141 ARG A O   1 
ATOM   802  C CB  . ARG A 1 116 ? 0.355   1.718   15.362  1.00 67.17  ? 141 ARG A CB  1 
ATOM   803  C CG  . ARG A 1 116 ? 0.963   0.887   16.491  1.00 91.52  ? 141 ARG A CG  1 
ATOM   804  C CD  . ARG A 1 116 ? 2.485   0.913   16.459  1.00 78.02  ? 141 ARG A CD  1 
ATOM   805  N NE  . ARG A 1 116 ? 3.063   0.090   15.394  1.00 107.14 ? 141 ARG A NE  1 
ATOM   806  C CZ  . ARG A 1 116 ? 4.362   0.051   15.096  1.00 99.85  ? 141 ARG A CZ  1 
ATOM   807  N NH1 . ARG A 1 116 ? 5.226   0.794   15.780  1.00 72.08  ? 141 ARG A NH1 1 
ATOM   808  N NH2 . ARG A 1 116 ? 4.800   -0.734  14.115  1.00 76.41  ? 141 ARG A NH2 1 
ATOM   809  N N   . VAL A 1 117 ? -2.153  2.333   17.734  1.00 68.46  ? 142 VAL A N   1 
ATOM   810  C CA  . VAL A 1 117 ? -2.470  3.137   18.912  1.00 73.16  ? 142 VAL A CA  1 
ATOM   811  C C   . VAL A 1 117 ? -1.419  2.966   19.999  1.00 72.36  ? 142 VAL A C   1 
ATOM   812  O O   . VAL A 1 117 ? -0.874  1.874   20.175  1.00 91.23  ? 142 VAL A O   1 
ATOM   813  C CB  . VAL A 1 117 ? -3.868  2.802   19.449  1.00 60.97  ? 142 VAL A CB  1 
ATOM   814  C CG1 . VAL A 1 117 ? -4.359  3.951   20.303  1.00 75.58  ? 142 VAL A CG1 1 
ATOM   815  C CG2 . VAL A 1 117 ? -4.816  2.599   18.281  1.00 64.98  ? 142 VAL A CG2 1 
ATOM   816  N N   . MET A 1 118 ? -1.158  4.050   20.728  1.00 51.47  ? 143 MET A N   1 
ATOM   817  C CA  . MET A 1 118 ? -0.149  4.057   21.774  1.00 76.37  ? 143 MET A CA  1 
ATOM   818  C C   . MET A 1 118 ? -0.540  3.905   23.236  1.00 90.79  ? 143 MET A C   1 
ATOM   819  O O   . MET A 1 118 ? -1.717  3.947   23.584  1.00 105.81 ? 143 MET A O   1 
ATOM   820  C CB  . MET A 1 118 ? 0.684   5.321   21.588  1.00 75.36  ? 143 MET A CB  1 
ATOM   821  C CG  . MET A 1 118 ? 1.287   5.466   20.170  1.00 69.71  ? 143 MET A CG  1 
ATOM   822  S SD  . MET A 1 118 ? 2.341   4.077   19.698  1.00 91.34  ? 143 MET A SD  1 
ATOM   823  C CE  . MET A 1 118 ? 3.669   4.268   20.889  1.00 95.45  ? 143 MET A CE  1 
ATOM   824  N N   . GLY A 1 119 ? 0.474   3.738   24.086  1.00 76.73  ? 144 GLY A N   1 
ATOM   825  C CA  . GLY A 1 119 ? 0.206   3.595   25.503  1.00 112.14 ? 144 GLY A CA  1 
ATOM   826  C C   . GLY A 1 119 ? 0.897   4.480   26.526  1.00 136.68 ? 144 GLY A C   1 
ATOM   827  O O   . GLY A 1 119 ? 1.981   4.156   27.022  1.00 134.85 ? 144 GLY A O   1 
ATOM   828  N N   . PHE A 1 120 ? 0.274   5.617   26.817  1.00 127.52 ? 145 PHE A N   1 
ATOM   829  C CA  . PHE A 1 120 ? 0.782   6.555   27.814  1.00 116.61 ? 145 PHE A CA  1 
ATOM   830  C C   . PHE A 1 120 ? -0.375  7.288   28.485  1.00 131.61 ? 145 PHE A C   1 
ATOM   831  O O   . PHE A 1 120 ? -0.104  8.363   29.085  1.00 141.87 ? 145 PHE A O   1 
ATOM   832  C CB  . PHE A 1 120 ? 1.754   7.580   27.207  1.00 130.54 ? 145 PHE A CB  1 
ATOM   833  C CG  . PHE A 1 120 ? 3.187   7.310   27.556  1.00 145.92 ? 145 PHE A CG  1 
ATOM   834  C CD1 . PHE A 1 120 ? 3.550   6.994   28.869  1.00 140.37 ? 145 PHE A CD1 1 
ATOM   835  C CD2 . PHE A 1 120 ? 4.181   7.426   26.590  1.00 144.68 ? 145 PHE A CD2 1 
ATOM   836  C CE1 . PHE A 1 120 ? 4.880   6.731   29.197  1.00 149.64 ? 145 PHE A CE1 1 
ATOM   837  C CE2 . PHE A 1 120 ? 5.512   7.167   26.905  1.00 152.87 ? 145 PHE A CE2 1 
ATOM   838  C CZ  . PHE A 1 120 ? 5.867   6.847   28.219  1.00 165.16 ? 145 PHE A CZ  1 
ATOM   839  N N   . CYS B 1 18  ? -7.244  -7.922  -16.749 1.00 98.67  ? 43  CYS B N   1 
ATOM   840  C CA  . CYS B 1 18  ? -6.080  -8.650  -16.107 1.00 135.84 ? 43  CYS B CA  1 
ATOM   841  C C   . CYS B 1 18  ? -6.193  -8.833  -14.640 1.00 137.37 ? 43  CYS B C   1 
ATOM   842  O O   . CYS B 1 18  ? -7.238  -8.611  -14.063 1.00 129.25 ? 43  CYS B O   1 
ATOM   843  C CB  . CYS B 1 18  ? -4.747  -7.956  -16.155 1.00 143.41 ? 43  CYS B CB  1 
ATOM   844  S SG  . CYS B 1 18  ? -3.734  -7.980  -17.633 1.00 185.73 ? 43  CYS B SG  1 
ATOM   845  N N   . SER B 1 19  ? -5.070  -9.230  -14.037 1.00 115.90 ? 44  SER B N   1 
ATOM   846  C CA  . SER B 1 19  ? -5.022  -9.524  -12.613 1.00 123.46 ? 44  SER B CA  1 
ATOM   847  C C   . SER B 1 19  ? -4.692  -8.348  -11.724 1.00 132.08 ? 44  SER B C   1 
ATOM   848  O O   . SER B 1 19  ? -4.560  -7.225  -12.199 1.00 122.71 ? 44  SER B O   1 
ATOM   849  C CB  . SER B 1 19  ? -4.009  -10.641 -12.380 1.00 125.46 ? 44  SER B CB  1 
ATOM   850  O OG  . SER B 1 19  ? -3.941  -11.028 -11.021 1.00 118.39 ? 44  SER B OG  1 
ATOM   851  N N   . ARG B 1 20  ? -4.580  -8.611  -10.426 1.00 126.04 ? 45  ARG B N   1 
ATOM   852  C CA  . ARG B 1 20  ? -4.240  -7.567  -9.474  1.00 113.95 ? 45  ARG B CA  1 
ATOM   853  C C   . ARG B 1 20  ? -2.970  -8.010  -8.744  1.00 128.85 ? 45  ARG B C   1 
ATOM   854  O O   . ARG B 1 20  ? -2.728  -9.208  -8.558  1.00 124.82 ? 45  ARG B O   1 
ATOM   855  C CB  . ARG B 1 20  ? -5.375  -7.330  -8.474  1.00 110.77 ? 45  ARG B CB  1 
ATOM   856  C CG  . ARG B 1 20  ? -5.290  -5.961  -7.825  1.00 130.15 ? 45  ARG B CG  1 
ATOM   857  C CD  . ARG B 1 20  ? -6.571  -5.655  -7.084  1.00 143.21 ? 45  ARG B CD  1 
ATOM   858  N NE  . ARG B 1 20  ? -6.863  -4.225  -7.063  1.00 118.49 ? 45  ARG B NE  1 
ATOM   859  C CZ  . ARG B 1 20  ? -8.054  -3.713  -6.769  1.00 139.38 ? 45  ARG B CZ  1 
ATOM   860  N NH1 . ARG B 1 20  ? -9.069  -4.512  -6.466  1.00 111.59 ? 45  ARG B NH1 1 
ATOM   861  N NH2 . ARG B 1 20  ? -8.236  -2.398  -6.791  1.00 132.53 ? 45  ARG B NH2 1 
ATOM   862  N N   . ILE B 1 21  ? -2.162  -7.036  -8.338  1.00 115.29 ? 46  ILE B N   1 
ATOM   863  C CA  . ILE B 1 21  ? -0.902  -7.300  -7.652  1.00 91.89  ? 46  ILE B CA  1 
ATOM   864  C C   . ILE B 1 21  ? -0.884  -6.958  -6.179  1.00 76.68  ? 46  ILE B C   1 
ATOM   865  O O   . ILE B 1 21  ? -1.475  -5.976  -5.757  1.00 83.87  ? 46  ILE B O   1 
ATOM   866  C CB  . ILE B 1 21  ? 0.223   -6.531  -8.338  1.00 78.92  ? 46  ILE B CB  1 
ATOM   867  C CG1 . ILE B 1 21  ? -0.242  -5.097  -8.603  1.00 95.97  ? 46  ILE B CG1 1 
ATOM   868  C CG2 . ILE B 1 21  ? 0.607   -7.226  -9.638  1.00 116.58 ? 46  ILE B CG2 1 
ATOM   869  C CD1 . ILE B 1 21  ? 0.756   -4.263  -9.368  1.00 111.40 ? 46  ILE B CD1 1 
ATOM   870  N N   . TRP B 1 22  ? -0.177  -7.763  -5.398  1.00 62.15  ? 47  TRP B N   1 
ATOM   871  C CA  . TRP B 1 22  ? -0.093  -7.519  -3.973  1.00 67.49  ? 47  TRP B CA  1 
ATOM   872  C C   . TRP B 1 22  ? 1.351   -7.454  -3.496  1.00 61.91  ? 47  TRP B C   1 
ATOM   873  O O   . TRP B 1 22  ? 2.124   -8.385  -3.739  1.00 58.21  ? 47  TRP B O   1 
ATOM   874  C CB  . TRP B 1 22  ? -0.832  -8.623  -3.225  1.00 63.77  ? 47  TRP B CB  1 
ATOM   875  C CG  . TRP B 1 22  ? -0.824  -8.420  -1.751  1.00 89.74  ? 47  TRP B CG  1 
ATOM   876  C CD1 . TRP B 1 22  ? -1.265  -7.321  -1.072  1.00 97.35  ? 47  TRP B CD1 1 
ATOM   877  C CD2 . TRP B 1 22  ? -0.312  -9.325  -0.763  1.00 105.63 ? 47  TRP B CD2 1 
ATOM   878  N NE1 . TRP B 1 22  ? -1.059  -7.481  0.278   1.00 94.85  ? 47  TRP B NE1 1 
ATOM   879  C CE2 . TRP B 1 22  ? -0.479  -8.697  0.495   1.00 124.34 ? 47  TRP B CE2 1 
ATOM   880  C CE3 . TRP B 1 22  ? 0.265   -10.597 -0.821  1.00 115.98 ? 47  TRP B CE3 1 
ATOM   881  C CZ2 . TRP B 1 22  ? -0.076  -9.312  1.695   1.00 132.60 ? 47  TRP B CZ2 1 
ATOM   882  C CZ3 . TRP B 1 22  ? 0.666   -11.207 0.371   1.00 127.95 ? 47  TRP B CZ3 1 
ATOM   883  C CH2 . TRP B 1 22  ? 0.491   -10.560 1.612   1.00 135.61 ? 47  TRP B CH2 1 
ATOM   884  N N   . GLN B 1 23  ? 1.708   -6.360  -2.816  1.00 49.40  ? 48  GLN B N   1 
ATOM   885  C CA  . GLN B 1 23  ? 3.067   -6.175  -2.298  1.00 49.97  ? 48  GLN B CA  1 
ATOM   886  C C   . GLN B 1 23  ? 3.235   -6.441  -0.798  1.00 63.27  ? 48  GLN B C   1 
ATOM   887  O O   . GLN B 1 23  ? 2.416   -6.020  0.013   1.00 53.28  ? 48  GLN B O   1 
ATOM   888  C CB  . GLN B 1 23  ? 3.554   -4.763  -2.588  1.00 55.94  ? 48  GLN B CB  1 
ATOM   889  C CG  . GLN B 1 23  ? 4.518   -4.687  -3.738  1.00 58.70  ? 48  GLN B CG  1 
ATOM   890  C CD  . GLN B 1 23  ? 5.435   -3.482  -3.634  1.00 64.71  ? 48  GLN B CD  1 
ATOM   891  O OE1 . GLN B 1 23  ? 6.243   -3.381  -2.701  1.00 54.00  ? 48  GLN B OE1 1 
ATOM   892  N NE2 . GLN B 1 23  ? 5.313   -2.554  -4.585  1.00 56.78  ? 48  GLN B NE2 1 
ATOM   893  N N   . SER B 1 24  ? 4.311   -7.129  -0.429  1.00 60.80  ? 49  SER B N   1 
ATOM   894  C CA  . SER B 1 24  ? 4.568   -7.440  0.976   1.00 62.55  ? 49  SER B CA  1 
ATOM   895  C C   . SER B 1 24  ? 6.053   -7.320  1.311   1.00 67.30  ? 49  SER B C   1 
ATOM   896  O O   . SER B 1 24  ? 6.902   -7.770  0.540   1.00 75.13  ? 49  SER B O   1 
ATOM   897  C CB  . SER B 1 24  ? 4.085   -8.843  1.303   1.00 65.45  ? 49  SER B CB  1 
ATOM   898  O OG  . SER B 1 24  ? 4.958   -9.447  2.240   1.00 86.43  ? 49  SER B OG  1 
ATOM   899  N N   . PRO B 1 25  ? 6.370   -6.723  2.467   1.00 51.43  ? 50  PRO B N   1 
ATOM   900  C CA  . PRO B 1 25  ? 5.437   -6.139  3.434   1.00 61.92  ? 50  PRO B CA  1 
ATOM   901  C C   . PRO B 1 25  ? 5.392   -4.642  3.219   1.00 55.23  ? 50  PRO B C   1 
ATOM   902  O O   . PRO B 1 25  ? 6.060   -4.112  2.334   1.00 54.58  ? 50  PRO B O   1 
ATOM   903  C CB  . PRO B 1 25  ? 6.059   -6.509  4.774   1.00 79.05  ? 50  PRO B CB  1 
ATOM   904  C CG  . PRO B 1 25  ? 7.528   -6.302  4.486   1.00 38.45  ? 50  PRO B CG  1 
ATOM   905  C CD  . PRO B 1 25  ? 7.724   -6.831  3.056   1.00 45.88  ? 50  PRO B CD  1 
ATOM   906  N N   . ARG B 1 26  ? 4.630   -3.949  4.050   1.00 60.56  ? 51  ARG B N   1 
ATOM   907  C CA  . ARG B 1 26  ? 4.517   -2.496  3.916   1.00 55.58  ? 51  ARG B CA  1 
ATOM   908  C C   . ARG B 1 26  ? 5.763   -1.803  4.376   1.00 59.95  ? 51  ARG B C   1 
ATOM   909  O O   . ARG B 1 26  ? 6.127   -0.734  3.874   1.00 62.09  ? 51  ARG B O   1 
ATOM   910  C CB  . ARG B 1 26  ? 3.386   -1.950  4.776   1.00 54.17  ? 51  ARG B CB  1 
ATOM   911  C CG  . ARG B 1 26  ? 2.034   -1.858  4.130   1.00 41.46  ? 51  ARG B CG  1 
ATOM   912  C CD  . ARG B 1 26  ? 0.969   -1.517  5.159   1.00 57.92  ? 51  ARG B CD  1 
ATOM   913  N NE  . ARG B 1 26  ? 0.732   -0.081  5.297   1.00 59.90  ? 51  ARG B NE  1 
ATOM   914  C CZ  . ARG B 1 26  ? 0.083   0.653   4.397   1.00 57.45  ? 51  ARG B CZ  1 
ATOM   915  N NH1 . ARG B 1 26  ? -0.380  0.081   3.289   1.00 44.84  ? 51  ARG B NH1 1 
ATOM   916  N NH2 . ARG B 1 26  ? -0.116  1.950   4.604   1.00 58.24  ? 51  ARG B NH2 1 
ATOM   917  N N   . PHE B 1 27  ? 6.435   -2.445  5.318   1.00 54.65  ? 52  PHE B N   1 
ATOM   918  C CA  . PHE B 1 27  ? 7.606   -1.844  5.909   1.00 53.55  ? 52  PHE B CA  1 
ATOM   919  C C   . PHE B 1 27  ? 8.681   -2.828  6.302   1.00 64.38  ? 52  PHE B C   1 
ATOM   920  O O   . PHE B 1 27  ? 8.392   -3.947  6.717   1.00 73.22  ? 52  PHE B O   1 
ATOM   921  C CB  . PHE B 1 27  ? 7.090   -1.114  7.133   1.00 62.92  ? 52  PHE B CB  1 
ATOM   922  C CG  . PHE B 1 27  ? 8.119   -0.369  7.897   1.00 70.47  ? 52  PHE B CG  1 
ATOM   923  C CD1 . PHE B 1 27  ? 8.283   0.986   7.699   1.00 55.12  ? 52  PHE B CD1 1 
ATOM   924  C CD2 . PHE B 1 27  ? 8.925   -1.015  8.825   1.00 62.97  ? 52  PHE B CD2 1 
ATOM   925  C CE1 . PHE B 1 27  ? 9.257   1.687   8.399   1.00 57.72  ? 52  PHE B CE1 1 
ATOM   926  C CE2 . PHE B 1 27  ? 9.903   -0.319  9.526   1.00 58.59  ? 52  PHE B CE2 1 
ATOM   927  C CZ  . PHE B 1 27  ? 10.064  1.032   9.319   1.00 49.73  ? 52  PHE B CZ  1 
ATOM   928  N N   . ILE B 1 28  ? 9.925   -2.370  6.232   1.00 55.86  ? 53  ILE B N   1 
ATOM   929  C CA  . ILE B 1 28  ? 11.055  -3.205  6.598   1.00 50.73  ? 53  ILE B CA  1 
ATOM   930  C C   . ILE B 1 28  ? 12.173  -2.383  7.197   1.00 60.46  ? 53  ILE B C   1 
ATOM   931  O O   . ILE B 1 28  ? 12.513  -1.315  6.681   1.00 63.82  ? 53  ILE B O   1 
ATOM   932  C CB  . ILE B 1 28  ? 11.678  -3.918  5.390   1.00 45.80  ? 53  ILE B CB  1 
ATOM   933  C CG1 . ILE B 1 28  ? 10.628  -4.724  4.637   1.00 53.60  ? 53  ILE B CG1 1 
ATOM   934  C CG2 . ILE B 1 28  ? 12.827  -4.802  5.864   1.00 43.99  ? 53  ILE B CG2 1 
ATOM   935  C CD1 . ILE B 1 28  ? 11.111  -5.209  3.287   1.00 47.63  ? 53  ILE B CD1 1 
ATOM   936  N N   . ALA B 1 29  ? 12.736  -2.869  8.295   1.00 53.20  ? 54  ALA B N   1 
ATOM   937  C CA  . ALA B 1 29  ? 13.864  -2.185  8.907   1.00 58.74  ? 54  ALA B CA  1 
ATOM   938  C C   . ALA B 1 29  ? 14.903  -3.285  9.108   1.00 58.21  ? 54  ALA B C   1 
ATOM   939  O O   . ALA B 1 29  ? 14.583  -4.384  9.563   1.00 49.42  ? 54  ALA B O   1 
ATOM   940  C CB  . ALA B 1 29  ? 13.484  -1.560  10.233  1.00 46.35  ? 54  ALA B CB  1 
ATOM   941  N N   . ARG B 1 30  ? 16.139  -3.009  8.717   1.00 48.32  ? 55  ARG B N   1 
ATOM   942  C CA  . ARG B 1 30  ? 17.221  -3.978  8.863   1.00 52.25  ? 55  ARG B CA  1 
ATOM   943  C C   . ARG B 1 30  ? 18.536  -3.298  9.157   1.00 66.43  ? 55  ARG B C   1 
ATOM   944  O O   . ARG B 1 30  ? 18.663  -2.069  9.087   1.00 65.57  ? 55  ARG B O   1 
ATOM   945  C CB  . ARG B 1 30  ? 17.388  -4.808  7.600   1.00 56.74  ? 55  ARG B CB  1 
ATOM   946  C CG  . ARG B 1 30  ? 16.285  -5.802  7.374   1.00 66.98  ? 55  ARG B CG  1 
ATOM   947  C CD  . ARG B 1 30  ? 16.626  -7.146  7.957   1.00 61.05  ? 55  ARG B CD  1 
ATOM   948  N NE  . ARG B 1 30  ? 15.880  -8.192  7.271   1.00 64.80  ? 55  ARG B NE  1 
ATOM   949  C CZ  . ARG B 1 30  ? 14.565  -8.343  7.358   1.00 79.82  ? 55  ARG B CZ  1 
ATOM   950  N NH1 . ARG B 1 30  ? 13.859  -7.518  8.114   1.00 66.62  ? 55  ARG B NH1 1 
ATOM   951  N NH2 . ARG B 1 30  ? 13.957  -9.301  6.675   1.00 85.01  ? 55  ARG B NH2 1 
ATOM   952  N N   . LYS B 1 31  ? 19.524  -4.120  9.468   1.00 49.90  ? 56  LYS B N   1 
ATOM   953  C CA  . LYS B 1 31  ? 20.834  -3.614  9.784   1.00 51.46  ? 56  LYS B CA  1 
ATOM   954  C C   . LYS B 1 31  ? 21.823  -3.584  8.643   1.00 57.23  ? 56  LYS B C   1 
ATOM   955  O O   . LYS B 1 31  ? 21.991  -4.545  7.905   1.00 60.15  ? 56  LYS B O   1 
ATOM   956  C CB  . LYS B 1 31  ? 21.422  -4.410  10.939  1.00 62.23  ? 56  LYS B CB  1 
ATOM   957  C CG  . LYS B 1 31  ? 20.798  -4.118  12.306  1.00 68.97  ? 56  LYS B CG  1 
ATOM   958  C CD  . LYS B 1 31  ? 21.329  -5.028  13.409  1.00 79.12  ? 56  LYS B CD  1 
ATOM   959  C CE  . LYS B 1 31  ? 20.586  -4.792  14.716  1.00 84.86  ? 56  LYS B CE  1 
ATOM   960  N NZ  . LYS B 1 31  ? 20.931  -5.800  15.756  1.00 105.79 ? 56  LYS B NZ  1 
ATOM   961  N N   . ARG B 1 32  ? 22.461  -2.431  8.518   1.00 56.22  ? 57  ARG B N   1 
ATOM   962  C CA  . ARG B 1 32  ? 23.471  -2.169  7.514   1.00 51.09  ? 57  ARG B CA  1 
ATOM   963  C C   . ARG B 1 32  ? 24.207  -3.453  7.103   1.00 49.04  ? 57  ARG B C   1 
ATOM   964  O O   . ARG B 1 32  ? 24.761  -4.152  7.955   1.00 39.87  ? 57  ARG B O   1 
ATOM   965  C CB  . ARG B 1 32  ? 24.449  -1.191  8.137   1.00 40.83  ? 57  ARG B CB  1 
ATOM   966  C CG  . ARG B 1 32  ? 25.659  -0.833  7.312   1.00 55.42  ? 57  ARG B CG  1 
ATOM   967  C CD  . ARG B 1 32  ? 26.411  0.305   7.969   1.00 59.69  ? 57  ARG B CD  1 
ATOM   968  N NE  . ARG B 1 32  ? 27.603  -0.135  8.697   1.00 72.21  ? 57  ARG B NE  1 
ATOM   969  C CZ  . ARG B 1 32  ? 28.774  -0.410  8.124   1.00 70.43  ? 57  ARG B CZ  1 
ATOM   970  N NH1 . ARG B 1 32  ? 28.913  -0.301  6.804   1.00 68.95  ? 57  ARG B NH1 1 
ATOM   971  N NH2 . ARG B 1 32  ? 29.814  -0.778  8.868   1.00 60.83  ? 57  ARG B NH2 1 
ATOM   972  N N   . GLY B 1 33  ? 24.220  -3.773  5.813   1.00 59.03  ? 58  GLY B N   1 
ATOM   973  C CA  . GLY B 1 33  ? 24.933  -4.968  5.387   1.00 59.99  ? 58  GLY B CA  1 
ATOM   974  C C   . GLY B 1 33  ? 24.237  -6.309  5.371   1.00 58.06  ? 58  GLY B C   1 
ATOM   975  O O   . GLY B 1 33  ? 24.856  -7.317  5.036   1.00 53.42  ? 58  GLY B O   1 
ATOM   976  N N   . PHE B 1 34  ? 22.967  -6.338  5.744   1.00 43.40  ? 59  PHE B N   1 
ATOM   977  C CA  . PHE B 1 34  ? 22.235  -7.591  5.758   1.00 52.10  ? 59  PHE B CA  1 
ATOM   978  C C   . PHE B 1 34  ? 21.627  -7.854  4.395   1.00 54.72  ? 59  PHE B C   1 
ATOM   979  O O   . PHE B 1 34  ? 22.246  -7.573  3.373   1.00 57.33  ? 59  PHE B O   1 
ATOM   980  C CB  . PHE B 1 34  ? 21.134  -7.545  6.801   1.00 50.49  ? 59  PHE B CB  1 
ATOM   981  C CG  . PHE B 1 34  ? 21.500  -8.166  8.100   1.00 71.14  ? 59  PHE B CG  1 
ATOM   982  C CD1 . PHE B 1 34  ? 21.028  -9.430  8.433   1.00 92.02  ? 59  PHE B CD1 1 
ATOM   983  C CD2 . PHE B 1 34  ? 22.377  -7.520  8.966   1.00 70.23  ? 59  PHE B CD2 1 
ATOM   984  C CE1 . PHE B 1 34  ? 21.382  -10.019 9.642   1.00 80.36  ? 59  PHE B CE1 1 
ATOM   985  C CE2 . PHE B 1 34  ? 22.737  -8.100  10.173  1.00 60.57  ? 59  PHE B CE2 1 
ATOM   986  C CZ  . PHE B 1 34  ? 22.259  -9.365  10.499  1.00 75.58  ? 59  PHE B CZ  1 
ATOM   987  N N   . THR B 1 35  ? 20.419  -8.405  4.377   1.00 38.46  ? 60  THR B N   1 
ATOM   988  C CA  . THR B 1 35  ? 19.755  -8.694  3.124   1.00 33.44  ? 60  THR B CA  1 
ATOM   989  C C   . THR B 1 35  ? 18.246  -8.546  3.235   1.00 45.04  ? 60  THR B C   1 
ATOM   990  O O   . THR B 1 35  ? 17.646  -8.829  4.271   1.00 50.73  ? 60  THR B O   1 
ATOM   991  C CB  . THR B 1 35  ? 20.106  -10.108 2.608   1.00 51.28  ? 60  THR B CB  1 
ATOM   992  O OG1 . THR B 1 35  ? 21.500  -10.158 2.256   1.00 43.01  ? 60  THR B OG1 1 
ATOM   993  C CG2 . THR B 1 35  ? 19.273  -10.441 1.366   1.00 24.68  ? 60  THR B CG2 1 
ATOM   994  N N   . VAL B 1 36  ? 17.645  -8.092  2.142   1.00 50.30  ? 61  VAL B N   1 
ATOM   995  C CA  . VAL B 1 36  ? 16.213  -7.858  2.076   1.00 47.90  ? 61  VAL B CA  1 
ATOM   996  C C   . VAL B 1 36  ? 15.537  -8.588  0.924   1.00 53.45  ? 61  VAL B C   1 
ATOM   997  O O   . VAL B 1 36  ? 16.161  -8.882  -0.092  1.00 57.26  ? 61  VAL B O   1 
ATOM   998  C CB  . VAL B 1 36  ? 15.936  -6.344  1.911   1.00 38.15  ? 61  VAL B CB  1 
ATOM   999  C CG1 . VAL B 1 36  ? 14.473  -6.105  1.565   1.00 66.38  ? 61  VAL B CG1 1 
ATOM   1000 C CG2 . VAL B 1 36  ? 16.294  -5.607  3.185   1.00 51.42  ? 61  VAL B CG2 1 
ATOM   1001 N N   . LYS B 1 37  ? 14.249  -8.868  1.094   1.00 51.21  ? 62  LYS B N   1 
ATOM   1002 C CA  . LYS B 1 37  ? 13.454  -9.530  0.067   1.00 40.64  ? 62  LYS B CA  1 
ATOM   1003 C C   . LYS B 1 37  ? 12.137  -8.754  0.003   1.00 53.74  ? 62  LYS B C   1 
ATOM   1004 O O   . LYS B 1 37  ? 11.587  -8.397  1.041   1.00 77.79  ? 62  LYS B O   1 
ATOM   1005 C CB  . LYS B 1 37  ? 13.157  -10.980 0.451   1.00 50.81  ? 62  LYS B CB  1 
ATOM   1006 C CG  . LYS B 1 37  ? 14.333  -11.931 0.428   1.00 55.73  ? 62  LYS B CG  1 
ATOM   1007 C CD  . LYS B 1 37  ? 14.683  -12.371 -0.988  1.00 67.43  ? 62  LYS B CD  1 
ATOM   1008 C CE  . LYS B 1 37  ? 15.276  -13.772 -0.984  1.00 72.20  ? 62  LYS B CE  1 
ATOM   1009 N NZ  . LYS B 1 37  ? 16.267  -13.956 0.117   1.00 71.89  ? 62  LYS B NZ  1 
ATOM   1010 N N   . MET B 1 38  ? 11.647  -8.464  -1.199  1.00 45.33  ? 63  MET B N   1 
ATOM   1011 C CA  . MET B 1 38  ? 10.386  -7.738  -1.359  1.00 50.96  ? 63  MET B CA  1 
ATOM   1012 C C   . MET B 1 38  ? 9.555   -8.535  -2.336  1.00 52.62  ? 63  MET B C   1 
ATOM   1013 O O   . MET B 1 38  ? 10.015  -8.886  -3.421  1.00 65.31  ? 63  MET B O   1 
ATOM   1014 C CB  . MET B 1 38  ? 10.631  -6.327  -1.895  1.00 51.31  ? 63  MET B CB  1 
ATOM   1015 C CG  . MET B 1 38  ? 11.496  -5.506  -0.973  1.00 39.82  ? 63  MET B CG  1 
ATOM   1016 S SD  . MET B 1 38  ? 11.731  -3.874  -1.679  1.00 66.84  ? 63  MET B SD  1 
ATOM   1017 C CE  . MET B 1 38  ? 12.931  -3.177  -0.542  1.00 56.11  ? 63  MET B CE  1 
ATOM   1018 N N   . HIS B 1 39  ? 8.314   -8.792  -1.960  1.00 52.25  ? 64  HIS B N   1 
ATOM   1019 C CA  . HIS B 1 39  ? 7.449   -9.589  -2.796  1.00 47.06  ? 64  HIS B CA  1 
ATOM   1020 C C   . HIS B 1 39  ? 6.317   -8.915  -3.546  1.00 51.37  ? 64  HIS B C   1 
ATOM   1021 O O   . HIS B 1 39  ? 5.955   -7.773  -3.278  1.00 63.76  ? 64  HIS B O   1 
ATOM   1022 C CB  . HIS B 1 39  ? 6.914   -10.717 -1.929  1.00 50.18  ? 64  HIS B CB  1 
ATOM   1023 C CG  . HIS B 1 39  ? 7.990   -11.455 -1.176  1.00 56.74  ? 64  HIS B CG  1 
ATOM   1024 N ND1 . HIS B 1 39  ? 8.736   -12.468 -1.754  1.00 47.60  ? 64  HIS B ND1 1 
ATOM   1025 C CD2 . HIS B 1 39  ? 8.470   -11.307 0.075   1.00 69.51  ? 64  HIS B CD2 1 
ATOM   1026 C CE1 . HIS B 1 39  ? 9.627   -12.906 -0.876  1.00 62.30  ? 64  HIS B CE1 1 
ATOM   1027 N NE2 . HIS B 1 39  ? 9.489   -12.217 0.241   1.00 56.69  ? 64  HIS B NE2 1 
ATOM   1028 N N   . CYS B 1 40  ? 5.764   -9.656  -4.496  1.00 61.37  ? 65  CYS B N   1 
ATOM   1029 C CA  . CYS B 1 40  ? 4.659   -9.171  -5.292  1.00 65.56  ? 65  CYS B CA  1 
ATOM   1030 C C   . CYS B 1 40  ? 4.021   -10.411 -5.920  1.00 69.88  ? 65  CYS B C   1 
ATOM   1031 O O   . CYS B 1 40  ? 4.718   -11.341 -6.343  1.00 72.00  ? 65  CYS B O   1 
ATOM   1032 C CB  . CYS B 1 40  ? 5.234   -8.233  -6.328  1.00 43.81  ? 65  CYS B CB  1 
ATOM   1033 S SG  . CYS B 1 40  ? 4.174   -7.099  -7.298  1.00 104.35 ? 65  CYS B SG  1 
ATOM   1034 N N   . TYR B 1 41  ? 2.695   -10.425 -5.986  1.00 69.56  ? 66  TYR B N   1 
ATOM   1035 C CA  . TYR B 1 41  ? 1.998   -11.581 -6.519  1.00 70.94  ? 66  TYR B CA  1 
ATOM   1036 C C   . TYR B 1 41  ? 1.049   -11.289 -7.676  1.00 87.62  ? 66  TYR B C   1 
ATOM   1037 O O   . TYR B 1 41  ? 0.393   -10.242 -7.700  1.00 90.88  ? 66  TYR B O   1 
ATOM   1038 C CB  . TYR B 1 41  ? 1.229   -12.224 -5.372  1.00 52.65  ? 66  TYR B CB  1 
ATOM   1039 C CG  . TYR B 1 41  ? 2.076   -12.457 -4.128  1.00 73.71  ? 66  TYR B CG  1 
ATOM   1040 C CD1 . TYR B 1 41  ? 2.622   -13.710 -3.853  1.00 76.46  ? 66  TYR B CD1 1 
ATOM   1041 C CD2 . TYR B 1 41  ? 2.275   -11.440 -3.193  1.00 84.06  ? 66  TYR B CD2 1 
ATOM   1042 C CE1 . TYR B 1 41  ? 3.399   -13.926 -2.715  1.00 48.74  ? 66  TYR B CE1 1 
ATOM   1043 C CE2 . TYR B 1 41  ? 3.056   -11.648 -2.056  1.00 72.16  ? 66  TYR B CE2 1 
ATOM   1044 C CZ  . TYR B 1 41  ? 3.579   -12.901 -1.805  1.00 48.03  ? 66  TYR B CZ  1 
ATOM   1045 O OH  . TYR B 1 41  ? 4.345   -13.114 -0.680  1.00 48.76  ? 66  TYR B OH  1 
ATOM   1046 N N   . MET B 1 42  ? 0.975   -12.225 -8.622  1.00 69.83  ? 67  MET B N   1 
ATOM   1047 C CA  . MET B 1 42  ? 0.097   -12.082 -9.781  1.00 98.75  ? 67  MET B CA  1 
ATOM   1048 C C   . MET B 1 42  ? -0.005  -13.420 -10.513 1.00 125.06 ? 67  MET B C   1 
ATOM   1049 O O   . MET B 1 42  ? 0.185   -14.480 -9.909  1.00 124.33 ? 67  MET B O   1 
ATOM   1050 C CB  . MET B 1 42  ? 0.636   -11.010 -10.731 1.00 82.50  ? 67  MET B CB  1 
ATOM   1051 C CG  . MET B 1 42  ? 1.879   -11.411 -11.519 1.00 115.93 ? 67  MET B CG  1 
ATOM   1052 S SD  . MET B 1 42  ? 3.266   -11.938 -10.489 1.00 100.30 ? 67  MET B SD  1 
ATOM   1053 C CE  . MET B 1 42  ? 4.273   -12.803 -11.702 1.00 97.46  ? 67  MET B CE  1 
ATOM   1054 N N   . ASN B 1 43  ? -0.310  -13.375 -11.808 1.00 124.31 ? 68  ASN B N   1 
ATOM   1055 C CA  . ASN B 1 43  ? -0.423  -14.596 -12.600 1.00 131.50 ? 68  ASN B CA  1 
ATOM   1056 C C   . ASN B 1 43  ? 0.205   -14.464 -13.980 1.00 124.60 ? 68  ASN B C   1 
ATOM   1057 O O   . ASN B 1 43  ? -0.125  -15.204 -14.905 1.00 115.22 ? 68  ASN B O   1 
ATOM   1058 C CB  . ASN B 1 43  ? -1.894  -15.024 -12.733 1.00 106.81 ? 68  ASN B CB  1 
ATOM   1059 C CG  . ASN B 1 43  ? -2.829  -13.856 -12.984 1.00 136.29 ? 68  ASN B CG  1 
ATOM   1060 O OD1 . ASN B 1 43  ? -2.764  -13.194 -14.022 1.00 130.95 ? 68  ASN B OD1 1 
ATOM   1061 N ND2 . ASN B 1 43  ? -3.710  -13.596 -12.024 1.00 126.72 ? 68  ASN B ND2 1 
ATOM   1062 N N   . SER B 1 44  ? 1.141   -13.534 -14.100 1.00 106.37 ? 69  SER B N   1 
ATOM   1063 C CA  . SER B 1 44  ? 1.819   -13.290 -15.359 1.00 120.46 ? 69  SER B CA  1 
ATOM   1064 C C   . SER B 1 44  ? 0.877   -12.966 -16.526 1.00 117.21 ? 69  SER B C   1 
ATOM   1065 O O   . SER B 1 44  ? 1.192   -13.290 -17.668 1.00 85.73  ? 69  SER B O   1 
ATOM   1066 C CB  . SER B 1 44  ? 2.720   -14.487 -15.710 1.00 108.36 ? 69  SER B CB  1 
ATOM   1067 O OG  . SER B 1 44  ? 3.768   -14.605 -14.757 1.00 103.29 ? 69  SER B OG  1 
ATOM   1068 N N   . ALA B 1 45  ? -0.276  -12.355 -16.232 1.00 119.08 ? 70  ALA B N   1 
ATOM   1069 C CA  . ALA B 1 45  ? -1.253  -11.977 -17.255 1.00 142.60 ? 70  ALA B CA  1 
ATOM   1070 C C   . ALA B 1 45  ? -0.431  -10.793 -17.802 1.00 128.59 ? 70  ALA B C   1 
ATOM   1071 O O   . ALA B 1 45  ? -0.495  -9.653  -17.305 1.00 103.16 ? 70  ALA B O   1 
ATOM   1072 C CB  . ALA B 1 45  ? -2.535  -11.489 -16.601 1.00 142.28 ? 70  ALA B CB  1 
ATOM   1073 N N   . SER B 1 46  ? 0.308   -11.066 -18.871 1.00 139.32 ? 71  SER B N   1 
ATOM   1074 C CA  . SER B 1 46  ? 1.214   -10.091 -19.488 1.00 160.83 ? 71  SER B CA  1 
ATOM   1075 C C   . SER B 1 46  ? 2.060   -9.801  -18.245 1.00 140.07 ? 71  SER B C   1 
ATOM   1076 O O   . SER B 1 46  ? 2.211   -8.650  -17.806 1.00 117.40 ? 71  SER B O   1 
ATOM   1077 C CB  . SER B 1 46  ? 0.569   -8.774  -19.984 1.00 158.70 ? 71  SER B CB  1 
ATOM   1078 O OG  . SER B 1 46  ? 1.315   -8.308  -21.113 1.00 127.46 ? 71  SER B OG  1 
ATOM   1079 N N   . GLY B 1 47  ? 2.589   -10.877 -17.659 1.00 127.15 ? 72  GLY B N   1 
ATOM   1080 C CA  . GLY B 1 47  ? 3.433   -10.765 -16.477 1.00 91.10  ? 72  GLY B CA  1 
ATOM   1081 C C   . GLY B 1 47  ? 4.663   -9.898  -16.682 1.00 98.55  ? 72  GLY B C   1 
ATOM   1082 O O   . GLY B 1 47  ? 4.559   -8.750  -17.113 1.00 95.27  ? 72  GLY B O   1 
ATOM   1083 N N   . ASN B 1 48  ? 5.830   -10.464 -16.397 1.00 95.21  ? 73  ASN B N   1 
ATOM   1084 C CA  . ASN B 1 48  ? 7.085   -9.752  -16.538 1.00 115.70 ? 73  ASN B CA  1 
ATOM   1085 C C   . ASN B 1 48  ? 6.954   -8.472  -15.709 1.00 105.95 ? 73  ASN B C   1 
ATOM   1086 O O   . ASN B 1 48  ? 6.375   -7.469  -16.133 1.00 81.45  ? 73  ASN B O   1 
ATOM   1087 C CB  . ASN B 1 48  ? 7.370   -9.427  -18.005 1.00 92.43  ? 73  ASN B CB  1 
ATOM   1088 C CG  . ASN B 1 48  ? 8.841   -9.346  -18.281 1.00 119.56 ? 73  ASN B CG  1 
ATOM   1089 O OD1 . ASN B 1 48  ? 9.587   -10.272 -17.950 1.00 107.91 ? 73  ASN B OD1 1 
ATOM   1090 N ND2 . ASN B 1 48  ? 9.281   -8.239  -18.869 1.00 109.66 ? 73  ASN B ND2 1 
ATOM   1091 N N   . VAL B 1 49  ? 7.523   -8.529  -14.514 1.00 96.05  ? 74  VAL B N   1 
ATOM   1092 C CA  . VAL B 1 49  ? 7.484   -7.430  -13.565 1.00 70.76  ? 74  VAL B CA  1 
ATOM   1093 C C   . VAL B 1 49  ? 8.761   -6.616  -13.416 1.00 74.15  ? 74  VAL B C   1 
ATOM   1094 O O   . VAL B 1 49  ? 9.857   -7.134  -13.569 1.00 57.61  ? 74  VAL B O   1 
ATOM   1095 C CB  . VAL B 1 49  ? 7.086   -7.999  -12.185 1.00 55.90  ? 74  VAL B CB  1 
ATOM   1096 C CG1 . VAL B 1 49  ? 7.041   -6.913  -11.147 1.00 67.02  ? 74  VAL B CG1 1 
ATOM   1097 C CG2 . VAL B 1 49  ? 5.738   -8.695  -12.301 1.00 71.22  ? 74  VAL B CG2 1 
ATOM   1098 N N   . SER B 1 50  ? 8.597   -5.341  -13.087 1.00 57.61  ? 75  SER B N   1 
ATOM   1099 C CA  . SER B 1 50  ? 9.725   -4.441  -12.884 1.00 66.74  ? 75  SER B CA  1 
ATOM   1100 C C   . SER B 1 50  ? 9.628   -3.791  -11.498 1.00 64.69  ? 75  SER B C   1 
ATOM   1101 O O   . SER B 1 50  ? 8.614   -3.936  -10.813 1.00 59.88  ? 75  SER B O   1 
ATOM   1102 C CB  . SER B 1 50  ? 9.733   -3.375  -13.976 1.00 60.31  ? 75  SER B CB  1 
ATOM   1103 O OG  . SER B 1 50  ? 8.408   -3.056  -14.357 1.00 76.97  ? 75  SER B OG  1 
ATOM   1104 N N   . TRP B 1 51  ? 10.675  -3.085  -11.078 1.00 43.10  ? 76  TRP B N   1 
ATOM   1105 C CA  . TRP B 1 51  ? 10.652  -2.439  -9.769  1.00 44.19  ? 76  TRP B CA  1 
ATOM   1106 C C   . TRP B 1 51  ? 11.019  -0.958  -9.774  1.00 56.26  ? 76  TRP B C   1 
ATOM   1107 O O   . TRP B 1 51  ? 12.064  -0.567  -10.299 1.00 59.92  ? 76  TRP B O   1 
ATOM   1108 C CB  . TRP B 1 51  ? 11.574  -3.189  -8.799  1.00 38.47  ? 76  TRP B CB  1 
ATOM   1109 C CG  . TRP B 1 51  ? 11.116  -4.578  -8.480  1.00 37.17  ? 76  TRP B CG  1 
ATOM   1110 C CD1 . TRP B 1 51  ? 11.297  -5.695  -9.232  1.00 40.82  ? 76  TRP B CD1 1 
ATOM   1111 C CD2 . TRP B 1 51  ? 10.358  -4.992  -7.333  1.00 43.76  ? 76  TRP B CD2 1 
ATOM   1112 N NE1 . TRP B 1 51  ? 10.709  -6.781  -8.628  1.00 59.94  ? 76  TRP B NE1 1 
ATOM   1113 C CE2 . TRP B 1 51  ? 10.139  -6.373  -7.462  1.00 55.27  ? 76  TRP B CE2 1 
ATOM   1114 C CE3 . TRP B 1 51  ? 9.873   -4.308  -6.213  1.00 59.40  ? 76  TRP B CE3 1 
ATOM   1115 C CZ2 . TRP B 1 51  ? 9.410   -7.102  -6.502  1.00 55.78  ? 76  TRP B CZ2 1 
ATOM   1116 C CZ3 . TRP B 1 51  ? 9.150   -5.034  -5.259  1.00 64.59  ? 76  TRP B CZ3 1 
ATOM   1117 C CH2 . TRP B 1 51  ? 8.939   -6.421  -5.407  1.00 64.95  ? 76  TRP B CH2 1 
ATOM   1118 N N   . LEU B 1 52  ? 10.149  -0.138  -9.189  1.00 50.68  ? 77  LEU B N   1 
ATOM   1119 C CA  . LEU B 1 52  ? 10.398  1.288   -9.115  1.00 46.09  ? 77  LEU B CA  1 
ATOM   1120 C C   . LEU B 1 52  ? 10.826  1.707   -7.716  1.00 51.96  ? 77  LEU B C   1 
ATOM   1121 O O   . LEU B 1 52  ? 10.435  1.103   -6.714  1.00 61.13  ? 77  LEU B O   1 
ATOM   1122 C CB  . LEU B 1 52  ? 9.167   2.072   -9.580  1.00 59.31  ? 77  LEU B CB  1 
ATOM   1123 C CG  . LEU B 1 52  ? 8.910   1.958   -11.092 1.00 52.26  ? 77  LEU B CG  1 
ATOM   1124 C CD1 . LEU B 1 52  ? 10.226  2.111   -11.845 1.00 72.04  ? 77  LEU B CD1 1 
ATOM   1125 C CD2 . LEU B 1 52  ? 8.290   0.604   -11.421 1.00 65.99  ? 77  LEU B CD2 1 
ATOM   1126 N N   . TRP B 1 53  ? 11.629  2.756   -7.666  1.00 39.71  ? 78  TRP B N   1 
ATOM   1127 C CA  . TRP B 1 53  ? 12.163  3.245   -6.419  1.00 45.52  ? 78  TRP B CA  1 
ATOM   1128 C C   . TRP B 1 53  ? 11.878  4.735   -6.235  1.00 64.35  ? 78  TRP B C   1 
ATOM   1129 O O   . TRP B 1 53  ? 11.817  5.478   -7.219  1.00 71.23  ? 78  TRP B O   1 
ATOM   1130 C CB  . TRP B 1 53  ? 13.662  2.935   -6.467  1.00 51.02  ? 78  TRP B CB  1 
ATOM   1131 C CG  . TRP B 1 53  ? 14.459  3.378   -5.302  1.00 67.15  ? 78  TRP B CG  1 
ATOM   1132 C CD1 . TRP B 1 53  ? 14.255  3.044   -3.997  1.00 73.03  ? 78  TRP B CD1 1 
ATOM   1133 C CD2 . TRP B 1 53  ? 15.573  4.278   -5.318  1.00 66.15  ? 78  TRP B CD2 1 
ATOM   1134 N NE1 . TRP B 1 53  ? 15.169  3.684   -3.190  1.00 71.38  ? 78  TRP B NE1 1 
ATOM   1135 C CE2 . TRP B 1 53  ? 15.995  4.446   -3.977  1.00 73.05  ? 78  TRP B CE2 1 
ATOM   1136 C CE3 . TRP B 1 53  ? 16.262  4.955   -6.330  1.00 97.40  ? 78  TRP B CE3 1 
ATOM   1137 C CZ2 . TRP B 1 53  ? 17.062  5.275   -3.620  1.00 71.62  ? 78  TRP B CZ2 1 
ATOM   1138 C CZ3 . TRP B 1 53  ? 17.328  5.784   -5.977  1.00 134.98 ? 78  TRP B CZ3 1 
ATOM   1139 C CH2 . TRP B 1 53  ? 17.721  5.926   -4.632  1.00 113.97 ? 78  TRP B CH2 1 
ATOM   1140 N N   . LYS B 1 54  ? 11.750  5.174   -4.983  1.00 40.29  ? 79  LYS B N   1 
ATOM   1141 C CA  . LYS B 1 54  ? 11.449  6.568   -4.708  1.00 50.92  ? 79  LYS B CA  1 
ATOM   1142 C C   . LYS B 1 54  ? 12.038  7.002   -3.369  1.00 67.97  ? 79  LYS B C   1 
ATOM   1143 O O   . LYS B 1 54  ? 11.701  6.423   -2.333  1.00 53.43  ? 79  LYS B O   1 
ATOM   1144 C CB  . LYS B 1 54  ? 9.931   6.693   -4.707  1.00 75.86  ? 79  LYS B CB  1 
ATOM   1145 C CG  . LYS B 1 54  ? 9.349   8.046   -4.426  1.00 54.80  ? 79  LYS B CG  1 
ATOM   1146 C CD  . LYS B 1 54  ? 7.828   7.963   -4.518  1.00 63.98  ? 79  LYS B CD  1 
ATOM   1147 C CE  . LYS B 1 54  ? 7.131   9.190   -3.937  1.00 71.93  ? 79  LYS B CE  1 
ATOM   1148 N NZ  . LYS B 1 54  ? 5.642   9.057   -3.977  1.00 63.24  ? 79  LYS B NZ  1 
ATOM   1149 N N   . GLN B 1 55  ? 12.890  8.030   -3.393  1.00 83.67  ? 80  GLN B N   1 
ATOM   1150 C CA  . GLN B 1 55  ? 13.528  8.536   -2.183  1.00 64.01  ? 80  GLN B CA  1 
ATOM   1151 C C   . GLN B 1 55  ? 12.861  9.783   -1.614  1.00 76.90  ? 80  GLN B C   1 
ATOM   1152 O O   . GLN B 1 55  ? 12.756  9.945   -0.394  1.00 69.68  ? 80  GLN B O   1 
ATOM   1153 C CB  . GLN B 1 55  ? 15.004  8.828   -2.462  1.00 76.64  ? 80  GLN B CB  1 
ATOM   1154 C CG  . GLN B 1 55  ? 15.492  8.361   -3.821  1.00 101.76 ? 80  GLN B CG  1 
ATOM   1155 C CD  . GLN B 1 55  ? 16.698  9.155   -4.295  1.00 140.03 ? 80  GLN B CD  1 
ATOM   1156 O OE1 . GLN B 1 55  ? 17.000  9.192   -5.486  1.00 154.02 ? 80  GLN B OE1 1 
ATOM   1157 N NE2 . GLN B 1 55  ? 17.401  9.790   -3.361  1.00 119.41 ? 80  GLN B NE2 1 
ATOM   1158 N N   . GLU B 1 56  ? 12.438  10.681  -2.496  1.00 96.01  ? 81  GLU B N   1 
ATOM   1159 C CA  . GLU B 1 56  ? 11.774  11.908  -2.061  1.00 86.75  ? 81  GLU B CA  1 
ATOM   1160 C C   . GLU B 1 56  ? 10.297  11.521  -2.020  1.00 100.49 ? 81  GLU B C   1 
ATOM   1161 O O   . GLU B 1 56  ? 9.923   10.428  -2.478  1.00 76.21  ? 81  GLU B O   1 
ATOM   1162 C CB  . GLU B 1 56  ? 11.934  13.032  -3.087  1.00 120.88 ? 81  GLU B CB  1 
ATOM   1163 C CG  . GLU B 1 56  ? 13.339  13.544  -3.297  1.00 142.34 ? 81  GLU B CG  1 
ATOM   1164 C CD  . GLU B 1 56  ? 13.399  14.680  -4.305  1.00 136.35 ? 81  GLU B CD  1 
ATOM   1165 O OE1 . GLU B 1 56  ? 12.872  15.772  -4.004  1.00 104.76 ? 81  GLU B OE1 1 
ATOM   1166 O OE2 . GLU B 1 56  ? 13.965  14.474  -5.403  1.00 135.14 ? 81  GLU B OE2 1 
ATOM   1167 N N   . MET B 1 57  ? 9.452   12.400  -1.486  1.00 108.85 ? 82  MET B N   1 
ATOM   1168 C CA  . MET B 1 57  ? 8.015   12.128  -1.420  1.00 78.41  ? 82  MET B CA  1 
ATOM   1169 C C   . MET B 1 57  ? 7.311   12.786  -2.609  1.00 70.70  ? 82  MET B C   1 
ATOM   1170 O O   . MET B 1 57  ? 6.425   12.181  -3.206  1.00 79.82  ? 82  MET B O   1 
ATOM   1171 C CB  . MET B 1 57  ? 7.419   12.648  -0.109  1.00 73.17  ? 82  MET B CB  1 
ATOM   1172 C CG  . MET B 1 57  ? 7.527   11.684  1.063   1.00 83.43  ? 82  MET B CG  1 
ATOM   1173 S SD  . MET B 1 57  ? 6.601   10.141  0.819   1.00 93.17  ? 82  MET B SD  1 
ATOM   1174 C CE  . MET B 1 57  ? 5.141   10.733  0.000   1.00 54.31  ? 82  MET B CE  1 
ATOM   1175 N N   . ASP B 1 58  ? 7.704   14.015  -2.957  1.00 76.72  ? 83  ASP B N   1 
ATOM   1176 C CA  . ASP B 1 58  ? 7.097   14.729  -4.084  1.00 87.12  ? 83  ASP B CA  1 
ATOM   1177 C C   . ASP B 1 58  ? 7.433   14.024  -5.395  1.00 101.21 ? 83  ASP B C   1 
ATOM   1178 O O   . ASP B 1 58  ? 6.537   13.573  -6.109  1.00 116.82 ? 83  ASP B O   1 
ATOM   1179 C CB  . ASP B 1 58  ? 7.588   16.183  -4.135  1.00 78.69  ? 83  ASP B CB  1 
ATOM   1180 C CG  . ASP B 1 58  ? 7.327   16.842  -5.478  1.00 106.22 ? 83  ASP B CG  1 
ATOM   1181 O OD1 . ASP B 1 58  ? 6.327   16.479  -6.131  1.00 81.29  ? 83  ASP B OD1 1 
ATOM   1182 O OD2 . ASP B 1 58  ? 8.112   17.733  -5.874  1.00 111.09 ? 83  ASP B OD2 1 
ATOM   1183 N N   . GLU B 1 59  ? 8.721   13.940  -5.713  1.00 85.15  ? 84  GLU B N   1 
ATOM   1184 C CA  . GLU B 1 59  ? 9.172   13.278  -6.938  1.00 107.17 ? 84  GLU B CA  1 
ATOM   1185 C C   . GLU B 1 59  ? 8.405   11.947  -7.073  1.00 96.93  ? 84  GLU B C   1 
ATOM   1186 O O   . GLU B 1 59  ? 7.967   11.365  -6.072  1.00 81.45  ? 84  GLU B O   1 
ATOM   1187 C CB  . GLU B 1 59  ? 10.684  13.035  -6.825  1.00 105.93 ? 84  GLU B CB  1 
ATOM   1188 C CG  . GLU B 1 59  ? 11.221  11.815  -7.562  1.00 114.35 ? 84  GLU B CG  1 
ATOM   1189 C CD  . GLU B 1 59  ? 11.801  10.782  -6.610  1.00 105.50 ? 84  GLU B CD  1 
ATOM   1190 O OE1 . GLU B 1 59  ? 12.307  9.740   -7.077  1.00 126.91 ? 84  GLU B OE1 1 
ATOM   1191 O OE2 . GLU B 1 59  ? 11.744  11.011  -5.385  1.00 96.13  ? 84  GLU B OE2 1 
ATOM   1192 N N   . ASN B 1 60  ? 8.220   11.466  -8.304  1.00 84.46  ? 85  ASN B N   1 
ATOM   1193 C CA  . ASN B 1 60  ? 7.519   10.213  -8.473  1.00 93.22  ? 85  ASN B CA  1 
ATOM   1194 C C   . ASN B 1 60  ? 8.459   9.031   -8.780  1.00 96.05  ? 85  ASN B C   1 
ATOM   1195 O O   . ASN B 1 60  ? 9.579   9.196   -9.291  1.00 75.14  ? 85  ASN B O   1 
ATOM   1196 C CB  . ASN B 1 60  ? 6.403   10.362  -9.561  1.00 89.32  ? 85  ASN B CB  1 
ATOM   1197 C CG  . ASN B 1 60  ? 6.828   11.149  -10.776 1.00 125.34 ? 85  ASN B CG  1 
ATOM   1198 O OD1 . ASN B 1 60  ? 7.748   11.965  -10.721 1.00 92.98  ? 85  ASN B OD1 1 
ATOM   1199 N ND2 . ASN B 1 60  ? 6.126   10.932  -11.889 1.00 95.52  ? 85  ASN B ND2 1 
ATOM   1200 N N   . PRO B 1 61  ? 8.018   7.790   -8.408  1.00 68.42  ? 86  PRO B N   1 
ATOM   1201 C CA  . PRO B 1 61  ? 8.792   6.562   -8.623  1.00 77.63  ? 86  PRO B CA  1 
ATOM   1202 C C   . PRO B 1 61  ? 9.608   6.492   -9.903  1.00 78.97  ? 86  PRO B C   1 
ATOM   1203 O O   . PRO B 1 61  ? 9.213   6.985   -10.945 1.00 77.94  ? 86  PRO B O   1 
ATOM   1204 C CB  . PRO B 1 61  ? 7.697   5.468   -8.603  1.00 74.69  ? 86  PRO B CB  1 
ATOM   1205 C CG  . PRO B 1 61  ? 6.640   6.076   -7.761  1.00 76.87  ? 86  PRO B CG  1 
ATOM   1206 C CD  . PRO B 1 61  ? 6.604   7.501   -8.221  1.00 84.15  ? 86  PRO B CD  1 
ATOM   1207 N N   . GLN B 1 62  ? 10.776  5.866   -9.797  1.00 63.54  ? 87  GLN B N   1 
ATOM   1208 C CA  . GLN B 1 62  ? 11.657  5.753   -10.936 1.00 61.73  ? 87  GLN B CA  1 
ATOM   1209 C C   . GLN B 1 62  ? 12.413  4.445   -11.020 1.00 58.23  ? 87  GLN B C   1 
ATOM   1210 O O   . GLN B 1 62  ? 12.782  3.871   -9.996  1.00 73.35  ? 87  GLN B O   1 
ATOM   1211 C CB  . GLN B 1 62  ? 12.631  6.926   -10.931 1.00 87.23  ? 87  GLN B CB  1 
ATOM   1212 C CG  . GLN B 1 62  ? 11.961  8.255   -11.248 1.00 80.50  ? 87  GLN B CG  1 
ATOM   1213 C CD  . GLN B 1 62  ? 12.945  9.398   -11.325 1.00 122.08 ? 87  GLN B CD  1 
ATOM   1214 O OE1 . GLN B 1 62  ? 13.641  9.695   -10.356 1.00 140.39 ? 87  GLN B OE1 1 
ATOM   1215 N NE2 . GLN B 1 62  ? 13.009  10.051  -12.482 1.00 136.49 ? 87  GLN B NE2 1 
ATOM   1216 N N   . GLN B 1 63  ? 12.643  3.991   -12.253 1.00 67.69  ? 88  GLN B N   1 
ATOM   1217 C CA  . GLN B 1 63  ? 13.354  2.744   -12.515 1.00 52.09  ? 88  GLN B CA  1 
ATOM   1218 C C   . GLN B 1 63  ? 14.528  2.486   -11.599 1.00 63.21  ? 88  GLN B C   1 
ATOM   1219 O O   . GLN B 1 63  ? 15.408  3.327   -11.424 1.00 64.87  ? 88  GLN B O   1 
ATOM   1220 C CB  . GLN B 1 63  ? 13.847  2.690   -13.959 1.00 80.71  ? 88  GLN B CB  1 
ATOM   1221 C CG  . GLN B 1 63  ? 12.801  2.252   -14.978 1.00 109.62 ? 88  GLN B CG  1 
ATOM   1222 C CD  . GLN B 1 63  ? 13.348  2.246   -16.402 1.00 143.76 ? 88  GLN B CD  1 
ATOM   1223 O OE1 . GLN B 1 63  ? 14.209  3.056   -16.748 1.00 117.38 ? 88  GLN B OE1 1 
ATOM   1224 N NE2 . GLN B 1 63  ? 12.831  1.351   -17.238 1.00 135.66 ? 88  GLN B NE2 1 
ATOM   1225 N N   . LEU B 1 64  ? 14.537  1.301   -11.008 1.00 49.56  ? 89  LEU B N   1 
ATOM   1226 C CA  . LEU B 1 64  ? 15.619  0.933   -10.108 1.00 59.09  ? 89  LEU B CA  1 
ATOM   1227 C C   . LEU B 1 64  ? 16.735  0.242   -10.892 1.00 58.52  ? 89  LEU B C   1 
ATOM   1228 O O   . LEU B 1 64  ? 16.463  -0.631  -11.725 1.00 58.37  ? 89  LEU B O   1 
ATOM   1229 C CB  . LEU B 1 64  ? 15.099  -0.008  -9.027  1.00 54.12  ? 89  LEU B CB  1 
ATOM   1230 C CG  . LEU B 1 64  ? 16.148  -0.497  -8.036  1.00 43.64  ? 89  LEU B CG  1 
ATOM   1231 C CD1 . LEU B 1 64  ? 17.068  0.662   -7.655  1.00 93.24  ? 89  LEU B CD1 1 
ATOM   1232 C CD2 . LEU B 1 64  ? 15.441  -1.048  -6.822  1.00 59.44  ? 89  LEU B CD2 1 
ATOM   1233 N N   . LYS B 1 65  ? 17.986  0.633   -10.656 1.00 50.23  ? 90  LYS B N   1 
ATOM   1234 C CA  . LYS B 1 65  ? 19.098  0.002   -11.370 1.00 54.92  ? 90  LYS B CA  1 
ATOM   1235 C C   . LYS B 1 65  ? 19.576  -1.176  -10.519 1.00 49.88  ? 90  LYS B C   1 
ATOM   1236 O O   . LYS B 1 65  ? 20.057  -0.997  -9.398  1.00 60.85  ? 90  LYS B O   1 
ATOM   1237 C CB  . LYS B 1 65  ? 20.262  0.979   -11.587 1.00 53.16  ? 90  LYS B CB  1 
ATOM   1238 C CG  . LYS B 1 65  ? 21.463  0.307   -12.239 1.00 56.83  ? 90  LYS B CG  1 
ATOM   1239 C CD  . LYS B 1 65  ? 22.552  1.298   -12.579 1.00 54.55  ? 90  LYS B CD  1 
ATOM   1240 C CE  . LYS B 1 65  ? 23.069  2.012   -11.341 1.00 81.13  ? 90  LYS B CE  1 
ATOM   1241 N NZ  . LYS B 1 65  ? 24.077  3.057   -11.682 1.00 95.85  ? 90  LYS B NZ  1 
ATOM   1242 N N   . LEU B 1 66  ? 19.451  -2.381  -11.052 1.00 41.25  ? 91  LEU B N   1 
ATOM   1243 C CA  . LEU B 1 66  ? 19.852  -3.570  -10.324 1.00 46.37  ? 91  LEU B CA  1 
ATOM   1244 C C   . LEU B 1 66  ? 21.352  -3.763  -10.251 1.00 54.59  ? 91  LEU B C   1 
ATOM   1245 O O   . LEU B 1 66  ? 21.915  -4.642  -10.900 1.00 51.00  ? 91  LEU B O   1 
ATOM   1246 C CB  . LEU B 1 66  ? 19.172  -4.778  -10.957 1.00 48.98  ? 91  LEU B CB  1 
ATOM   1247 C CG  . LEU B 1 66  ? 17.663  -4.571  -11.170 1.00 40.41  ? 91  LEU B CG  1 
ATOM   1248 C CD1 . LEU B 1 66  ? 16.992  -5.872  -11.608 1.00 31.55  ? 91  LEU B CD1 1 
ATOM   1249 C CD2 . LEU B 1 66  ? 17.061  -4.098  -9.871  1.00 33.78  ? 91  LEU B CD2 1 
ATOM   1250 N N   . GLU B 1 67  ? 21.984  -2.943  -9.421  1.00 45.32  ? 92  GLU B N   1 
ATOM   1251 C CA  . GLU B 1 67  ? 23.423  -2.985  -9.228  1.00 41.28  ? 92  GLU B CA  1 
ATOM   1252 C C   . GLU B 1 67  ? 24.048  -4.374  -9.220  1.00 48.98  ? 92  GLU B C   1 
ATOM   1253 O O   . GLU B 1 67  ? 23.694  -5.226  -8.413  1.00 46.95  ? 92  GLU B O   1 
ATOM   1254 C CB  . GLU B 1 67  ? 23.790  -2.260  -7.935  1.00 46.71  ? 92  GLU B CB  1 
ATOM   1255 C CG  . GLU B 1 67  ? 25.271  -2.357  -7.552  1.00 67.49  ? 92  GLU B CG  1 
ATOM   1256 C CD  . GLU B 1 67  ? 25.530  -1.842  -6.149  1.00 89.12  ? 92  GLU B CD  1 
ATOM   1257 O OE1 . GLU B 1 67  ? 24.713  -1.027  -5.656  1.00 64.77  ? 92  GLU B OE1 1 
ATOM   1258 O OE2 . GLU B 1 67  ? 26.557  -2.240  -5.552  1.00 57.77  ? 92  GLU B OE2 1 
ATOM   1259 N N   . LYS B 1 68  ? 24.999  -4.579  -10.125 1.00 53.35  ? 93  LYS B N   1 
ATOM   1260 C CA  . LYS B 1 68  ? 25.703  -5.850  -10.251 1.00 52.56  ? 93  LYS B CA  1 
ATOM   1261 C C   . LYS B 1 68  ? 26.141  -6.418  -8.918  1.00 57.01  ? 93  LYS B C   1 
ATOM   1262 O O   . LYS B 1 68  ? 26.792  -5.734  -8.135  1.00 57.99  ? 93  LYS B O   1 
ATOM   1263 C CB  . LYS B 1 68  ? 26.980  -5.697  -11.057 1.00 64.17  ? 93  LYS B CB  1 
ATOM   1264 C CG  . LYS B 1 68  ? 26.938  -4.855  -12.310 1.00 70.67  ? 93  LYS B CG  1 
ATOM   1265 C CD  . LYS B 1 68  ? 28.360  -4.733  -12.879 1.00 57.86  ? 93  LYS B CD  1 
ATOM   1266 C CE  . LYS B 1 68  ? 28.390  -4.105  -14.263 1.00 73.89  ? 93  LYS B CE  1 
ATOM   1267 N NZ  . LYS B 1 68  ? 29.677  -4.416  -14.957 1.00 87.67  ? 93  LYS B NZ  1 
ATOM   1268 N N   . GLY B 1 69  ? 25.808  -7.675  -8.673  1.00 68.83  ? 94  GLY B N   1 
ATOM   1269 C CA  . GLY B 1 69  ? 26.217  -8.301  -7.434  1.00 59.87  ? 94  GLY B CA  1 
ATOM   1270 C C   . GLY B 1 69  ? 25.714  -7.799  -6.112  1.00 57.35  ? 94  GLY B C   1 
ATOM   1271 O O   . GLY B 1 69  ? 26.394  -7.946  -5.098  1.00 46.71  ? 94  GLY B O   1 
ATOM   1272 N N   . ARG B 1 70  ? 24.557  -7.165  -6.125  1.00 57.71  ? 95  ARG B N   1 
ATOM   1273 C CA  . ARG B 1 70  ? 23.991  -6.685  -4.890  1.00 41.65  ? 95  ARG B CA  1 
ATOM   1274 C C   . ARG B 1 70  ? 22.474  -6.730  -4.990  1.00 64.23  ? 95  ARG B C   1 
ATOM   1275 O O   . ARG B 1 70  ? 21.795  -6.930  -3.979  1.00 75.21  ? 95  ARG B O   1 
ATOM   1276 C CB  . ARG B 1 70  ? 24.475  -5.275  -4.557  1.00 34.13  ? 95  ARG B CB  1 
ATOM   1277 C CG  . ARG B 1 70  ? 24.516  -5.031  -3.047  1.00 42.58  ? 95  ARG B CG  1 
ATOM   1278 C CD  . ARG B 1 70  ? 25.144  -3.684  -2.743  1.00 48.54  ? 95  ARG B CD  1 
ATOM   1279 N NE  . ARG B 1 70  ? 24.320  -2.584  -3.226  1.00 47.10  ? 95  ARG B NE  1 
ATOM   1280 C CZ  . ARG B 1 70  ? 23.344  -2.011  -2.528  1.00 56.36  ? 95  ARG B CZ  1 
ATOM   1281 N NH1 . ARG B 1 70  ? 23.070  -2.432  -1.298  1.00 51.87  ? 95  ARG B NH1 1 
ATOM   1282 N NH2 . ARG B 1 70  ? 22.628  -1.026  -3.068  1.00 60.82  ? 95  ARG B NH2 1 
ATOM   1283 N N   . MET B 1 71  ? 21.943  -6.586  -6.207  1.00 55.69  ? 96  MET B N   1 
ATOM   1284 C CA  . MET B 1 71  ? 20.494  -6.629  -6.428  1.00 35.12  ? 96  MET B CA  1 
ATOM   1285 C C   . MET B 1 71  ? 20.067  -7.572  -7.556  1.00 44.71  ? 96  MET B C   1 
ATOM   1286 O O   . MET B 1 71  ? 20.752  -7.687  -8.572  1.00 51.13  ? 96  MET B O   1 
ATOM   1287 C CB  . MET B 1 71  ? 19.977  -5.225  -6.715  1.00 30.96  ? 96  MET B CB  1 
ATOM   1288 C CG  . MET B 1 71  ? 19.958  -4.337  -5.478  1.00 59.49  ? 96  MET B CG  1 
ATOM   1289 S SD  . MET B 1 71  ? 19.871  -2.588  -5.824  1.00 50.08  ? 96  MET B SD  1 
ATOM   1290 C CE  . MET B 1 71  ? 18.736  -2.588  -7.209  1.00 66.64  ? 96  MET B CE  1 
ATOM   1291 N N   . GLU B 1 72  ? 18.938  -8.256  -7.358  1.00 42.03  ? 97  GLU B N   1 
ATOM   1292 C CA  . GLU B 1 72  ? 18.417  -9.183  -8.359  1.00 35.41  ? 97  GLU B CA  1 
ATOM   1293 C C   . GLU B 1 72  ? 16.907  -9.364  -8.393  1.00 48.47  ? 97  GLU B C   1 
ATOM   1294 O O   . GLU B 1 72  ? 16.254  -9.784  -7.428  1.00 53.77  ? 97  GLU B O   1 
ATOM   1295 C CB  . GLU B 1 72  ? 19.071  -10.559 -8.233  1.00 26.33  ? 97  GLU B CB  1 
ATOM   1296 C CG  . GLU B 1 72  ? 20.223  -10.801 -9.220  1.00 78.92  ? 97  GLU B CG  1 
ATOM   1297 C CD  . GLU B 1 72  ? 19.754  -11.022 -10.649 1.00 90.88  ? 97  GLU B CD  1 
ATOM   1298 O OE1 . GLU B 1 72  ? 20.568  -10.856 -11.589 1.00 74.94  ? 97  GLU B OE1 1 
ATOM   1299 O OE2 . GLU B 1 72  ? 18.572  -11.385 -10.831 1.00 94.68  ? 97  GLU B OE2 1 
ATOM   1300 N N   . GLU B 1 73  ? 16.375  -9.025  -9.555  1.00 61.48  ? 98  GLU B N   1 
ATOM   1301 C CA  . GLU B 1 73  ? 14.959  -9.109  -9.855  1.00 40.26  ? 98  GLU B CA  1 
ATOM   1302 C C   . GLU B 1 73  ? 14.735  -10.604 -10.092 1.00 39.62  ? 98  GLU B C   1 
ATOM   1303 O O   . GLU B 1 73  ? 15.429  -11.210 -10.905 1.00 55.72  ? 98  GLU B O   1 
ATOM   1304 C CB  . GLU B 1 73  ? 14.693  -8.371  -11.166 1.00 52.57  ? 98  GLU B CB  1 
ATOM   1305 C CG  . GLU B 1 73  ? 13.499  -7.469  -11.221 1.00 48.38  ? 98  GLU B CG  1 
ATOM   1306 C CD  . GLU B 1 73  ? 13.439  -6.716  -12.532 1.00 77.69  ? 98  GLU B CD  1 
ATOM   1307 O OE1 . GLU B 1 73  ? 13.949  -7.256  -13.533 1.00 45.54  ? 98  GLU B OE1 1 
ATOM   1308 O OE2 . GLU B 1 73  ? 12.870  -5.604  -12.576 1.00 107.33 ? 98  GLU B OE2 1 
ATOM   1309 N N   . SER B 1 74  ? 13.796  -11.217 -9.389  1.00 59.00  ? 99  SER B N   1 
ATOM   1310 C CA  . SER B 1 74  ? 13.517  -12.633 -9.604  1.00 44.27  ? 99  SER B CA  1 
ATOM   1311 C C   . SER B 1 74  ? 12.037  -12.720 -9.910  1.00 54.16  ? 99  SER B C   1 
ATOM   1312 O O   . SER B 1 74  ? 11.275  -11.774 -9.658  1.00 50.47  ? 99  SER B O   1 
ATOM   1313 C CB  . SER B 1 74  ? 13.831  -13.468 -8.366  1.00 60.11  ? 99  SER B CB  1 
ATOM   1314 O OG  . SER B 1 74  ? 13.008  -14.619 -8.352  1.00 78.86  ? 99  SER B OG  1 
ATOM   1315 N N   . GLN B 1 75  ? 11.624  -13.858 -10.449 1.00 66.27  ? 100 GLN B N   1 
ATOM   1316 C CA  . GLN B 1 75  ? 10.223  -14.032 -10.809 1.00 54.30  ? 100 GLN B CA  1 
ATOM   1317 C C   . GLN B 1 75  ? 9.843   -15.352 -11.426 1.00 66.59  ? 100 GLN B C   1 
ATOM   1318 O O   . GLN B 1 75  ? 10.472  -15.788 -12.411 1.00 61.32  ? 100 GLN B O   1 
ATOM   1319 C CB  . GLN B 1 75  ? 9.811   -12.943 -11.786 1.00 54.08  ? 100 GLN B CB  1 
ATOM   1320 C CG  . GLN B 1 75  ? 8.387   -13.063 -12.364 1.00 57.84  ? 100 GLN B CG  1 
ATOM   1321 C CD  . GLN B 1 75  ? 8.090   -12.011 -13.440 1.00 71.69  ? 100 GLN B CD  1 
ATOM   1322 O OE1 . GLN B 1 75  ? 9.002   -11.477 -14.073 1.00 86.88  ? 100 GLN B OE1 1 
ATOM   1323 N NE2 . GLN B 1 75  ? 6.809   -11.737 -13.668 1.00 74.05  ? 100 GLN B NE2 1 
ATOM   1324 N N   . ASN B 1 76  ? 8.842   -16.014 -10.838 1.00 66.32  ? 101 ASN B N   1 
ATOM   1325 C CA  . ASN B 1 76  ? 8.380   -17.268 -11.436 1.00 76.29  ? 101 ASN B CA  1 
ATOM   1326 C C   . ASN B 1 76  ? 7.008   -16.829 -11.994 1.00 69.88  ? 101 ASN B C   1 
ATOM   1327 O O   . ASN B 1 76  ? 6.810   -15.634 -12.287 1.00 68.13  ? 101 ASN B O   1 
ATOM   1328 C CB  . ASN B 1 76  ? 8.224   -18.438 -10.445 1.00 58.76  ? 101 ASN B CB  1 
ATOM   1329 C CG  . ASN B 1 76  ? 7.276   -18.142 -9.352  1.00 68.21  ? 101 ASN B CG  1 
ATOM   1330 O OD1 . ASN B 1 76  ? 6.117   -17.797 -9.579  1.00 65.75  ? 101 ASN B OD1 1 
ATOM   1331 N ND2 . ASN B 1 76  ? 7.757   -18.286 -8.131  1.00 60.46  ? 101 ASN B ND2 1 
ATOM   1332 N N   . GLU B 1 77  ? 6.048   -17.742 -12.121 1.00 65.40  ? 102 GLU B N   1 
ATOM   1333 C CA  . GLU B 1 77  ? 4.745   -17.359 -12.689 1.00 101.35 ? 102 GLU B CA  1 
ATOM   1334 C C   . GLU B 1 77  ? 3.715   -16.754 -11.757 1.00 91.07  ? 102 GLU B C   1 
ATOM   1335 O O   . GLU B 1 77  ? 2.720   -16.183 -12.211 1.00 92.54  ? 102 GLU B O   1 
ATOM   1336 C CB  . GLU B 1 77  ? 4.129   -18.552 -13.431 1.00 93.45  ? 102 GLU B CB  1 
ATOM   1337 C CG  . GLU B 1 77  ? 3.068   -19.351 -12.683 1.00 98.86  ? 102 GLU B CG  1 
ATOM   1338 C CD  . GLU B 1 77  ? 3.598   -20.003 -11.424 1.00 128.46 ? 102 GLU B CD  1 
ATOM   1339 O OE1 . GLU B 1 77  ? 4.707   -20.580 -11.474 1.00 118.44 ? 102 GLU B OE1 1 
ATOM   1340 O OE2 . GLU B 1 77  ? 2.900   -19.954 -10.387 1.00 124.50 ? 102 GLU B OE2 1 
ATOM   1341 N N   . SER B 1 78  ? 3.962   -16.865 -10.458 1.00 70.26  ? 103 SER B N   1 
ATOM   1342 C CA  . SER B 1 78  ? 3.042   -16.319 -9.477  1.00 75.05  ? 103 SER B CA  1 
ATOM   1343 C C   . SER B 1 78  ? 3.706   -15.311 -8.547  1.00 81.36  ? 103 SER B C   1 
ATOM   1344 O O   . SER B 1 78  ? 3.090   -14.316 -8.143  1.00 81.46  ? 103 SER B O   1 
ATOM   1345 C CB  . SER B 1 78  ? 2.448   -17.447 -8.652  1.00 66.63  ? 103 SER B CB  1 
ATOM   1346 O OG  . SER B 1 78  ? 3.469   -18.172 -7.990  1.00 60.78  ? 103 SER B OG  1 
ATOM   1347 N N   . LEU B 1 79  ? 4.969   -15.569 -8.220  1.00 72.52  ? 104 LEU B N   1 
ATOM   1348 C CA  . LEU B 1 79  ? 5.732   -14.700 -7.322  1.00 61.32  ? 104 LEU B CA  1 
ATOM   1349 C C   . LEU B 1 79  ? 6.856   -13.932 -8.000  1.00 74.01  ? 104 LEU B C   1 
ATOM   1350 O O   . LEU B 1 79  ? 7.659   -14.503 -8.739  1.00 83.35  ? 104 LEU B O   1 
ATOM   1351 C CB  . LEU B 1 79  ? 6.354   -15.520 -6.198  1.00 62.55  ? 104 LEU B CB  1 
ATOM   1352 C CG  . LEU B 1 79  ? 6.780   -14.876 -4.870  1.00 62.21  ? 104 LEU B CG  1 
ATOM   1353 C CD1 . LEU B 1 79  ? 8.090   -15.523 -4.422  1.00 50.79  ? 104 LEU B CD1 1 
ATOM   1354 C CD2 . LEU B 1 79  ? 6.966   -13.370 -5.027  1.00 60.47  ? 104 LEU B CD2 1 
ATOM   1355 N N   . ALA B 1 80  ? 6.919   -12.635 -7.733  1.00 66.71  ? 105 ALA B N   1 
ATOM   1356 C CA  . ALA B 1 80  ? 7.968   -11.803 -8.295  1.00 57.84  ? 105 ALA B CA  1 
ATOM   1357 C C   . ALA B 1 80  ? 8.657   -11.148 -7.104  1.00 58.71  ? 105 ALA B C   1 
ATOM   1358 O O   . ALA B 1 80  ? 8.194   -10.141 -6.562  1.00 75.84  ? 105 ALA B O   1 
ATOM   1359 C CB  . ALA B 1 80  ? 7.382   -10.733 -9.215  1.00 58.59  ? 105 ALA B CB  1 
ATOM   1360 N N   . THR B 1 81  ? 9.765   -11.732 -6.679  1.00 55.05  ? 106 THR B N   1 
ATOM   1361 C CA  . THR B 1 81  ? 10.507  -11.185 -5.549  1.00 49.53  ? 106 THR B CA  1 
ATOM   1362 C C   . THR B 1 81  ? 11.724  -10.356 -5.980  1.00 52.85  ? 106 THR B C   1 
ATOM   1363 O O   . THR B 1 81  ? 12.293  -10.576 -7.048  1.00 58.06  ? 106 THR B O   1 
ATOM   1364 C CB  . THR B 1 81  ? 10.993  -12.312 -4.621  1.00 47.57  ? 106 THR B CB  1 
ATOM   1365 O OG1 . THR B 1 81  ? 12.293  -11.983 -4.110  1.00 65.10  ? 106 THR B OG1 1 
ATOM   1366 C CG2 . THR B 1 81  ? 11.051  -13.640 -5.374  1.00 50.13  ? 106 THR B CG2 1 
ATOM   1367 N N   . LEU B 1 82  ? 12.096  -9.379  -5.157  1.00 42.64  ? 107 LEU B N   1 
ATOM   1368 C CA  . LEU B 1 82  ? 13.255  -8.528  -5.428  1.00 43.50  ? 107 LEU B CA  1 
ATOM   1369 C C   . LEU B 1 82  ? 14.164  -8.657  -4.215  1.00 49.19  ? 107 LEU B C   1 
ATOM   1370 O O   . LEU B 1 82  ? 13.789  -8.314  -3.095  1.00 45.79  ? 107 LEU B O   1 
ATOM   1371 C CB  . LEU B 1 82  ? 12.872  -7.044  -5.602  1.00 44.59  ? 107 LEU B CB  1 
ATOM   1372 C CG  . LEU B 1 82  ? 14.063  -6.126  -5.293  1.00 36.55  ? 107 LEU B CG  1 
ATOM   1373 C CD1 . LEU B 1 82  ? 15.249  -6.483  -6.172  1.00 76.39  ? 107 LEU B CD1 1 
ATOM   1374 C CD2 . LEU B 1 82  ? 13.650  -4.698  -5.520  1.00 45.54  ? 107 LEU B CD2 1 
ATOM   1375 N N   . THR B 1 83  ? 15.380  -9.120  -4.436  1.00 47.21  ? 108 THR B N   1 
ATOM   1376 C CA  . THR B 1 83  ? 16.288  -9.302  -3.329  1.00 51.00  ? 108 THR B CA  1 
ATOM   1377 C C   . THR B 1 83  ? 17.586  -8.486  -3.360  1.00 47.58  ? 108 THR B C   1 
ATOM   1378 O O   . THR B 1 83  ? 18.371  -8.569  -4.295  1.00 49.10  ? 108 THR B O   1 
ATOM   1379 C CB  . THR B 1 83  ? 16.522  -10.828 -3.186  1.00 37.37  ? 108 THR B CB  1 
ATOM   1380 O OG1 . THR B 1 83  ? 17.801  -11.097 -2.614  1.00 35.95  ? 108 THR B OG1 1 
ATOM   1381 C CG2 . THR B 1 83  ? 16.363  -11.519 -4.549  1.00 51.65  ? 108 THR B CG2 1 
ATOM   1382 N N   . ILE B 1 84  ? 17.786  -7.698  -2.303  1.00 46.70  ? 109 ILE B N   1 
ATOM   1383 C CA  . ILE B 1 84  ? 18.950  -6.831  -2.144  1.00 39.16  ? 109 ILE B CA  1 
ATOM   1384 C C   . ILE B 1 84  ? 19.832  -7.255  -0.978  1.00 49.12  ? 109 ILE B C   1 
ATOM   1385 O O   . ILE B 1 84  ? 19.340  -7.452  0.133   1.00 67.09  ? 109 ILE B O   1 
ATOM   1386 C CB  . ILE B 1 84  ? 18.530  -5.386  -1.843  1.00 38.43  ? 109 ILE B CB  1 
ATOM   1387 C CG1 . ILE B 1 84  ? 17.576  -4.887  -2.911  1.00 50.12  ? 109 ILE B CG1 1 
ATOM   1388 C CG2 . ILE B 1 84  ? 19.759  -4.488  -1.767  1.00 53.03  ? 109 ILE B CG2 1 
ATOM   1389 C CD1 . ILE B 1 84  ? 17.061  -3.503  -2.617  1.00 36.86  ? 109 ILE B CD1 1 
ATOM   1390 N N   . GLN B 1 85  ? 21.138  -7.340  -1.217  1.00 42.10  ? 110 GLN B N   1 
ATOM   1391 C CA  . GLN B 1 85  ? 22.073  -7.726  -0.170  1.00 49.93  ? 110 GLN B CA  1 
ATOM   1392 C C   . GLN B 1 85  ? 23.026  -6.571  0.103   1.00 54.79  ? 110 GLN B C   1 
ATOM   1393 O O   . GLN B 1 85  ? 23.077  -5.607  -0.664  1.00 60.42  ? 110 GLN B O   1 
ATOM   1394 C CB  . GLN B 1 85  ? 22.874  -8.934  -0.616  1.00 50.21  ? 110 GLN B CB  1 
ATOM   1395 C CG  . GLN B 1 85  ? 22.090  -9.848  -1.528  1.00 84.89  ? 110 GLN B CG  1 
ATOM   1396 C CD  . GLN B 1 85  ? 22.973  -10.850 -2.214  1.00 95.53  ? 110 GLN B CD  1 
ATOM   1397 O OE1 . GLN B 1 85  ? 23.659  -11.629 -1.557  1.00 55.03  ? 110 GLN B OE1 1 
ATOM   1398 N NE2 . GLN B 1 85  ? 22.970  -10.838 -3.545  1.00 88.56  ? 110 GLN B NE2 1 
ATOM   1399 N N   . GLY B 1 86  ? 23.779  -6.676  1.195   1.00 47.93  ? 111 GLY B N   1 
ATOM   1400 C CA  . GLY B 1 86  ? 24.727  -5.633  1.545   1.00 47.92  ? 111 GLY B CA  1 
ATOM   1401 C C   . GLY B 1 86  ? 24.099  -4.282  1.796   1.00 53.08  ? 111 GLY B C   1 
ATOM   1402 O O   . GLY B 1 86  ? 24.753  -3.245  1.699   1.00 74.39  ? 111 GLY B O   1 
ATOM   1403 N N   . ILE B 1 87  ? 22.815  -4.319  2.111   1.00 43.81  ? 112 ILE B N   1 
ATOM   1404 C CA  . ILE B 1 87  ? 22.007  -3.138  2.399   1.00 44.74  ? 112 ILE B CA  1 
ATOM   1405 C C   . ILE B 1 87  ? 22.826  -1.940  2.865   1.00 58.98  ? 112 ILE B C   1 
ATOM   1406 O O   . ILE B 1 87  ? 23.511  -2.014  3.895   1.00 48.66  ? 112 ILE B O   1 
ATOM   1407 C CB  . ILE B 1 87  ? 21.002  -3.459  3.498   1.00 48.64  ? 112 ILE B CB  1 
ATOM   1408 C CG1 . ILE B 1 87  ? 20.532  -4.906  3.354   1.00 66.75  ? 112 ILE B CG1 1 
ATOM   1409 C CG2 . ILE B 1 87  ? 19.808  -2.555  3.395   1.00 58.50  ? 112 ILE B CG2 1 
ATOM   1410 C CD1 . ILE B 1 87  ? 19.610  -5.352  4.462   1.00 88.41  ? 112 ILE B CD1 1 
ATOM   1411 N N   . ARG B 1 88  ? 22.754  -0.844  2.108   1.00 51.45  ? 113 ARG B N   1 
ATOM   1412 C CA  . ARG B 1 88  ? 23.472  0.392   2.445   1.00 54.70  ? 113 ARG B CA  1 
ATOM   1413 C C   . ARG B 1 88  ? 22.413  1.397   2.879   1.00 61.85  ? 113 ARG B C   1 
ATOM   1414 O O   . ARG B 1 88  ? 21.229  1.243   2.542   1.00 48.14  ? 113 ARG B O   1 
ATOM   1415 C CB  . ARG B 1 88  ? 24.211  0.959   1.231   1.00 46.68  ? 113 ARG B CB  1 
ATOM   1416 C CG  . ARG B 1 88  ? 25.419  0.177   0.809   1.00 46.00  ? 113 ARG B CG  1 
ATOM   1417 C CD  . ARG B 1 88  ? 26.697  0.746   1.414   1.00 76.41  ? 113 ARG B CD  1 
ATOM   1418 N NE  . ARG B 1 88  ? 27.223  1.855   0.623   1.00 69.59  ? 113 ARG B NE  1 
ATOM   1419 C CZ  . ARG B 1 88  ? 27.522  1.763   -0.669  1.00 76.67  ? 113 ARG B CZ  1 
ATOM   1420 N NH1 . ARG B 1 88  ? 27.341  0.618   -1.313  1.00 64.52  ? 113 ARG B NH1 1 
ATOM   1421 N NH2 . ARG B 1 88  ? 27.996  2.814   -1.328  1.00 59.24  ? 113 ARG B NH2 1 
ATOM   1422 N N   . PHE B 1 89  ? 22.822  2.422   3.625   1.00 48.00  ? 114 PHE B N   1 
ATOM   1423 C CA  . PHE B 1 89  ? 21.858  3.428   4.072   1.00 49.15  ? 114 PHE B CA  1 
ATOM   1424 C C   . PHE B 1 89  ? 21.276  4.112   2.839   1.00 52.87  ? 114 PHE B C   1 
ATOM   1425 O O   . PHE B 1 89  ? 20.094  4.471   2.803   1.00 58.92  ? 114 PHE B O   1 
ATOM   1426 C CB  . PHE B 1 89  ? 22.542  4.464   4.947   1.00 56.10  ? 114 PHE B CB  1 
ATOM   1427 C CG  . PHE B 1 89  ? 22.829  3.986   6.318   1.00 59.47  ? 114 PHE B CG  1 
ATOM   1428 C CD1 . PHE B 1 89  ? 21.808  3.866   7.248   1.00 69.99  ? 114 PHE B CD1 1 
ATOM   1429 C CD2 . PHE B 1 89  ? 24.123  3.662   6.690   1.00 49.30  ? 114 PHE B CD2 1 
ATOM   1430 C CE1 . PHE B 1 89  ? 22.075  3.425   8.538   1.00 65.86  ? 114 PHE B CE1 1 
ATOM   1431 C CE2 . PHE B 1 89  ? 24.401  3.221   7.976   1.00 39.41  ? 114 PHE B CE2 1 
ATOM   1432 C CZ  . PHE B 1 89  ? 23.374  3.106   8.904   1.00 71.88  ? 114 PHE B CZ  1 
ATOM   1433 N N   . GLU B 1 90  ? 22.123  4.279   1.828   1.00 45.59  ? 115 GLU B N   1 
ATOM   1434 C CA  . GLU B 1 90  ? 21.728  4.912   0.582   1.00 55.80  ? 115 GLU B CA  1 
ATOM   1435 C C   . GLU B 1 90  ? 20.572  4.180   -0.116  1.00 48.08  ? 115 GLU B C   1 
ATOM   1436 O O   . GLU B 1 90  ? 20.081  4.614   -1.163  1.00 62.64  ? 115 GLU B O   1 
ATOM   1437 C CB  . GLU B 1 90  ? 22.936  5.007   -0.348  1.00 68.24  ? 115 GLU B CB  1 
ATOM   1438 C CG  . GLU B 1 90  ? 24.053  5.927   0.150   1.00 63.10  ? 115 GLU B CG  1 
ATOM   1439 C CD  . GLU B 1 90  ? 24.936  5.298   1.210   1.00 75.92  ? 115 GLU B CD  1 
ATOM   1440 O OE1 . GLU B 1 90  ? 26.009  5.878   1.479   1.00 53.75  ? 115 GLU B OE1 1 
ATOM   1441 O OE2 . GLU B 1 90  ? 24.568  4.242   1.774   1.00 94.15  ? 115 GLU B OE2 1 
ATOM   1442 N N   . ASP B 1 91  ? 20.132  3.077   0.472   1.00 45.13  ? 116 ASP B N   1 
ATOM   1443 C CA  . ASP B 1 91  ? 19.038  2.319   -0.103  1.00 49.56  ? 116 ASP B CA  1 
ATOM   1444 C C   . ASP B 1 91  ? 17.689  2.736   0.458   1.00 52.86  ? 116 ASP B C   1 
ATOM   1445 O O   . ASP B 1 91  ? 16.660  2.337   -0.061  1.00 65.74  ? 116 ASP B O   1 
ATOM   1446 C CB  . ASP B 1 91  ? 19.236  0.825   0.147   1.00 45.39  ? 116 ASP B CB  1 
ATOM   1447 C CG  . ASP B 1 91  ? 20.383  0.232   -0.668  1.00 58.05  ? 116 ASP B CG  1 
ATOM   1448 O OD1 . ASP B 1 91  ? 20.424  0.460   -1.897  1.00 58.22  ? 116 ASP B OD1 1 
ATOM   1449 O OD2 . ASP B 1 91  ? 21.234  -0.482  -0.083  1.00 48.28  ? 116 ASP B OD2 1 
ATOM   1450 N N   . ASN B 1 92  ? 17.686  3.539   1.515   1.00 61.60  ? 117 ASN B N   1 
ATOM   1451 C CA  . ASN B 1 92  ? 16.433  3.978   2.117   1.00 43.05  ? 117 ASN B CA  1 
ATOM   1452 C C   . ASN B 1 92  ? 15.448  4.555   1.106   1.00 51.25  ? 117 ASN B C   1 
ATOM   1453 O O   . ASN B 1 92  ? 15.829  5.272   0.182   1.00 57.85  ? 117 ASN B O   1 
ATOM   1454 C CB  . ASN B 1 92  ? 16.703  5.009   3.214   1.00 48.76  ? 117 ASN B CB  1 
ATOM   1455 C CG  . ASN B 1 92  ? 17.380  4.403   4.442   1.00 57.30  ? 117 ASN B CG  1 
ATOM   1456 O OD1 . ASN B 1 92  ? 16.965  3.359   4.946   1.00 67.29  ? 117 ASN B OD1 1 
ATOM   1457 N ND2 . ASN B 1 92  ? 18.416  5.073   4.938   1.00 73.40  ? 117 ASN B ND2 1 
ATOM   1458 N N   . GLY B 1 93  ? 14.176  4.226   1.287   1.00 51.10  ? 118 GLY B N   1 
ATOM   1459 C CA  . GLY B 1 93  ? 13.139  4.717   0.395   1.00 36.91  ? 118 GLY B CA  1 
ATOM   1460 C C   . GLY B 1 93  ? 11.986  3.728   0.273   1.00 42.59  ? 118 GLY B C   1 
ATOM   1461 O O   . GLY B 1 93  ? 11.875  2.795   1.071   1.00 58.77  ? 118 GLY B O   1 
ATOM   1462 N N   . ILE B 1 94  ? 11.101  3.940   -0.696  1.00 54.93  ? 119 ILE B N   1 
ATOM   1463 C CA  . ILE B 1 94  ? 9.982   3.031   -0.889  1.00 43.70  ? 119 ILE B CA  1 
ATOM   1464 C C   . ILE B 1 94  ? 10.092  2.425   -2.276  1.00 53.99  ? 119 ILE B C   1 
ATOM   1465 O O   . ILE B 1 94  ? 10.338  3.119   -3.272  1.00 51.66  ? 119 ILE B O   1 
ATOM   1466 C CB  . ILE B 1 94  ? 8.629   3.730   -0.752  1.00 50.97  ? 119 ILE B CB  1 
ATOM   1467 C CG1 . ILE B 1 94  ? 8.561   4.431   0.605   1.00 98.87  ? 119 ILE B CG1 1 
ATOM   1468 C CG2 . ILE B 1 94  ? 7.518   2.681   -0.812  1.00 58.03  ? 119 ILE B CG2 1 
ATOM   1469 C CD1 . ILE B 1 94  ? 7.161   4.793   1.053   1.00 95.60  ? 119 ILE B CD1 1 
ATOM   1470 N N   . TYR B 1 95  ? 9.906   1.114   -2.329  1.00 51.85  ? 120 TYR B N   1 
ATOM   1471 C CA  . TYR B 1 95  ? 10.000  0.360   -3.567  1.00 45.18  ? 120 TYR B CA  1 
ATOM   1472 C C   . TYR B 1 95  ? 8.659   -0.201  -4.010  1.00 50.46  ? 120 TYR B C   1 
ATOM   1473 O O   . TYR B 1 95  ? 7.899   -0.740  -3.195  1.00 57.05  ? 120 TYR B O   1 
ATOM   1474 C CB  . TYR B 1 95  ? 10.971  -0.795  -3.367  1.00 46.41  ? 120 TYR B CB  1 
ATOM   1475 C CG  . TYR B 1 95  ? 12.353  -0.380  -2.934  1.00 49.22  ? 120 TYR B CG  1 
ATOM   1476 C CD1 . TYR B 1 95  ? 13.416  -0.422  -3.827  1.00 47.45  ? 120 TYR B CD1 1 
ATOM   1477 C CD2 . TYR B 1 95  ? 12.605  0.037   -1.628  1.00 65.26  ? 120 TYR B CD2 1 
ATOM   1478 C CE1 . TYR B 1 95  ? 14.691  -0.048  -3.446  1.00 51.86  ? 120 TYR B CE1 1 
ATOM   1479 C CE2 . TYR B 1 95  ? 13.883  0.421   -1.229  1.00 49.84  ? 120 TYR B CE2 1 
ATOM   1480 C CZ  . TYR B 1 95  ? 14.926  0.364   -2.144  1.00 52.18  ? 120 TYR B CZ  1 
ATOM   1481 O OH  . TYR B 1 95  ? 16.202  0.734   -1.772  1.00 70.71  ? 120 TYR B OH  1 
ATOM   1482 N N   . PHE B 1 96  ? 8.388   -0.100  -5.307  1.00 54.75  ? 121 PHE B N   1 
ATOM   1483 C CA  . PHE B 1 96  ? 7.138   -0.614  -5.843  1.00 62.19  ? 121 PHE B CA  1 
ATOM   1484 C C   . PHE B 1 96  ? 7.350   -1.562  -7.011  1.00 64.75  ? 121 PHE B C   1 
ATOM   1485 O O   . PHE B 1 96  ? 8.187   -1.281  -7.887  1.00 55.22  ? 121 PHE B O   1 
ATOM   1486 C CB  . PHE B 1 96  ? 6.251   0.510   -6.342  1.00 49.48  ? 121 PHE B CB  1 
ATOM   1487 C CG  . PHE B 1 96  ? 6.136   1.653   -5.403  1.00 67.01  ? 121 PHE B CG  1 
ATOM   1488 C CD1 . PHE B 1 96  ? 7.043   2.706   -5.457  1.00 67.37  ? 121 PHE B CD1 1 
ATOM   1489 C CD2 . PHE B 1 96  ? 5.108   1.690   -4.470  1.00 69.19  ? 121 PHE B CD2 1 
ATOM   1490 C CE1 . PHE B 1 96  ? 6.938   3.782   -4.575  1.00 57.95  ? 121 PHE B CE1 1 
ATOM   1491 C CE2 . PHE B 1 96  ? 4.991   2.750   -3.587  1.00 57.46  ? 121 PHE B CE2 1 
ATOM   1492 C CZ  . PHE B 1 96  ? 5.906   3.807   -3.643  1.00 63.41  ? 121 PHE B CZ  1 
ATOM   1493 N N   . CYS B 1 97  ? 6.620   -2.689  -7.025  1.00 60.82  ? 122 CYS B N   1 
ATOM   1494 C CA  . CYS B 1 97  ? 6.724   -3.649  -8.145  1.00 68.08  ? 122 CYS B CA  1 
ATOM   1495 C C   . CYS B 1 97  ? 5.612   -3.167  -9.078  1.00 54.09  ? 122 CYS B C   1 
ATOM   1496 O O   . CYS B 1 97  ? 4.515   -2.795  -8.632  1.00 57.51  ? 122 CYS B O   1 
ATOM   1497 C CB  . CYS B 1 97  ? 6.399   -5.114  -7.749  1.00 65.49  ? 122 CYS B CB  1 
ATOM   1498 S SG  . CYS B 1 97  ? 4.877   -5.276  -6.715  1.00 67.05  ? 122 CYS B SG  1 
ATOM   1499 N N   . GLN B 1 98  ? 5.884   -3.206  -10.374 1.00 68.75  ? 123 GLN B N   1 
ATOM   1500 C CA  . GLN B 1 98  ? 4.932   -2.761  -11.381 1.00 63.34  ? 123 GLN B CA  1 
ATOM   1501 C C   . GLN B 1 98  ? 4.736   -3.773  -12.502 1.00 60.68  ? 123 GLN B C   1 
ATOM   1502 O O   . GLN B 1 98  ? 5.708   -4.334  -13.010 1.00 79.94  ? 123 GLN B O   1 
ATOM   1503 C CB  . GLN B 1 98  ? 5.449   -1.442  -11.938 1.00 49.41  ? 123 GLN B CB  1 
ATOM   1504 C CG  . GLN B 1 98  ? 4.677   -0.849  -13.086 1.00 71.06  ? 123 GLN B CG  1 
ATOM   1505 C CD  . GLN B 1 98  ? 5.291   0.450   -13.578 1.00 105.47 ? 123 GLN B CD  1 
ATOM   1506 O OE1 . GLN B 1 98  ? 5.376   1.433   -12.838 1.00 59.43  ? 123 GLN B OE1 1 
ATOM   1507 N NE2 . GLN B 1 98  ? 5.723   0.460   -14.834 1.00 117.29 ? 123 GLN B NE2 1 
ATOM   1508 N N   . GLN B 1 99  ? 3.479   -3.993  -12.890 1.00 61.97  ? 124 GLN B N   1 
ATOM   1509 C CA  . GLN B 1 99  ? 3.168   -4.936  -13.960 1.00 76.58  ? 124 GLN B CA  1 
ATOM   1510 C C   . GLN B 1 99  ? 2.365   -4.269  -15.066 1.00 76.30  ? 124 GLN B C   1 
ATOM   1511 O O   . GLN B 1 99  ? 1.474   -3.466  -14.784 1.00 102.48 ? 124 GLN B O   1 
ATOM   1512 C CB  . GLN B 1 99  ? 2.377   -6.117  -13.414 1.00 69.84  ? 124 GLN B CB  1 
ATOM   1513 C CG  . GLN B 1 99  ? 2.010   -7.128  -14.474 1.00 62.84  ? 124 GLN B CG  1 
ATOM   1514 C CD  . GLN B 1 99  ? 1.253   -8.312  -13.910 1.00 94.88  ? 124 GLN B CD  1 
ATOM   1515 O OE1 . GLN B 1 99  ? 0.085   -8.199  -13.543 1.00 118.81 ? 124 GLN B OE1 1 
ATOM   1516 N NE2 . GLN B 1 99  ? 1.923   -9.455  -13.821 1.00 87.86  ? 124 GLN B NE2 1 
ATOM   1517 N N   . LYS B 1 100 ? 2.674   -4.598  -16.318 1.00 87.24  ? 125 LYS B N   1 
ATOM   1518 C CA  . LYS B 1 100 ? 1.965   -4.017  -17.453 1.00 107.09 ? 125 LYS B CA  1 
ATOM   1519 C C   . LYS B 1 100 ? 0.973   -5.061  -17.946 1.00 113.69 ? 125 LYS B C   1 
ATOM   1520 O O   . LYS B 1 100 ? 1.337   -6.183  -18.313 1.00 115.67 ? 125 LYS B O   1 
ATOM   1521 C CB  . LYS B 1 100 ? 2.973   -3.625  -18.540 1.00 109.76 ? 125 LYS B CB  1 
ATOM   1522 C CG  . LYS B 1 100 ? 4.119   -2.818  -17.947 1.00 129.93 ? 125 LYS B CG  1 
ATOM   1523 C CD  . LYS B 1 100 ? 4.892   -2.046  -18.992 1.00 136.34 ? 125 LYS B CD  1 
ATOM   1524 C CE  . LYS B 1 100 ? 5.914   -1.129  -18.332 1.00 90.22  ? 125 LYS B CE  1 
ATOM   1525 N NZ  . LYS B 1 100 ? 6.799   -0.468  -19.333 1.00 111.98 ? 125 LYS B NZ  1 
ATOM   1526 N N   . CYS B 1 101 ? -0.292  -4.694  -17.959 1.00 126.92 ? 126 CYS B N   1 
ATOM   1527 C CA  . CYS B 1 101 ? -1.301  -5.635  -18.380 1.00 154.59 ? 126 CYS B CA  1 
ATOM   1528 C C   . CYS B 1 101 ? -1.395  -6.029  -19.830 1.00 167.91 ? 126 CYS B C   1 
ATOM   1529 O O   . CYS B 1 101 ? -1.077  -5.262  -20.727 1.00 152.82 ? 126 CYS B O   1 
ATOM   1530 C CB  . CYS B 1 101 ? -2.581  -5.087  -17.858 1.00 139.98 ? 126 CYS B CB  1 
ATOM   1531 S SG  . CYS B 1 101 ? -4.170  -6.013  -17.884 1.00 140.12 ? 126 CYS B SG  1 
ATOM   1532 N N   . ASN B 1 102 ? -1.800  -7.277  -20.024 1.00 163.00 ? 127 ASN B N   1 
ATOM   1533 C CA  . ASN B 1 102 ? -1.906  -7.868  -21.346 1.00 156.05 ? 127 ASN B CA  1 
ATOM   1534 C C   . ASN B 1 102 ? -3.024  -7.173  -22.083 1.00 166.00 ? 127 ASN B C   1 
ATOM   1535 O O   . ASN B 1 102 ? -2.814  -6.401  -23.027 1.00 125.65 ? 127 ASN B O   1 
ATOM   1536 C CB  . ASN B 1 102 ? -2.237  -9.358  -21.219 1.00 148.58 ? 127 ASN B CB  1 
ATOM   1537 C CG  . ASN B 1 102 ? -1.503  -10.200 -22.221 1.00 141.44 ? 127 ASN B CG  1 
ATOM   1538 O OD1 . ASN B 1 102 ? -1.138  -9.726  -23.296 1.00 130.84 ? 127 ASN B OD1 1 
ATOM   1539 N ND2 . ASN B 1 102 ? -1.299  -11.469 -21.887 1.00 122.71 ? 127 ASN B ND2 1 
ATOM   1540 N N   . ASN B 1 103 ? -4.229  -7.469  -21.621 1.00 173.48 ? 128 ASN B N   1 
ATOM   1541 C CA  . ASN B 1 103 ? -5.444  -6.926  -22.190 1.00 165.97 ? 128 ASN B CA  1 
ATOM   1542 C C   . ASN B 1 103 ? -5.463  -5.405  -22.081 1.00 165.94 ? 128 ASN B C   1 
ATOM   1543 O O   . ASN B 1 103 ? -5.112  -4.697  -23.024 1.00 162.95 ? 128 ASN B O   1 
ATOM   1544 C CB  . ASN B 1 103 ? -6.657  -7.498  -21.456 1.00 182.17 ? 128 ASN B CB  1 
ATOM   1545 C CG  . ASN B 1 103 ? -6.459  -8.940  -21.029 1.00 184.31 ? 128 ASN B CG  1 
ATOM   1546 O OD1 . ASN B 1 103 ? -5.863  -9.732  -21.757 1.00 148.55 ? 128 ASN B OD1 1 
ATOM   1547 N ND2 . ASN B 1 103 ? -6.976  -9.294  -19.849 1.00 177.97 ? 128 ASN B ND2 1 
ATOM   1548 N N   . THR B 1 104 ? -5.854  -4.913  -20.909 1.00 156.56 ? 129 THR B N   1 
ATOM   1549 C CA  . THR B 1 104 ? -5.941  -3.478  -20.660 1.00 153.24 ? 129 THR B CA  1 
ATOM   1550 C C   . THR B 1 104 ? -4.732  -2.651  -21.051 1.00 142.96 ? 129 THR B C   1 
ATOM   1551 O O   . THR B 1 104 ? -4.831  -1.433  -21.191 1.00 149.37 ? 129 THR B O   1 
ATOM   1552 C CB  . THR B 1 104 ? -6.272  -3.181  -19.173 1.00 160.62 ? 129 THR B CB  1 
ATOM   1553 O OG1 . THR B 1 104 ? -7.048  -4.255  -18.625 1.00 145.29 ? 129 THR B OG1 1 
ATOM   1554 C CG2 . THR B 1 104 ? -7.107  -1.900  -19.074 1.00 167.12 ? 129 THR B CG2 1 
ATOM   1555 N N   . SER B 1 105 ? -3.606  -3.317  -21.263 1.00 122.89 ? 130 SER B N   1 
ATOM   1556 C CA  . SER B 1 105 ? -2.375  -2.631  -21.621 1.00 121.20 ? 130 SER B CA  1 
ATOM   1557 C C   . SER B 1 105 ? -2.196  -1.379  -20.769 1.00 130.78 ? 130 SER B C   1 
ATOM   1558 O O   . SER B 1 105 ? -1.754  -0.329  -21.256 1.00 85.49  ? 130 SER B O   1 
ATOM   1559 C CB  . SER B 1 105 ? -2.355  -2.279  -23.114 1.00 119.22 ? 130 SER B CB  1 
ATOM   1560 O OG  . SER B 1 105 ? -2.230  -3.457  -23.895 1.00 118.20 ? 130 SER B OG  1 
ATOM   1561 N N   . GLU B 1 106 ? -2.572  -1.501  -19.496 1.00 145.72 ? 131 GLU B N   1 
ATOM   1562 C CA  . GLU B 1 106 ? -2.441  -0.415  -18.533 1.00 129.85 ? 131 GLU B CA  1 
ATOM   1563 C C   . GLU B 1 106 ? -1.560  -0.987  -17.420 1.00 128.53 ? 131 GLU B C   1 
ATOM   1564 O O   . GLU B 1 106 ? -1.467  -2.205  -17.236 1.00 115.07 ? 131 GLU B O   1 
ATOM   1565 C CB  . GLU B 1 106 ? -3.809  0.017   -17.971 1.00 141.23 ? 131 GLU B CB  1 
ATOM   1566 C CG  . GLU B 1 106 ? -4.469  -0.990  -17.072 1.00 144.86 ? 131 GLU B CG  1 
ATOM   1567 C CD  . GLU B 1 106 ? -5.778  -0.478  -16.506 1.00 152.80 ? 131 GLU B CD  1 
ATOM   1568 O OE1 . GLU B 1 106 ? -5.973  0.758   -16.470 1.00 145.97 ? 131 GLU B OE1 1 
ATOM   1569 O OE2 . GLU B 1 106 ? -6.606  -1.310  -16.078 1.00 143.97 ? 131 GLU B OE2 1 
ATOM   1570 N N   . VAL B 1 107 ? -0.918  -0.102  -16.672 1.00 128.13 ? 132 VAL B N   1 
ATOM   1571 C CA  . VAL B 1 107 ? -0.017  -0.518  -15.602 1.00 103.26 ? 132 VAL B CA  1 
ATOM   1572 C C   . VAL B 1 107 ? -0.494  -0.494  -14.161 1.00 81.33  ? 132 VAL B C   1 
ATOM   1573 O O   . VAL B 1 107 ? -0.844  0.556   -13.633 1.00 90.59  ? 132 VAL B O   1 
ATOM   1574 C CB  . VAL B 1 107 ? 1.285   0.306   -15.668 1.00 88.95  ? 132 VAL B CB  1 
ATOM   1575 C CG1 . VAL B 1 107 ? 2.079   -0.058  -16.924 1.00 107.80 ? 132 VAL B CG1 1 
ATOM   1576 C CG2 . VAL B 1 107 ? 0.951   1.802   -15.701 1.00 103.23 ? 132 VAL B CG2 1 
ATOM   1577 N N   . TYR B 1 108 ? -0.486  -1.660  -13.522 1.00 84.61  ? 133 TYR B N   1 
ATOM   1578 C CA  . TYR B 1 108 ? -0.896  -1.742  -12.131 1.00 79.85  ? 133 TYR B CA  1 
ATOM   1579 C C   . TYR B 1 108 ? 0.373   -1.638  -11.275 1.00 76.88  ? 133 TYR B C   1 
ATOM   1580 O O   . TYR B 1 108 ? 1.427   -2.186  -11.612 1.00 84.00  ? 133 TYR B O   1 
ATOM   1581 C CB  . TYR B 1 108 ? -1.584  -3.074  -11.821 1.00 78.57  ? 133 TYR B CB  1 
ATOM   1582 C CG  . TYR B 1 108 ? -2.827  -3.344  -12.631 1.00 117.36 ? 133 TYR B CG  1 
ATOM   1583 C CD1 . TYR B 1 108 ? -3.691  -2.306  -12.987 1.00 103.87 ? 133 TYR B CD1 1 
ATOM   1584 C CD2 . TYR B 1 108 ? -3.193  -4.654  -12.961 1.00 129.27 ? 133 TYR B CD2 1 
ATOM   1585 C CE1 . TYR B 1 108 ? -4.838  -2.550  -13.741 1.00 123.68 ? 133 TYR B CE1 1 
ATOM   1586 C CE2 . TYR B 1 108 ? -4.341  -4.909  -13.717 1.00 144.59 ? 133 TYR B CE2 1 
ATOM   1587 C CZ  . TYR B 1 108 ? -5.183  -3.860  -14.057 1.00 160.47 ? 133 TYR B CZ  1 
ATOM   1588 O OH  . TYR B 1 108 ? -6.312  -4.113  -14.802 1.00 152.02 ? 133 TYR B OH  1 
ATOM   1589 N N   . GLN B 1 109 ? 0.272   -0.923  -10.164 1.00 74.58  ? 134 GLN B N   1 
ATOM   1590 C CA  . GLN B 1 109 ? 1.406   -0.742  -9.258  1.00 61.06  ? 134 GLN B CA  1 
ATOM   1591 C C   . GLN B 1 109 ? 1.105   -1.409  -7.932  1.00 50.87  ? 134 GLN B C   1 
ATOM   1592 O O   . GLN B 1 109 ? -0.053  -1.504  -7.515  1.00 72.33  ? 134 GLN B O   1 
ATOM   1593 C CB  . GLN B 1 109 ? 1.663   0.733   -8.958  1.00 66.44  ? 134 GLN B CB  1 
ATOM   1594 C CG  . GLN B 1 109 ? 2.896   1.336   -9.602  1.00 67.21  ? 134 GLN B CG  1 
ATOM   1595 C CD  . GLN B 1 109 ? 3.326   2.635   -8.930  1.00 86.77  ? 134 GLN B CD  1 
ATOM   1596 O OE1 . GLN B 1 109 ? 2.981   2.889   -7.778  1.00 89.92  ? 134 GLN B OE1 1 
ATOM   1597 N NE2 . GLN B 1 109 ? 4.110   3.445   -9.638  1.00 61.79  ? 134 GLN B NE2 1 
ATOM   1598 N N   . GLY B 1 110 ? 2.154   -1.875  -7.268  1.00 57.24  ? 135 GLY B N   1 
ATOM   1599 C CA  . GLY B 1 110 ? 1.973   -2.512  -5.976  1.00 73.58  ? 135 GLY B CA  1 
ATOM   1600 C C   . GLY B 1 110 ? 1.875   -1.347  -4.981  1.00 83.65  ? 135 GLY B C   1 
ATOM   1601 O O   . GLY B 1 110 ? 2.008   -0.157  -5.362  1.00 60.12  ? 135 GLY B O   1 
ATOM   1602 N N   . CYS B 1 111 ? 1.639   -1.652  -3.709  1.00 74.03  ? 136 CYS B N   1 
ATOM   1603 C CA  . CYS B 1 111 ? 1.526   -0.606  -2.704  1.00 73.62  ? 136 CYS B CA  1 
ATOM   1604 C C   . CYS B 1 111 ? 2.854   -0.253  -2.068  1.00 71.05  ? 136 CYS B C   1 
ATOM   1605 O O   . CYS B 1 111 ? 2.917   0.525   -1.116  1.00 50.02  ? 136 CYS B O   1 
ATOM   1606 C CB  . CYS B 1 111 ? 0.504   -1.034  -1.654  1.00 66.32  ? 136 CYS B CB  1 
ATOM   1607 S SG  . CYS B 1 111 ? -1.194  -0.798  -2.290  1.00 75.16  ? 136 CYS B SG  1 
ATOM   1608 N N   . GLY B 1 112 ? 3.907   -0.845  -2.622  1.00 77.14  ? 137 GLY B N   1 
ATOM   1609 C CA  . GLY B 1 112 ? 5.268   -0.641  -2.149  1.00 60.01  ? 137 GLY B CA  1 
ATOM   1610 C C   . GLY B 1 112 ? 5.680   -0.976  -0.737  1.00 53.27  ? 137 GLY B C   1 
ATOM   1611 O O   . GLY B 1 112 ? 4.838   -1.234  0.120   1.00 46.99  ? 137 GLY B O   1 
ATOM   1612 N N   . THR B 1 113 ? 6.991   -1.022  -0.515  1.00 30.06  ? 138 THR B N   1 
ATOM   1613 C CA  . THR B 1 113 ? 7.487   -1.334  0.813   1.00 48.54  ? 138 THR B CA  1 
ATOM   1614 C C   . THR B 1 113 ? 8.475   -0.258  1.262   1.00 47.31  ? 138 THR B C   1 
ATOM   1615 O O   . THR B 1 113 ? 9.372   0.161   0.525   1.00 37.15  ? 138 THR B O   1 
ATOM   1616 C CB  . THR B 1 113 ? 8.191   -2.720  0.891   1.00 41.38  ? 138 THR B CB  1 
ATOM   1617 O OG1 . THR B 1 113 ? 9.568   -2.573  0.541   1.00 62.34  ? 138 THR B OG1 1 
ATOM   1618 C CG2 . THR B 1 113 ? 7.542   -3.714  -0.038  1.00 39.64  ? 138 THR B CG2 1 
ATOM   1619 N N   . GLU B 1 114 ? 8.277   0.217   2.480   1.00 50.85  ? 139 GLU B N   1 
ATOM   1620 C CA  . GLU B 1 114 ? 9.139   1.245   3.044   1.00 53.10  ? 139 GLU B CA  1 
ATOM   1621 C C   . GLU B 1 114 ? 10.389  0.543   3.512   1.00 55.24  ? 139 GLU B C   1 
ATOM   1622 O O   . GLU B 1 114 ? 10.316  -0.524  4.130   1.00 61.17  ? 139 GLU B O   1 
ATOM   1623 C CB  . GLU B 1 114 ? 8.485   1.901   4.258   1.00 71.71  ? 139 GLU B CB  1 
ATOM   1624 C CG  . GLU B 1 114 ? 7.971   3.312   4.051   1.00 75.77  ? 139 GLU B CG  1 
ATOM   1625 C CD  . GLU B 1 114 ? 9.038   4.362   4.245   1.00 69.79  ? 139 GLU B CD  1 
ATOM   1626 O OE1 . GLU B 1 114 ? 8.778   5.324   5.006   1.00 90.82  ? 139 GLU B OE1 1 
ATOM   1627 O OE2 . GLU B 1 114 ? 10.126  4.226   3.633   1.00 62.26  ? 139 GLU B OE2 1 
ATOM   1628 N N   . LEU B 1 115 ? 11.539  1.136   3.221   1.00 50.83  ? 140 LEU B N   1 
ATOM   1629 C CA  . LEU B 1 115 ? 12.798  0.544   3.645   1.00 33.69  ? 140 LEU B CA  1 
ATOM   1630 C C   . LEU B 1 115 ? 13.618  1.476   4.527   1.00 47.51  ? 140 LEU B C   1 
ATOM   1631 O O   . LEU B 1 115 ? 13.776  2.666   4.221   1.00 57.99  ? 140 LEU B O   1 
ATOM   1632 C CB  . LEU B 1 115 ? 13.663  0.149   2.452   1.00 48.11  ? 140 LEU B CB  1 
ATOM   1633 C CG  . LEU B 1 115 ? 14.968  -0.523  2.920   1.00 57.53  ? 140 LEU B CG  1 
ATOM   1634 C CD1 . LEU B 1 115 ? 14.623  -1.699  3.817   1.00 49.87  ? 140 LEU B CD1 1 
ATOM   1635 C CD2 . LEU B 1 115 ? 15.785  -0.993  1.740   1.00 33.77  ? 140 LEU B CD2 1 
ATOM   1636 N N   . ARG B 1 116 ? 14.114  0.941   5.641   1.00 44.85  ? 141 ARG B N   1 
ATOM   1637 C CA  . ARG B 1 116 ? 14.956  1.713   6.561   1.00 44.82  ? 141 ARG B CA  1 
ATOM   1638 C C   . ARG B 1 116 ? 16.116  0.864   7.073   1.00 66.70  ? 141 ARG B C   1 
ATOM   1639 O O   . ARG B 1 116 ? 15.922  -0.212  7.668   1.00 56.02  ? 141 ARG B O   1 
ATOM   1640 C CB  . ARG B 1 116 ? 14.160  2.277   7.751   1.00 65.69  ? 141 ARG B CB  1 
ATOM   1641 C CG  . ARG B 1 116 ? 14.062  3.809   7.704   1.00 89.58  ? 141 ARG B CG  1 
ATOM   1642 C CD  . ARG B 1 116 ? 15.419  4.466   7.902   1.00 99.11  ? 141 ARG B CD  1 
ATOM   1643 N NE  . ARG B 1 116 ? 15.390  5.914   7.698   1.00 77.48  ? 141 ARG B NE  1 
ATOM   1644 C CZ  . ARG B 1 116 ? 16.411  6.726   7.978   1.00 95.99  ? 141 ARG B CZ  1 
ATOM   1645 N NH1 . ARG B 1 116 ? 17.541  6.229   8.474   1.00 86.60  ? 141 ARG B NH1 1 
ATOM   1646 N NH2 . ARG B 1 116 ? 16.308  8.032   7.759   1.00 88.29  ? 141 ARG B NH2 1 
ATOM   1647 N N   . VAL B 1 117 ? 17.326  1.344   6.805   1.00 60.01  ? 142 VAL B N   1 
ATOM   1648 C CA  . VAL B 1 117 ? 18.533  0.654   7.222   1.00 50.30  ? 142 VAL B CA  1 
ATOM   1649 C C   . VAL B 1 117 ? 18.988  1.347   8.485   1.00 60.97  ? 142 VAL B C   1 
ATOM   1650 O O   . VAL B 1 117 ? 18.664  2.527   8.694   1.00 66.92  ? 142 VAL B O   1 
ATOM   1651 C CB  . VAL B 1 117 ? 19.592  0.727   6.157   1.00 41.97  ? 142 VAL B CB  1 
ATOM   1652 C CG1 . VAL B 1 117 ? 20.588  -0.397  6.384   1.00 75.12  ? 142 VAL B CG1 1 
ATOM   1653 C CG2 . VAL B 1 117 ? 18.926  0.607   4.806   1.00 34.88  ? 142 VAL B CG2 1 
ATOM   1654 N N   . MET B 1 118 ? 19.797  0.661   9.291   1.00 62.99  ? 143 MET B N   1 
ATOM   1655 C CA  . MET B 1 118 ? 20.154  1.241   10.572  1.00 76.89  ? 143 MET B CA  1 
ATOM   1656 C C   . MET B 1 118 ? 21.165  0.502   11.423  1.00 73.51  ? 143 MET B C   1 
ATOM   1657 O O   . MET B 1 118 ? 21.636  -0.586  11.078  1.00 80.30  ? 143 MET B O   1 
ATOM   1658 C CB  . MET B 1 118 ? 18.889  1.280   11.368  1.00 76.05  ? 143 MET B CB  1 
ATOM   1659 C CG  . MET B 1 118 ? 18.130  -0.107  11.262  1.00 51.92  ? 143 MET B CG  1 
ATOM   1660 S SD  . MET B 1 118 ? 16.608  -0.209  12.223  1.00 115.32 ? 143 MET B SD  1 
ATOM   1661 C CE  . MET B 1 118 ? 15.895  1.434   11.870  1.00 92.64  ? 143 MET B CE  1 
ATOM   1662 N N   . GLY B 1 119 ? 21.420  1.107   12.584  1.00 75.80  ? 144 GLY B N   1 
ATOM   1663 C CA  . GLY B 1 119 ? 22.348  0.582   13.579  1.00 78.90  ? 144 GLY B CA  1 
ATOM   1664 C C   . GLY B 1 119 ? 23.741  0.041   13.486  1.00 87.27  ? 144 GLY B C   1 
ATOM   1665 O O   . GLY B 1 119 ? 24.549  0.543   12.738  1.00 75.69  ? 144 GLY B O   1 
ATOM   1666 N N   . PHE B 1 120 ? 24.008  -0.964  14.314  1.00 77.58  ? 145 PHE B N   1 
ATOM   1667 C CA  . PHE B 1 120 ? 25.319  -1.586  14.370  1.00 94.68  ? 145 PHE B CA  1 
ATOM   1668 C C   . PHE B 1 120 ? 25.270  -2.937  13.633  1.00 99.94  ? 145 PHE B C   1 
ATOM   1669 O O   . PHE B 1 120 ? 26.165  -3.191  12.776  1.00 62.75  ? 145 PHE B O   1 
ATOM   1670 C CB  . PHE B 1 120 ? 25.722  -1.796  15.834  1.00 111.30 ? 145 PHE B CB  1 
ATOM   1671 C CG  . PHE B 1 120 ? 25.062  -0.834  16.793  1.00 114.29 ? 145 PHE B CG  1 
ATOM   1672 C CD1 . PHE B 1 120 ? 25.594  0.437   17.022  1.00 94.73  ? 145 PHE B CD1 1 
ATOM   1673 C CD2 . PHE B 1 120 ? 23.921  -1.220  17.494  1.00 90.26  ? 145 PHE B CD2 1 
ATOM   1674 C CE1 . PHE B 1 120 ? 24.978  1.314   17.918  1.00 120.95 ? 145 PHE B CE1 1 
ATOM   1675 C CE2 . PHE B 1 120 ? 23.298  -0.353  18.389  1.00 100.87 ? 145 PHE B CE2 1 
ATOM   1676 C CZ  . PHE B 1 120 ? 23.835  0.912   18.613  1.00 122.74 ? 145 PHE B CZ  1 
HETATM 1677 O O   . HOH C 2 .   ? 5.459   3.054   5.865   1.00 49.62  ? 1   HOH A O   1 
HETATM 1678 O O   . HOH C 2 .   ? 1.732   9.477   3.135   1.00 34.22  ? 3   HOH A O   1 
# 
